data_1EXV
#
_entry.id   1EXV
#
_cell.length_a   124.629
_cell.length_b   124.629
_cell.length_c   124.064
_cell.angle_alpha   90.00
_cell.angle_beta   90.00
_cell.angle_gamma   120.00
#
_symmetry.space_group_name_H-M   'P 31'
#
loop_
_entity.id
_entity.type
_entity.pdbx_description
1 polymer 'LIVER GLYCOGEN PHOSPHORYLASE'
2 non-polymer N-acetyl-beta-D-glucopyranosylamine
3 non-polymer "PYRIDOXAL-5'-PHOSPHATE"
4 non-polymer '[5-CHLORO-1H-INDOL-2-CARBONYL-PHENYLALANINYL]-AZETIDINE-3-CARBOXYLIC ACID'
5 non-polymer (4S)-2-METHYL-2,4-PENTANEDIOL
6 water water
#
_entity_poly.entity_id   1
_entity_poly.type   'polypeptide(L)'
_entity_poly.pdbx_seq_one_letter_code
;MAKPLTDQEKRRQISIRGIVGVENVAELKKSFNRHLHFTLVKDRNVATTRDYYFALAHTVRDHLVGRWIRTQQHYYDKCP
KRVYYLSLEFYMGRTLQNTMINLGLQNACDEAIYQLGLDIEELEEIEEDAGLGNGGLGRLAACFLDSMATLGLAAYGYGI
RYEYGIFNQKIRDGWQVEEADDWLRYGNPWEKSRPEFMLPVHFYGKVEHTNTGTKWIDTQVVLALPYDTPVPGYMNNTVN
TMRLWSARAPNDFNLRDFNVGDYIQAVLDRNLAENISRVLYPNDNFFEGKELRLKQEYFVVAATLQDIIRRFKASKFGST
RGAGTVFDAFPDQVAIQLNDTHPALAIPELMRIFVDIEKLPWSKAWELTQKTFAYTNHTVLPEALERWPVDLVEKLLPRH
LEIIYEINQKHLDRIVALFPKDVDRLRRMSLIEEEGSKRINMAHLCIVGSHAVNGVAKIHSDIVKTKVFKDFSELEPDKF
QNKTNGITPRRWLLLCNPGLAELIAEKIGEDYVKDLSQLTKLHSFLGDDVFLRELAKVKQENKLKFSQFLETEYKVKINP
SSMFDVQVKRIHEYKRQLLNCLHVITMYNRIKKDPKKLFVPRTVIIGGKAAPGYHMAKMIIKLITSVADVVNNDPMVGSK
LKVIFLENYRVSLAEKVIPATDLSEQISTAGTEASGTGNMKFMLNGALTIGTMDGANVEMAEEAGEENLFIFGMRIDDVA
ALDKKGYEAKEYYEALPELKLVIDQIDNGFFSPKQPDLFKDIINMLFYHDRFKVFADYEAYVKCQDKVSQLYMNPKAWNT
MVLKNIAASGKFSSDRTIKEYAQNIWNVEPSDLKISLSNESNKVNGN
;
_entity_poly.pdbx_strand_id   A,B
#
# COMPACT_ATOMS: atom_id res chain seq x y z
N ASN A 24 21.55 8.04 26.83
CA ASN A 24 21.25 8.22 28.28
C ASN A 24 19.74 8.30 28.46
N VAL A 25 19.30 8.14 29.69
CA VAL A 25 17.86 8.14 29.95
C VAL A 25 17.13 9.43 29.63
N ALA A 26 17.68 10.55 30.09
CA ALA A 26 17.07 11.84 29.84
C ALA A 26 16.85 12.08 28.36
N GLU A 27 17.89 11.86 27.55
CA GLU A 27 17.77 12.07 26.12
C GLU A 27 16.83 11.11 25.43
N LEU A 28 16.78 9.88 25.93
CA LEU A 28 15.90 8.87 25.35
C LEU A 28 14.44 9.30 25.59
N LYS A 29 14.17 9.84 26.77
CA LYS A 29 12.81 10.29 27.09
C LYS A 29 12.44 11.50 26.26
N LYS A 30 13.39 12.41 26.07
CA LYS A 30 13.13 13.58 25.24
C LYS A 30 12.82 13.13 23.81
N SER A 31 13.67 12.28 23.24
CA SER A 31 13.45 11.81 21.87
C SER A 31 12.09 11.15 21.75
N PHE A 32 11.77 10.29 22.71
CA PHE A 32 10.50 9.59 22.71
C PHE A 32 9.35 10.58 22.63
N ASN A 33 9.36 11.57 23.51
CA ASN A 33 8.32 12.60 23.51
C ASN A 33 8.27 13.39 22.20
N ARG A 34 9.46 13.62 21.63
CA ARG A 34 9.57 14.36 20.39
C ARG A 34 8.82 13.61 19.29
N HIS A 35 9.08 12.31 19.19
CA HIS A 35 8.44 11.50 18.18
C HIS A 35 6.93 11.31 18.39
N LEU A 36 6.51 11.13 19.63
CA LEU A 36 5.10 10.98 19.94
C LEU A 36 4.37 12.20 19.38
N HIS A 37 4.94 13.36 19.66
CA HIS A 37 4.41 14.65 19.23
C HIS A 37 4.50 14.91 17.72
N PHE A 38 5.72 15.05 17.22
CA PHE A 38 5.96 15.32 15.80
C PHE A 38 5.69 14.16 14.85
N THR A 39 6.06 12.95 15.24
CA THR A 39 5.90 11.80 14.37
C THR A 39 4.55 11.09 14.52
N LEU A 40 3.99 11.08 15.71
CA LEU A 40 2.70 10.43 15.89
C LEU A 40 1.56 11.42 16.09
N VAL A 41 1.90 12.70 16.22
CA VAL A 41 0.89 13.74 16.41
C VAL A 41 -0.01 13.41 17.61
N LYS A 42 0.58 13.11 18.76
CA LYS A 42 -0.19 12.74 19.94
C LYS A 42 0.30 13.35 21.25
N ASP A 43 -0.59 13.37 22.24
CA ASP A 43 -0.31 13.84 23.58
C ASP A 43 -0.45 12.61 24.45
N ARG A 44 -0.06 12.70 25.71
CA ARG A 44 -0.17 11.55 26.60
C ARG A 44 -1.60 11.28 26.97
N ASN A 45 -2.47 12.23 26.69
CA ASN A 45 -3.88 12.07 27.02
C ASN A 45 -4.66 11.44 25.87
N VAL A 46 -4.02 11.31 24.71
CA VAL A 46 -4.71 10.74 23.56
C VAL A 46 -3.88 9.70 22.80
N ALA A 47 -2.65 9.48 23.23
CA ALA A 47 -1.80 8.50 22.57
C ALA A 47 -2.30 7.09 22.83
N THR A 48 -2.28 6.24 21.80
CA THR A 48 -2.70 4.84 21.96
C THR A 48 -1.43 4.03 22.33
N THR A 49 -1.62 2.77 22.67
CA THR A 49 -0.48 1.91 23.01
C THR A 49 0.39 1.76 21.77
N ARG A 50 -0.27 1.72 20.62
CA ARG A 50 0.42 1.61 19.33
C ARG A 50 1.27 2.87 19.10
N ASP A 51 0.75 4.03 19.48
CA ASP A 51 1.51 5.27 19.29
C ASP A 51 2.79 5.25 20.12
N TYR A 52 2.74 4.64 21.30
CA TYR A 52 3.89 4.59 22.19
C TYR A 52 4.94 3.68 21.60
N TYR A 53 4.50 2.54 21.07
CA TYR A 53 5.43 1.61 20.45
C TYR A 53 6.14 2.27 19.29
N PHE A 54 5.38 2.93 18.42
CA PHE A 54 5.96 3.61 17.26
C PHE A 54 6.93 4.71 17.66
N ALA A 55 6.59 5.43 18.73
CA ALA A 55 7.44 6.51 19.20
C ALA A 55 8.73 5.92 19.71
N LEU A 56 8.64 4.77 20.37
CA LEU A 56 9.84 4.13 20.88
C LEU A 56 10.72 3.60 19.76
N ALA A 57 10.08 2.94 18.79
CA ALA A 57 10.79 2.38 17.65
C ALA A 57 11.58 3.46 16.94
N HIS A 58 10.94 4.61 16.72
CA HIS A 58 11.61 5.71 16.04
C HIS A 58 12.79 6.19 16.86
N THR A 59 12.59 6.27 18.17
CA THR A 59 13.63 6.71 19.11
C THR A 59 14.85 5.79 18.95
N VAL A 60 14.59 4.49 18.91
CA VAL A 60 15.65 3.49 18.74
C VAL A 60 16.20 3.48 17.32
N ARG A 61 15.32 3.62 16.34
CA ARG A 61 15.72 3.62 14.93
C ARG A 61 16.74 4.73 14.60
N ASP A 62 16.57 5.91 15.20
CA ASP A 62 17.49 7.02 14.93
C ASP A 62 18.94 6.68 15.28
N HIS A 63 19.11 5.81 16.28
CA HIS A 63 20.43 5.40 16.74
C HIS A 63 21.13 4.51 15.73
N LEU A 64 20.39 4.10 14.69
CA LEU A 64 20.95 3.23 13.67
C LEU A 64 21.48 4.01 12.45
N VAL A 65 20.93 5.20 12.22
CA VAL A 65 21.29 5.98 11.05
C VAL A 65 22.77 6.23 10.83
N GLY A 66 23.43 6.86 11.79
CA GLY A 66 24.84 7.14 11.68
C GLY A 66 25.65 5.93 11.20
N ARG A 67 25.63 4.88 12.01
CA ARG A 67 26.34 3.65 11.70
C ARG A 67 25.94 3.05 10.36
N TRP A 68 24.65 3.12 10.02
CA TRP A 68 24.18 2.54 8.76
C TRP A 68 24.80 3.24 7.55
N ILE A 69 24.81 4.56 7.56
CA ILE A 69 25.39 5.31 6.47
C ILE A 69 26.89 5.03 6.45
N ARG A 70 27.52 5.08 7.63
CA ARG A 70 28.96 4.84 7.75
C ARG A 70 29.37 3.48 7.20
N THR A 71 28.63 2.44 7.57
CA THR A 71 28.90 1.08 7.13
C THR A 71 28.85 0.92 5.63
N GLN A 72 27.77 1.38 5.02
CA GLN A 72 27.64 1.25 3.58
C GLN A 72 28.69 2.08 2.87
N GLN A 73 28.99 3.24 3.43
CA GLN A 73 30.00 4.13 2.86
C GLN A 73 31.36 3.44 2.96
N HIS A 74 31.61 2.82 4.10
CA HIS A 74 32.88 2.12 4.27
C HIS A 74 33.06 1.00 3.26
N TYR A 75 31.97 0.36 2.85
CA TYR A 75 32.07 -0.73 1.88
C TYR A 75 32.43 -0.20 0.51
N TYR A 76 31.94 0.99 0.20
CA TYR A 76 32.24 1.60 -1.10
C TYR A 76 33.72 1.99 -1.15
N ASP A 77 34.21 2.62 -0.11
CA ASP A 77 35.59 3.07 -0.08
C ASP A 77 36.66 1.96 -0.08
N LYS A 78 36.58 1.01 0.84
CA LYS A 78 37.58 -0.05 0.92
C LYS A 78 37.29 -1.24 -0.01
N CYS A 79 36.11 -1.23 -0.61
CA CYS A 79 35.67 -2.28 -1.52
C CYS A 79 36.06 -3.72 -1.23
N PRO A 80 35.62 -4.27 -0.09
CA PRO A 80 35.97 -5.66 0.22
C PRO A 80 34.99 -6.52 -0.57
N LYS A 81 35.30 -7.80 -0.76
CA LYS A 81 34.40 -8.68 -1.51
C LYS A 81 33.04 -8.70 -0.79
N ARG A 82 31.94 -8.60 -1.53
CA ARG A 82 30.63 -8.59 -0.91
C ARG A 82 29.92 -9.95 -0.99
N VAL A 83 29.12 -10.25 0.02
CA VAL A 83 28.36 -11.50 0.08
C VAL A 83 26.89 -11.18 -0.12
N TYR A 84 26.24 -11.90 -1.04
CA TYR A 84 24.84 -11.68 -1.32
C TYR A 84 24.05 -12.93 -1.00
N TYR A 85 23.26 -12.87 0.07
CA TYR A 85 22.46 -14.00 0.47
C TYR A 85 21.08 -13.88 -0.18
N LEU A 86 20.89 -14.65 -1.26
CA LEU A 86 19.65 -14.63 -2.03
C LEU A 86 18.69 -15.69 -1.53
N SER A 87 17.59 -15.23 -0.95
CA SER A 87 16.59 -16.13 -0.40
C SER A 87 15.17 -15.65 -0.63
N LEU A 88 14.23 -16.59 -0.78
CA LEU A 88 12.83 -16.24 -0.96
C LEU A 88 12.24 -15.95 0.41
N GLU A 89 13.00 -16.28 1.45
CA GLU A 89 12.50 -16.06 2.80
C GLU A 89 13.51 -15.49 3.80
N PHE A 90 12.96 -14.71 4.74
CA PHE A 90 13.71 -14.11 5.81
C PHE A 90 12.71 -14.02 6.96
N TYR A 91 12.78 -15.01 7.85
CA TYR A 91 11.92 -15.14 9.01
C TYR A 91 12.51 -14.24 10.10
N MET A 92 12.36 -12.93 9.93
CA MET A 92 12.92 -11.96 10.86
C MET A 92 12.39 -11.81 12.28
N GLY A 93 11.09 -12.01 12.49
CA GLY A 93 10.54 -11.83 13.83
C GLY A 93 10.37 -10.34 14.10
N ARG A 94 10.45 -9.93 15.37
CA ARG A 94 10.31 -8.52 15.74
C ARG A 94 11.68 -7.86 15.75
N THR A 95 11.73 -6.56 15.50
CA THR A 95 12.97 -5.83 15.43
C THR A 95 13.35 -4.98 16.64
N LEU A 96 12.37 -4.35 17.28
CA LEU A 96 12.63 -3.46 18.41
C LEU A 96 13.69 -3.93 19.43
N GLN A 97 13.36 -4.99 20.16
CA GLN A 97 14.26 -5.53 21.17
C GLN A 97 15.62 -5.94 20.64
N ASN A 98 15.63 -6.66 19.50
CA ASN A 98 16.87 -7.12 18.91
C ASN A 98 17.79 -5.95 18.66
N THR A 99 17.21 -4.88 18.16
CA THR A 99 17.96 -3.68 17.88
C THR A 99 18.46 -3.01 19.17
N MET A 100 17.64 -2.99 20.21
CA MET A 100 18.07 -2.35 21.46
C MET A 100 19.27 -3.05 22.06
N ILE A 101 19.23 -4.38 22.05
CA ILE A 101 20.30 -5.21 22.59
C ILE A 101 21.59 -5.05 21.80
N ASN A 102 21.53 -5.30 20.51
CA ASN A 102 22.69 -5.22 19.62
C ASN A 102 23.32 -3.84 19.61
N LEU A 103 22.58 -2.83 20.04
CA LEU A 103 23.08 -1.45 20.07
C LEU A 103 23.38 -1.09 21.52
N GLY A 104 23.15 -2.04 22.42
CA GLY A 104 23.40 -1.81 23.84
C GLY A 104 22.60 -0.65 24.41
N LEU A 105 21.32 -0.58 24.07
CA LEU A 105 20.43 0.49 24.53
C LEU A 105 19.24 -0.02 25.33
N GLN A 106 19.09 -1.34 25.42
CA GLN A 106 17.95 -1.90 26.13
C GLN A 106 17.75 -1.44 27.58
N ASN A 107 18.80 -1.51 28.39
CA ASN A 107 18.67 -1.09 29.78
C ASN A 107 18.30 0.38 29.86
N ALA A 108 18.96 1.23 29.08
CA ALA A 108 18.66 2.66 29.08
C ALA A 108 17.20 2.88 28.63
N CYS A 109 16.79 2.20 27.56
CA CYS A 109 15.42 2.36 27.07
C CYS A 109 14.40 1.86 28.08
N ASP A 110 14.67 0.70 28.66
CA ASP A 110 13.75 0.14 29.66
C ASP A 110 13.51 1.17 30.74
N GLU A 111 14.59 1.81 31.18
CA GLU A 111 14.54 2.83 32.22
C GLU A 111 13.73 4.06 31.80
N ALA A 112 14.07 4.64 30.65
CA ALA A 112 13.39 5.80 30.12
C ALA A 112 11.87 5.58 30.00
N ILE A 113 11.49 4.41 29.48
CA ILE A 113 10.09 4.06 29.31
C ILE A 113 9.40 3.90 30.66
N TYR A 114 10.14 3.35 31.62
CA TYR A 114 9.63 3.17 32.98
C TYR A 114 9.35 4.52 33.61
N GLN A 115 10.30 5.44 33.48
CA GLN A 115 10.17 6.78 34.05
C GLN A 115 9.00 7.54 33.44
N LEU A 116 8.62 7.18 32.22
CA LEU A 116 7.51 7.84 31.53
C LEU A 116 6.20 7.15 31.90
N GLY A 117 6.29 6.25 32.87
CA GLY A 117 5.11 5.54 33.34
C GLY A 117 4.52 4.52 32.40
N LEU A 118 5.36 3.95 31.53
CA LEU A 118 4.89 2.95 30.60
C LEU A 118 5.55 1.61 30.84
N ASP A 119 4.92 0.57 30.30
CA ASP A 119 5.40 -0.80 30.41
C ASP A 119 6.05 -1.15 29.07
N ILE A 120 7.37 -1.24 29.03
CA ILE A 120 8.08 -1.53 27.78
C ILE A 120 7.72 -2.88 27.18
N GLU A 121 7.44 -3.83 28.05
CA GLU A 121 7.07 -5.15 27.58
C GLU A 121 5.75 -5.01 26.83
N GLU A 122 4.88 -4.17 27.34
CA GLU A 122 3.58 -3.95 26.72
C GLU A 122 3.75 -3.34 25.33
N LEU A 123 4.64 -2.36 25.21
CA LEU A 123 4.88 -1.70 23.94
C LEU A 123 5.48 -2.67 22.94
N GLU A 124 6.43 -3.49 23.40
CA GLU A 124 7.09 -4.47 22.53
C GLU A 124 6.12 -5.48 21.93
N GLU A 125 5.05 -5.80 22.66
CA GLU A 125 4.10 -6.77 22.16
C GLU A 125 3.24 -6.24 21.00
N ILE A 126 3.21 -4.93 20.83
CA ILE A 126 2.44 -4.33 19.75
C ILE A 126 3.08 -4.64 18.39
N GLU A 127 4.39 -4.83 18.37
CA GLU A 127 5.08 -5.09 17.11
C GLU A 127 4.75 -6.42 16.47
N GLU A 128 4.44 -6.35 15.17
CA GLU A 128 4.12 -7.54 14.38
C GLU A 128 5.42 -8.26 13.99
N ASP A 129 5.36 -9.57 13.88
CA ASP A 129 6.51 -10.35 13.46
C ASP A 129 6.64 -10.13 11.95
N ALA A 130 7.87 -10.01 11.46
CA ALA A 130 8.07 -9.89 10.02
C ALA A 130 8.21 -11.36 9.66
N GLY A 131 7.06 -12.03 9.54
CA GLY A 131 7.05 -13.45 9.25
C GLY A 131 7.14 -13.79 7.78
N LEU A 132 8.18 -13.28 7.14
CA LEU A 132 8.39 -13.52 5.72
C LEU A 132 9.15 -14.83 5.46
N GLY A 133 8.78 -15.86 6.20
CA GLY A 133 9.40 -17.16 6.07
C GLY A 133 8.46 -18.24 6.58
N ASN A 134 8.75 -19.49 6.26
CA ASN A 134 7.91 -20.61 6.68
C ASN A 134 8.41 -21.33 7.92
N GLY A 135 9.73 -21.35 8.08
CA GLY A 135 10.31 -22.02 9.21
C GLY A 135 11.83 -22.02 9.23
N GLY A 136 12.41 -23.20 9.35
CA GLY A 136 13.85 -23.34 9.43
C GLY A 136 14.69 -22.61 8.41
N LEU A 137 14.36 -22.78 7.13
CA LEU A 137 15.09 -22.15 6.06
C LEU A 137 15.04 -20.62 6.15
N GLY A 138 13.84 -20.10 6.40
CA GLY A 138 13.69 -18.67 6.50
C GLY A 138 14.37 -18.11 7.74
N ARG A 139 14.37 -18.87 8.82
CA ARG A 139 14.98 -18.42 10.07
C ARG A 139 16.50 -18.51 10.00
N LEU A 140 17.03 -19.43 9.20
CA LEU A 140 18.48 -19.57 9.07
C LEU A 140 19.03 -18.33 8.36
N ALA A 141 18.23 -17.78 7.45
CA ALA A 141 18.60 -16.58 6.72
C ALA A 141 18.67 -15.39 7.68
N ALA A 142 17.69 -15.32 8.59
CA ALA A 142 17.64 -14.25 9.57
C ALA A 142 18.83 -14.34 10.56
N CYS A 143 19.17 -15.55 10.99
CA CYS A 143 20.29 -15.71 11.94
C CYS A 143 21.62 -15.41 11.27
N PHE A 144 21.70 -15.71 9.98
CA PHE A 144 22.91 -15.47 9.19
C PHE A 144 23.15 -13.95 9.06
N LEU A 145 22.08 -13.21 8.80
CA LEU A 145 22.19 -11.76 8.69
C LEU A 145 22.78 -11.19 9.98
N ASP A 146 22.20 -11.57 11.12
CA ASP A 146 22.67 -11.09 12.42
C ASP A 146 24.15 -11.43 12.61
N SER A 147 24.52 -12.68 12.34
CA SER A 147 25.90 -13.12 12.48
C SER A 147 26.85 -12.42 11.53
N MET A 148 26.45 -12.28 10.27
CA MET A 148 27.30 -11.62 9.28
C MET A 148 27.56 -10.18 9.69
N ALA A 149 26.56 -9.53 10.28
CA ALA A 149 26.72 -8.14 10.72
C ALA A 149 27.62 -8.11 11.95
N THR A 150 27.50 -9.13 12.79
CA THR A 150 28.30 -9.19 14.01
C THR A 150 29.76 -9.49 13.67
N LEU A 151 30.00 -10.23 12.59
CA LEU A 151 31.36 -10.53 12.17
C LEU A 151 31.90 -9.43 11.25
N GLY A 152 31.14 -8.37 11.10
CA GLY A 152 31.56 -7.24 10.28
C GLY A 152 31.82 -7.49 8.81
N LEU A 153 31.09 -8.44 8.23
CA LEU A 153 31.26 -8.75 6.81
C LEU A 153 30.41 -7.82 5.96
N ALA A 154 30.82 -7.62 4.72
CA ALA A 154 30.08 -6.77 3.79
C ALA A 154 29.02 -7.66 3.15
N ALA A 155 27.97 -7.94 3.91
CA ALA A 155 26.91 -8.83 3.47
C ALA A 155 25.55 -8.17 3.28
N TYR A 156 24.84 -8.64 2.26
CA TYR A 156 23.50 -8.14 1.94
C TYR A 156 22.54 -9.30 1.82
N GLY A 157 21.33 -9.11 2.32
CA GLY A 157 20.32 -10.13 2.18
C GLY A 157 19.40 -9.62 1.09
N TYR A 158 19.10 -10.45 0.10
CA TYR A 158 18.21 -10.06 -1.00
C TYR A 158 17.00 -10.97 -1.05
N GLY A 159 15.82 -10.38 -0.91
CA GLY A 159 14.62 -11.19 -0.93
C GLY A 159 13.42 -10.44 -1.43
N ILE A 160 12.23 -10.96 -1.10
CA ILE A 160 10.98 -10.35 -1.51
C ILE A 160 10.23 -9.78 -0.33
N ARG A 161 9.65 -8.59 -0.51
CA ARG A 161 8.85 -7.93 0.53
C ARG A 161 7.39 -8.35 0.35
N TYR A 162 7.01 -9.48 0.94
CA TYR A 162 5.63 -9.95 0.85
C TYR A 162 4.71 -9.02 1.65
N GLU A 163 3.60 -8.61 1.05
CA GLU A 163 2.65 -7.75 1.74
C GLU A 163 2.07 -8.58 2.86
N TYR A 164 1.94 -9.89 2.61
CA TYR A 164 1.42 -10.84 3.58
C TYR A 164 2.41 -11.96 3.80
N GLY A 165 2.82 -12.15 5.04
CA GLY A 165 3.75 -13.22 5.34
C GLY A 165 3.00 -14.50 5.60
N ILE A 166 3.64 -15.41 6.34
CA ILE A 166 3.04 -16.69 6.70
C ILE A 166 1.77 -16.39 7.50
N PHE A 167 0.65 -17.02 7.12
CA PHE A 167 -0.64 -16.79 7.77
C PHE A 167 -0.70 -16.90 9.30
N ASN A 168 -1.63 -16.17 9.89
CA ASN A 168 -1.84 -16.24 11.32
C ASN A 168 -2.67 -17.48 11.54
N GLN A 169 -2.28 -18.30 12.51
CA GLN A 169 -3.02 -19.53 12.76
C GLN A 169 -3.99 -19.42 13.93
N LYS A 170 -5.22 -19.85 13.68
CA LYS A 170 -6.25 -19.88 14.70
C LYS A 170 -6.86 -21.27 14.71
N ILE A 171 -7.27 -21.73 15.88
CA ILE A 171 -7.89 -23.04 16.01
C ILE A 171 -9.40 -22.86 16.16
N ARG A 172 -10.16 -23.52 15.31
CA ARG A 172 -11.62 -23.44 15.36
C ARG A 172 -12.18 -24.85 15.37
N ASP A 173 -12.91 -25.19 16.43
CA ASP A 173 -13.48 -26.53 16.53
C ASP A 173 -12.36 -27.55 16.44
N GLY A 174 -11.22 -27.22 17.04
CA GLY A 174 -10.09 -28.12 17.02
C GLY A 174 -9.28 -28.15 15.73
N TRP A 175 -9.72 -27.40 14.72
CA TRP A 175 -9.01 -27.36 13.44
C TRP A 175 -8.29 -26.04 13.20
N GLN A 176 -7.26 -26.08 12.36
CA GLN A 176 -6.50 -24.88 12.01
C GLN A 176 -7.28 -24.09 10.98
N VAL A 177 -7.34 -22.78 11.16
CA VAL A 177 -8.01 -21.90 10.21
C VAL A 177 -6.99 -20.82 9.92
N GLU A 178 -6.86 -20.43 8.66
CA GLU A 178 -5.90 -19.40 8.26
C GLU A 178 -6.49 -18.00 8.16
N GLU A 179 -5.75 -17.03 8.68
CA GLU A 179 -6.15 -15.63 8.60
C GLU A 179 -4.99 -14.88 7.96
N ALA A 180 -5.32 -13.91 7.11
CA ALA A 180 -4.30 -13.14 6.43
C ALA A 180 -3.38 -12.39 7.41
N ASP A 181 -2.08 -12.55 7.24
CA ASP A 181 -1.11 -11.87 8.08
C ASP A 181 -0.76 -10.54 7.42
N ASP A 182 -1.60 -9.56 7.66
CA ASP A 182 -1.48 -8.22 7.11
C ASP A 182 -0.49 -7.39 7.94
N TRP A 183 0.75 -7.87 8.04
CA TRP A 183 1.77 -7.20 8.85
C TRP A 183 2.10 -5.74 8.54
N LEU A 184 1.79 -5.26 7.34
CA LEU A 184 2.11 -3.87 7.00
C LEU A 184 0.97 -2.87 7.19
N ARG A 185 -0.19 -3.35 7.64
CA ARG A 185 -1.34 -2.48 7.81
C ARG A 185 -1.05 -1.17 8.52
N TYR A 186 -0.46 -1.24 9.70
CA TYR A 186 -0.19 -0.04 10.46
C TYR A 186 1.18 0.57 10.22
N GLY A 187 1.91 0.04 9.24
CA GLY A 187 3.23 0.59 8.96
C GLY A 187 4.41 -0.18 9.56
N ASN A 188 5.55 -0.08 8.88
CA ASN A 188 6.76 -0.76 9.32
C ASN A 188 7.87 0.29 9.38
N PRO A 189 8.24 0.71 10.60
CA PRO A 189 9.28 1.71 10.82
C PRO A 189 10.69 1.22 10.48
N TRP A 190 10.87 -0.08 10.43
CA TRP A 190 12.18 -0.69 10.15
C TRP A 190 12.53 -0.84 8.67
N GLU A 191 11.65 -0.42 7.77
CA GLU A 191 11.95 -0.51 6.36
C GLU A 191 12.11 0.88 5.73
N LYS A 192 12.99 0.97 4.74
CA LYS A 192 13.24 2.23 4.07
C LYS A 192 13.14 2.05 2.56
N SER A 193 12.12 2.66 1.96
CA SER A 193 11.94 2.60 0.53
C SER A 193 13.16 3.23 -0.13
N ARG A 194 13.63 2.62 -1.21
CA ARG A 194 14.78 3.13 -1.94
C ARG A 194 14.29 3.32 -3.39
N PRO A 195 13.41 4.32 -3.58
CA PRO A 195 12.87 4.58 -4.92
C PRO A 195 13.88 4.78 -6.05
N GLU A 196 15.03 5.35 -5.74
CA GLU A 196 16.02 5.59 -6.79
C GLU A 196 16.66 4.32 -7.34
N PHE A 197 16.36 3.17 -6.75
CA PHE A 197 16.93 1.93 -7.23
C PHE A 197 15.91 1.00 -7.84
N MET A 198 14.71 1.52 -8.09
CA MET A 198 13.66 0.74 -8.70
C MET A 198 14.21 0.22 -10.04
N LEU A 199 13.73 -0.94 -10.47
CA LEU A 199 14.19 -1.55 -11.71
C LEU A 199 13.07 -2.35 -12.37
N PRO A 200 13.13 -2.50 -13.71
CA PRO A 200 12.11 -3.27 -14.40
C PRO A 200 12.44 -4.76 -14.49
N VAL A 201 11.42 -5.61 -14.47
CA VAL A 201 11.60 -7.05 -14.58
C VAL A 201 10.71 -7.47 -15.74
N HIS A 202 11.25 -8.36 -16.58
CA HIS A 202 10.53 -8.82 -17.76
C HIS A 202 9.97 -10.23 -17.63
N PHE A 203 8.80 -10.45 -18.23
CA PHE A 203 8.14 -11.74 -18.19
C PHE A 203 7.55 -12.06 -19.56
N TYR A 204 7.43 -13.36 -19.86
CA TYR A 204 6.86 -13.82 -21.13
C TYR A 204 7.64 -13.33 -22.35
N GLY A 205 6.93 -12.76 -23.32
CA GLY A 205 7.58 -12.27 -24.51
C GLY A 205 8.02 -13.40 -25.44
N LYS A 206 9.07 -13.14 -26.21
CA LYS A 206 9.58 -14.15 -27.16
C LYS A 206 11.03 -13.81 -27.52
N VAL A 207 11.73 -14.68 -28.23
CA VAL A 207 13.11 -14.40 -28.56
C VAL A 207 13.48 -14.20 -30.03
N GLU A 208 14.41 -13.27 -30.26
CA GLU A 208 14.89 -12.94 -31.60
C GLU A 208 16.42 -12.92 -31.62
N HIS A 209 17.03 -13.84 -32.37
CA HIS A 209 18.49 -13.92 -32.46
C HIS A 209 18.98 -13.11 -33.65
N THR A 210 19.25 -11.83 -33.42
CA THR A 210 19.71 -10.94 -34.47
C THR A 210 21.21 -10.92 -34.62
N ASN A 211 21.69 -10.15 -35.60
CA ASN A 211 23.12 -10.04 -35.84
C ASN A 211 23.76 -9.03 -34.89
N THR A 212 23.06 -8.71 -33.80
CA THR A 212 23.55 -7.80 -32.77
C THR A 212 23.27 -8.44 -31.40
N GLY A 213 23.25 -9.77 -31.38
CA GLY A 213 22.99 -10.50 -30.16
C GLY A 213 21.54 -10.95 -30.03
N THR A 214 21.28 -11.85 -29.08
CA THR A 214 19.93 -12.33 -28.87
C THR A 214 19.12 -11.22 -28.20
N LYS A 215 17.86 -11.08 -28.62
CA LYS A 215 16.99 -10.05 -28.07
C LYS A 215 15.69 -10.68 -27.57
N TRP A 216 15.38 -10.43 -26.30
CA TRP A 216 14.17 -10.93 -25.65
C TRP A 216 13.19 -9.77 -25.74
N ILE A 217 12.24 -9.90 -26.64
CA ILE A 217 11.27 -8.82 -26.88
C ILE A 217 9.81 -9.15 -26.66
N ASP A 218 8.99 -8.10 -26.68
CA ASP A 218 7.54 -8.17 -26.49
C ASP A 218 7.17 -8.69 -25.12
N THR A 219 8.04 -8.42 -24.15
CA THR A 219 7.81 -8.88 -22.79
C THR A 219 6.95 -7.92 -21.99
N GLN A 220 6.34 -8.45 -20.95
CA GLN A 220 5.53 -7.66 -20.05
C GLN A 220 6.49 -7.21 -18.95
N VAL A 221 6.34 -5.96 -18.52
CA VAL A 221 7.21 -5.42 -17.50
C VAL A 221 6.52 -5.24 -16.15
N VAL A 222 7.30 -5.48 -15.10
CA VAL A 222 6.85 -5.33 -13.72
C VAL A 222 7.99 -4.61 -13.03
N LEU A 223 7.68 -3.52 -12.33
CA LEU A 223 8.71 -2.77 -11.64
C LEU A 223 9.03 -3.39 -10.29
N ALA A 224 10.29 -3.33 -9.89
CA ALA A 224 10.74 -3.87 -8.63
C ALA A 224 11.25 -2.68 -7.80
N LEU A 225 10.61 -2.44 -6.67
CA LEU A 225 10.97 -1.35 -5.77
C LEU A 225 11.60 -1.95 -4.53
N PRO A 226 12.90 -1.68 -4.30
CA PRO A 226 13.60 -2.21 -3.14
C PRO A 226 13.34 -1.48 -1.84
N TYR A 227 13.20 -2.25 -0.76
CA TYR A 227 12.99 -1.71 0.59
C TYR A 227 14.13 -2.24 1.44
N ASP A 228 14.91 -1.33 2.00
CA ASP A 228 16.05 -1.68 2.83
C ASP A 228 15.72 -1.72 4.30
N THR A 229 16.26 -2.73 4.97
CA THR A 229 16.07 -2.85 6.40
C THR A 229 17.45 -3.01 7.03
N PRO A 230 17.76 -2.20 8.05
CA PRO A 230 19.06 -2.26 8.72
C PRO A 230 19.24 -3.55 9.52
N VAL A 231 20.44 -4.10 9.49
CA VAL A 231 20.80 -5.33 10.21
C VAL A 231 22.00 -4.95 11.08
N PRO A 232 21.76 -4.62 12.35
CA PRO A 232 22.84 -4.23 13.24
C PRO A 232 23.60 -5.41 13.80
N GLY A 233 24.93 -5.32 13.75
CA GLY A 233 25.74 -6.37 14.33
C GLY A 233 25.70 -6.14 15.83
N TYR A 234 26.11 -7.14 16.60
CA TYR A 234 26.11 -7.02 18.05
C TYR A 234 27.32 -6.24 18.55
N MET A 235 27.06 -5.08 19.14
CA MET A 235 28.08 -4.21 19.71
C MET A 235 29.34 -4.04 18.84
N ASN A 236 29.19 -3.64 17.58
CA ASN A 236 30.37 -3.50 16.74
C ASN A 236 30.37 -2.41 15.69
N ASN A 237 29.46 -1.44 15.80
CA ASN A 237 29.43 -0.36 14.82
C ASN A 237 28.96 -0.76 13.41
N THR A 238 28.68 -2.04 13.19
CA THR A 238 28.24 -2.46 11.86
C THR A 238 26.72 -2.55 11.72
N VAL A 239 26.20 -1.96 10.65
CA VAL A 239 24.78 -2.04 10.35
C VAL A 239 24.68 -2.38 8.87
N ASN A 240 24.29 -3.60 8.59
CA ASN A 240 24.17 -4.08 7.22
C ASN A 240 22.77 -3.88 6.65
N THR A 241 22.57 -4.36 5.44
CA THR A 241 21.29 -4.19 4.79
C THR A 241 20.60 -5.45 4.31
N MET A 242 19.29 -5.46 4.46
CA MET A 242 18.47 -6.54 3.94
C MET A 242 17.59 -5.82 2.93
N ARG A 243 17.81 -6.07 1.64
CA ARG A 243 17.03 -5.43 0.59
C ARG A 243 15.94 -6.38 0.09
N LEU A 244 14.69 -5.98 0.29
CA LEU A 244 13.53 -6.77 -0.12
C LEU A 244 12.80 -6.05 -1.24
N TRP A 245 12.47 -6.78 -2.29
CA TRP A 245 11.79 -6.19 -3.44
C TRP A 245 10.27 -6.33 -3.44
N SER A 246 9.61 -5.25 -3.84
CA SER A 246 8.16 -5.21 -3.93
C SER A 246 7.79 -4.99 -5.40
N ALA A 247 6.76 -5.68 -5.87
CA ALA A 247 6.32 -5.57 -7.26
C ALA A 247 5.34 -4.42 -7.48
N ARG A 248 5.51 -3.68 -8.56
CA ARG A 248 4.64 -2.56 -8.90
C ARG A 248 4.35 -2.56 -10.41
N ALA A 249 3.16 -2.11 -10.78
CA ALA A 249 2.75 -2.05 -12.17
C ALA A 249 3.37 -0.81 -12.82
N PRO A 250 3.79 -0.93 -14.11
CA PRO A 250 4.39 0.20 -14.81
C PRO A 250 3.31 1.19 -15.26
N GLY A 261 -10.30 -1.35 -24.43
CA GLY A 261 -10.30 -1.75 -23.04
C GLY A 261 -10.87 -0.69 -22.12
N ASP A 262 -11.42 -1.12 -20.98
CA ASP A 262 -12.02 -0.22 -20.01
C ASP A 262 -10.94 0.47 -19.16
N TYR A 263 -11.11 1.77 -18.95
CA TYR A 263 -10.15 2.54 -18.17
C TYR A 263 -10.16 2.14 -16.68
N ILE A 264 -11.34 2.06 -16.07
CA ILE A 264 -11.42 1.69 -14.66
C ILE A 264 -10.85 0.29 -14.45
N GLN A 265 -11.26 -0.65 -15.28
CA GLN A 265 -10.78 -2.03 -15.17
C GLN A 265 -9.27 -2.14 -15.45
N ALA A 266 -8.77 -1.34 -16.38
CA ALA A 266 -7.34 -1.37 -16.71
C ALA A 266 -6.53 -0.98 -15.49
N VAL A 267 -7.02 0.01 -14.75
CA VAL A 267 -6.34 0.46 -13.54
C VAL A 267 -6.38 -0.65 -12.48
N LEU A 268 -7.51 -1.34 -12.36
CA LEU A 268 -7.64 -2.40 -11.37
C LEU A 268 -6.73 -3.57 -11.72
N ASP A 269 -6.57 -3.84 -13.01
CA ASP A 269 -5.71 -4.94 -13.43
C ASP A 269 -4.25 -4.72 -13.04
N ARG A 270 -3.92 -3.54 -12.56
CA ARG A 270 -2.55 -3.27 -12.12
C ARG A 270 -2.24 -4.18 -10.93
N ASN A 271 -3.30 -4.66 -10.26
CA ASN A 271 -3.17 -5.56 -9.12
C ASN A 271 -2.51 -6.87 -9.56
N LEU A 272 -2.80 -7.30 -10.77
CA LEU A 272 -2.25 -8.55 -11.30
C LEU A 272 -0.72 -8.59 -11.23
N ALA A 273 -0.07 -7.47 -11.54
CA ALA A 273 1.39 -7.39 -11.49
C ALA A 273 1.88 -7.32 -10.06
N GLU A 274 1.15 -6.62 -9.22
CA GLU A 274 1.51 -6.47 -7.82
C GLU A 274 1.25 -7.75 -7.02
N ASN A 275 0.54 -8.70 -7.63
CA ASN A 275 0.26 -9.97 -6.96
C ASN A 275 1.56 -10.77 -6.76
N ILE A 276 2.56 -10.50 -7.59
CA ILE A 276 3.84 -11.19 -7.48
C ILE A 276 4.47 -11.16 -6.09
N SER A 277 4.43 -10.01 -5.43
CA SER A 277 5.00 -9.92 -4.08
C SER A 277 3.92 -9.75 -3.03
N ARG A 278 2.74 -10.30 -3.32
CA ARG A 278 1.61 -10.19 -2.41
C ARG A 278 1.66 -11.11 -1.19
N VAL A 279 1.92 -12.40 -1.41
CA VAL A 279 1.93 -13.34 -0.31
C VAL A 279 2.96 -14.46 -0.43
N LEU A 280 3.56 -14.81 0.70
CA LEU A 280 4.55 -15.86 0.76
C LEU A 280 3.85 -17.22 0.67
N TYR A 281 4.37 -18.11 -0.15
CA TYR A 281 3.81 -19.45 -0.27
C TYR A 281 4.09 -20.18 1.04
N PRO A 282 3.04 -20.63 1.74
CA PRO A 282 3.10 -21.32 3.03
C PRO A 282 3.49 -22.80 3.06
N ASN A 283 4.34 -23.23 2.15
CA ASN A 283 4.78 -24.63 2.12
C ASN A 283 6.16 -24.82 2.73
N ASP A 284 6.26 -25.80 3.61
CA ASP A 284 7.52 -26.13 4.26
C ASP A 284 7.86 -27.53 3.75
N ASN A 285 8.98 -27.65 3.05
CA ASN A 285 9.41 -28.93 2.49
C ASN A 285 8.40 -29.56 1.55
N PHE A 286 7.84 -28.77 0.65
CA PHE A 286 6.88 -29.28 -0.31
C PHE A 286 6.91 -28.41 -1.56
N PHE A 287 7.04 -29.04 -2.71
CA PHE A 287 7.09 -28.29 -3.97
C PHE A 287 5.74 -28.17 -4.65
N GLU A 288 5.32 -26.94 -4.86
CA GLU A 288 4.06 -26.68 -5.54
C GLU A 288 4.43 -25.87 -6.79
N GLY A 289 4.23 -26.47 -7.95
CA GLY A 289 4.58 -25.81 -9.20
C GLY A 289 3.62 -24.77 -9.76
N LYS A 290 3.24 -23.79 -8.94
CA LYS A 290 2.34 -22.75 -9.42
C LYS A 290 3.09 -21.66 -10.19
N GLU A 291 2.48 -21.19 -11.28
CA GLU A 291 3.10 -20.16 -12.09
C GLU A 291 3.49 -18.92 -11.30
N LEU A 292 2.59 -18.43 -10.45
CA LEU A 292 2.85 -17.25 -9.65
C LEU A 292 4.16 -17.42 -8.84
N ARG A 293 4.40 -18.64 -8.35
CA ARG A 293 5.61 -18.94 -7.58
C ARG A 293 6.84 -18.75 -8.45
N LEU A 294 6.77 -19.24 -9.69
CA LEU A 294 7.87 -19.12 -10.62
C LEU A 294 8.12 -17.63 -10.87
N LYS A 295 7.05 -16.86 -10.92
CA LYS A 295 7.16 -15.42 -11.13
C LYS A 295 7.91 -14.77 -9.97
N GLN A 296 7.56 -15.15 -8.74
CA GLN A 296 8.23 -14.57 -7.58
C GLN A 296 9.72 -14.85 -7.69
N GLU A 297 10.05 -16.11 -8.02
CA GLU A 297 11.45 -16.56 -8.13
C GLU A 297 12.25 -15.81 -9.16
N TYR A 298 11.69 -15.64 -10.35
CA TYR A 298 12.44 -14.92 -11.36
C TYR A 298 12.49 -13.46 -10.96
N PHE A 299 11.38 -12.97 -10.43
CA PHE A 299 11.28 -11.58 -9.97
C PHE A 299 12.44 -11.19 -9.05
N VAL A 300 12.59 -11.89 -7.92
CA VAL A 300 13.65 -11.54 -6.97
C VAL A 300 15.03 -11.73 -7.58
N VAL A 301 15.16 -12.73 -8.43
CA VAL A 301 16.40 -13.04 -9.10
C VAL A 301 16.81 -11.94 -10.09
N ALA A 302 15.89 -11.50 -10.94
CA ALA A 302 16.21 -10.47 -11.92
C ALA A 302 16.59 -9.14 -11.24
N ALA A 303 15.71 -8.65 -10.37
CA ALA A 303 15.97 -7.41 -9.66
C ALA A 303 17.31 -7.48 -8.92
N THR A 304 17.52 -8.56 -8.17
CA THR A 304 18.76 -8.70 -7.41
C THR A 304 20.04 -8.66 -8.25
N LEU A 305 20.06 -9.40 -9.35
CA LEU A 305 21.26 -9.44 -10.19
C LEU A 305 21.55 -8.10 -10.89
N GLN A 306 20.52 -7.43 -11.37
CA GLN A 306 20.72 -6.14 -12.02
C GLN A 306 21.30 -5.16 -10.99
N ASP A 307 20.73 -5.20 -9.79
CA ASP A 307 21.16 -4.32 -8.71
C ASP A 307 22.62 -4.62 -8.33
N ILE A 308 23.00 -5.89 -8.36
CA ILE A 308 24.38 -6.26 -8.04
C ILE A 308 25.32 -5.79 -9.15
N ILE A 309 24.92 -6.00 -10.40
CA ILE A 309 25.71 -5.59 -11.56
C ILE A 309 25.92 -4.10 -11.52
N ARG A 310 24.81 -3.39 -11.29
CA ARG A 310 24.83 -1.94 -11.22
C ARG A 310 25.83 -1.48 -10.16
N ARG A 311 25.77 -2.11 -9.00
CA ARG A 311 26.67 -1.75 -7.91
C ARG A 311 28.11 -2.10 -8.25
N PHE A 312 28.31 -3.24 -8.91
CA PHE A 312 29.65 -3.66 -9.30
C PHE A 312 30.30 -2.60 -10.18
N LYS A 313 29.56 -2.16 -11.19
CA LYS A 313 30.05 -1.14 -12.12
C LYS A 313 30.06 0.21 -11.40
N ALA A 314 30.71 0.25 -10.23
CA ALA A 314 30.81 1.46 -9.44
C ALA A 314 31.63 1.19 -8.19
N PHE A 327 34.65 -6.89 -16.03
CA PHE A 327 33.93 -7.99 -15.43
C PHE A 327 34.81 -9.15 -15.02
N ASP A 328 36.10 -9.06 -15.33
CA ASP A 328 37.02 -10.13 -14.97
C ASP A 328 37.16 -10.29 -13.47
N ALA A 329 37.01 -9.20 -12.74
CA ALA A 329 37.14 -9.24 -11.28
C ALA A 329 35.81 -9.33 -10.54
N PHE A 330 34.73 -9.55 -11.29
CA PHE A 330 33.39 -9.66 -10.71
C PHE A 330 33.30 -10.70 -9.57
N PRO A 331 33.76 -11.94 -9.81
CA PRO A 331 33.69 -12.96 -8.77
C PRO A 331 34.66 -12.75 -7.59
N ASP A 332 35.56 -11.78 -7.73
CA ASP A 332 36.50 -11.48 -6.64
C ASP A 332 35.87 -10.41 -5.76
N GLN A 333 34.80 -9.81 -6.27
CA GLN A 333 34.08 -8.76 -5.56
C GLN A 333 32.68 -9.22 -5.17
N VAL A 334 32.16 -10.21 -5.90
CA VAL A 334 30.82 -10.72 -5.67
C VAL A 334 30.73 -12.20 -5.38
N ALA A 335 29.94 -12.53 -4.35
CA ALA A 335 29.69 -13.92 -3.97
C ALA A 335 28.18 -13.97 -3.74
N ILE A 336 27.50 -14.85 -4.45
CA ILE A 336 26.05 -14.96 -4.28
C ILE A 336 25.70 -16.35 -3.80
N GLN A 337 25.15 -16.41 -2.60
CA GLN A 337 24.75 -17.69 -2.02
C GLN A 337 23.30 -18.00 -2.40
N LEU A 338 23.08 -19.17 -2.97
CA LEU A 338 21.75 -19.60 -3.38
C LEU A 338 21.10 -20.37 -2.22
N ASN A 339 20.09 -19.78 -1.59
CA ASN A 339 19.42 -20.46 -0.47
C ASN A 339 18.42 -21.45 -1.04
N ASP A 340 18.90 -22.66 -1.22
CA ASP A 340 18.13 -23.75 -1.80
C ASP A 340 17.96 -23.44 -3.29
N THR A 341 17.19 -24.26 -4.00
CA THR A 341 16.98 -24.08 -5.44
C THR A 341 15.99 -22.96 -5.82
N HIS A 342 15.35 -22.36 -4.82
CA HIS A 342 14.36 -21.31 -5.08
C HIS A 342 14.86 -20.20 -6.02
N PRO A 343 16.10 -19.73 -5.85
CA PRO A 343 16.65 -18.68 -6.71
C PRO A 343 17.55 -19.25 -7.82
N ALA A 344 17.36 -20.52 -8.15
CA ALA A 344 18.15 -21.18 -9.18
C ALA A 344 18.26 -20.41 -10.49
N LEU A 345 17.17 -19.73 -10.87
CA LEU A 345 17.14 -18.96 -12.11
C LEU A 345 18.23 -17.91 -12.21
N ALA A 346 18.83 -17.58 -11.06
CA ALA A 346 19.89 -16.58 -11.01
C ALA A 346 21.06 -16.96 -11.92
N ILE A 347 21.32 -18.27 -12.04
CA ILE A 347 22.42 -18.76 -12.86
C ILE A 347 22.21 -18.38 -14.33
N PRO A 348 21.10 -18.81 -14.94
CA PRO A 348 20.90 -18.44 -16.35
C PRO A 348 20.67 -16.93 -16.55
N GLU A 349 20.25 -16.25 -15.49
CA GLU A 349 20.00 -14.82 -15.56
C GLU A 349 21.33 -14.06 -15.56
N LEU A 350 22.30 -14.55 -14.81
CA LEU A 350 23.59 -13.89 -14.79
C LEU A 350 24.19 -14.11 -16.16
N MET A 351 24.05 -15.33 -16.67
CA MET A 351 24.57 -15.65 -18.00
C MET A 351 23.91 -14.75 -19.04
N ARG A 352 22.58 -14.63 -18.97
CA ARG A 352 21.82 -13.81 -19.90
C ARG A 352 22.33 -12.37 -19.91
N ILE A 353 22.61 -11.84 -18.73
CA ILE A 353 23.12 -10.48 -18.65
C ILE A 353 24.50 -10.39 -19.27
N PHE A 354 25.37 -11.32 -18.89
CA PHE A 354 26.74 -11.37 -19.42
C PHE A 354 26.75 -11.50 -20.94
N VAL A 355 26.00 -12.47 -21.46
CA VAL A 355 25.94 -12.73 -22.90
C VAL A 355 25.09 -11.78 -23.75
N ASP A 356 23.79 -11.71 -23.49
CA ASP A 356 22.88 -10.87 -24.26
C ASP A 356 23.00 -9.37 -24.04
N ILE A 357 23.48 -8.95 -22.89
CA ILE A 357 23.60 -7.52 -22.63
C ILE A 357 25.02 -6.99 -22.59
N GLU A 358 25.92 -7.73 -21.94
CA GLU A 358 27.30 -7.28 -21.85
C GLU A 358 28.13 -7.77 -23.02
N LYS A 359 27.55 -8.64 -23.84
CA LYS A 359 28.22 -9.16 -25.03
C LYS A 359 29.47 -10.00 -24.76
N LEU A 360 29.55 -10.62 -23.59
CA LEU A 360 30.71 -11.46 -23.28
C LEU A 360 30.54 -12.81 -23.96
N PRO A 361 31.66 -13.50 -24.24
CA PRO A 361 31.59 -14.80 -24.89
C PRO A 361 31.06 -15.81 -23.87
N TRP A 362 30.29 -16.79 -24.34
CA TRP A 362 29.74 -17.80 -23.46
C TRP A 362 30.78 -18.38 -22.50
N SER A 363 31.87 -18.89 -23.04
CA SER A 363 32.93 -19.50 -22.24
C SER A 363 33.37 -18.66 -21.05
N LYS A 364 33.63 -17.38 -21.31
CA LYS A 364 34.06 -16.43 -20.27
C LYS A 364 32.96 -16.19 -19.24
N ALA A 365 31.73 -16.02 -19.74
CA ALA A 365 30.57 -15.78 -18.90
C ALA A 365 30.29 -16.97 -17.98
N TRP A 366 30.35 -18.18 -18.54
CA TRP A 366 30.11 -19.40 -17.77
C TRP A 366 31.16 -19.57 -16.67
N GLU A 367 32.37 -19.12 -16.93
CA GLU A 367 33.46 -19.21 -15.97
C GLU A 367 33.18 -18.28 -14.79
N LEU A 368 32.87 -17.02 -15.08
CA LEU A 368 32.59 -16.05 -14.04
C LEU A 368 31.39 -16.45 -13.20
N THR A 369 30.38 -17.02 -13.86
CA THR A 369 29.17 -17.45 -13.19
C THR A 369 29.48 -18.48 -12.11
N GLN A 370 30.17 -19.56 -12.48
CA GLN A 370 30.49 -20.61 -11.52
C GLN A 370 31.26 -20.08 -10.33
N LYS A 371 32.18 -19.16 -10.59
CA LYS A 371 32.98 -18.56 -9.52
C LYS A 371 32.15 -17.62 -8.66
N THR A 372 31.01 -17.17 -9.19
CA THR A 372 30.15 -16.26 -8.45
C THR A 372 29.19 -16.99 -7.53
N PHE A 373 28.52 -18.02 -8.04
CA PHE A 373 27.54 -18.74 -7.25
C PHE A 373 28.02 -19.88 -6.36
N ALA A 374 27.21 -20.14 -5.34
CA ALA A 374 27.43 -21.23 -4.38
C ALA A 374 26.00 -21.65 -4.06
N TYR A 375 25.78 -22.95 -3.93
CA TYR A 375 24.44 -23.46 -3.66
C TYR A 375 24.34 -24.28 -2.36
N THR A 376 23.30 -23.99 -1.59
CA THR A 376 23.06 -24.68 -0.33
C THR A 376 21.82 -25.57 -0.50
N ASN A 377 21.99 -26.86 -0.23
CA ASN A 377 20.91 -27.82 -0.34
C ASN A 377 20.27 -27.97 1.04
N HIS A 378 18.96 -27.79 1.11
CA HIS A 378 18.23 -27.84 2.38
C HIS A 378 17.30 -29.00 2.59
N THR A 379 17.19 -29.90 1.64
CA THR A 379 16.27 -31.00 1.84
C THR A 379 16.62 -32.28 1.10
N VAL A 380 15.95 -33.36 1.50
CA VAL A 380 16.15 -34.69 0.92
C VAL A 380 14.84 -35.29 0.45
N LEU A 381 13.72 -34.78 0.96
CA LEU A 381 12.42 -35.31 0.57
C LEU A 381 12.13 -35.00 -0.91
N PRO A 382 11.77 -36.02 -1.68
CA PRO A 382 11.48 -35.90 -3.11
C PRO A 382 10.31 -34.97 -3.48
N GLU A 383 9.30 -34.92 -2.64
CA GLU A 383 8.13 -34.07 -2.91
C GLU A 383 8.45 -32.60 -2.68
N ALA A 384 9.67 -32.31 -2.24
CA ALA A 384 10.09 -30.93 -2.00
C ALA A 384 10.99 -30.42 -3.12
N LEU A 385 11.50 -31.34 -3.92
CA LEU A 385 12.40 -31.01 -5.04
C LEU A 385 11.78 -30.13 -6.11
N GLU A 386 12.45 -29.04 -6.45
CA GLU A 386 11.94 -28.13 -7.48
C GLU A 386 12.22 -28.66 -8.88
N ARG A 387 11.15 -28.94 -9.60
CA ARG A 387 11.24 -29.47 -10.96
C ARG A 387 10.16 -28.82 -11.83
N TRP A 388 10.52 -27.69 -12.45
CA TRP A 388 9.58 -26.94 -13.27
C TRP A 388 9.37 -27.49 -14.68
N PRO A 389 8.11 -27.58 -15.12
CA PRO A 389 7.74 -28.08 -16.46
C PRO A 389 8.34 -27.15 -17.51
N VAL A 390 9.06 -27.70 -18.48
CA VAL A 390 9.68 -26.87 -19.52
C VAL A 390 8.66 -26.03 -20.25
N ASP A 391 7.40 -26.44 -20.22
CA ASP A 391 6.32 -25.70 -20.87
C ASP A 391 6.03 -24.38 -20.16
N LEU A 392 5.96 -24.43 -18.84
CA LEU A 392 5.69 -23.25 -18.06
C LEU A 392 6.85 -22.27 -18.22
N VAL A 393 8.08 -22.76 -18.07
CA VAL A 393 9.27 -21.93 -18.20
C VAL A 393 9.41 -21.36 -19.61
N GLU A 394 9.05 -22.16 -20.61
CA GLU A 394 9.14 -21.72 -21.99
C GLU A 394 8.25 -20.51 -22.27
N LYS A 395 7.04 -20.55 -21.74
CA LYS A 395 6.09 -19.46 -21.94
C LYS A 395 6.50 -18.22 -21.15
N LEU A 396 6.87 -18.41 -19.89
CA LEU A 396 7.24 -17.29 -19.01
C LEU A 396 8.66 -16.76 -19.18
N LEU A 397 9.61 -17.68 -19.30
CA LEU A 397 11.02 -17.31 -19.46
C LEU A 397 11.63 -18.05 -20.65
N PRO A 398 11.18 -17.72 -21.87
CA PRO A 398 11.68 -18.36 -23.09
C PRO A 398 13.18 -18.26 -23.30
N ARG A 399 13.76 -17.11 -22.99
CA ARG A 399 15.18 -16.93 -23.18
C ARG A 399 15.98 -17.76 -22.19
N HIS A 400 15.48 -17.85 -20.96
CA HIS A 400 16.15 -18.63 -19.93
C HIS A 400 16.10 -20.12 -20.25
N LEU A 401 15.02 -20.57 -20.90
CA LEU A 401 14.94 -21.98 -21.25
C LEU A 401 16.07 -22.27 -22.24
N GLU A 402 16.24 -21.39 -23.23
CA GLU A 402 17.31 -21.57 -24.21
C GLU A 402 18.64 -21.68 -23.48
N ILE A 403 18.89 -20.76 -22.56
CA ILE A 403 20.13 -20.74 -21.80
C ILE A 403 20.34 -22.01 -20.96
N ILE A 404 19.26 -22.53 -20.40
CA ILE A 404 19.35 -23.73 -19.58
C ILE A 404 19.66 -24.90 -20.51
N TYR A 405 19.03 -24.93 -21.67
CA TYR A 405 19.31 -25.99 -22.63
C TYR A 405 20.79 -25.93 -22.97
N GLU A 406 21.27 -24.74 -23.29
CA GLU A 406 22.68 -24.55 -23.62
C GLU A 406 23.57 -25.16 -22.55
N ILE A 407 23.40 -24.68 -21.31
CA ILE A 407 24.18 -25.15 -20.18
C ILE A 407 24.23 -26.68 -20.13
N ASN A 408 23.04 -27.29 -20.26
CA ASN A 408 22.90 -28.74 -20.23
C ASN A 408 23.69 -29.40 -21.37
N GLN A 409 23.63 -28.81 -22.55
CA GLN A 409 24.34 -29.34 -23.71
C GLN A 409 25.85 -29.40 -23.44
N LYS A 410 26.44 -28.27 -23.08
CA LYS A 410 27.86 -28.20 -22.77
C LYS A 410 28.15 -29.21 -21.68
N HIS A 411 27.27 -29.25 -20.68
CA HIS A 411 27.39 -30.15 -19.54
C HIS A 411 27.41 -31.63 -19.94
N LEU A 412 26.41 -32.06 -20.71
CA LEU A 412 26.34 -33.45 -21.14
C LEU A 412 27.47 -33.84 -22.08
N ASP A 413 27.87 -32.94 -22.97
CA ASP A 413 28.95 -33.24 -23.90
C ASP A 413 30.21 -33.63 -23.12
N ARG A 414 30.44 -32.96 -21.99
CA ARG A 414 31.60 -33.22 -21.14
C ARG A 414 31.54 -34.64 -20.56
N ILE A 415 30.37 -35.00 -20.07
CA ILE A 415 30.16 -36.31 -19.48
C ILE A 415 30.48 -37.42 -20.48
N VAL A 416 30.07 -37.25 -21.73
CA VAL A 416 30.36 -38.24 -22.75
C VAL A 416 31.86 -38.21 -23.03
N ALA A 417 32.43 -37.00 -23.04
CA ALA A 417 33.86 -36.82 -23.28
C ALA A 417 34.68 -37.33 -22.10
N LEU A 418 34.05 -38.10 -21.22
CA LEU A 418 34.73 -38.66 -20.06
C LEU A 418 34.26 -40.10 -19.84
N PHE A 419 32.99 -40.35 -20.16
CA PHE A 419 32.40 -41.68 -20.03
C PHE A 419 31.60 -41.96 -21.29
N PRO A 420 32.28 -42.03 -22.44
CA PRO A 420 31.74 -42.27 -23.78
C PRO A 420 30.65 -43.33 -23.96
N LYS A 421 30.51 -44.25 -23.00
CA LYS A 421 29.51 -45.30 -23.14
C LYS A 421 28.43 -45.34 -22.07
N ASP A 422 28.70 -44.76 -20.90
CA ASP A 422 27.72 -44.76 -19.83
C ASP A 422 26.51 -43.92 -20.23
N VAL A 423 25.63 -44.53 -21.02
CA VAL A 423 24.43 -43.87 -21.53
C VAL A 423 23.45 -43.41 -20.44
N ASP A 424 23.15 -44.28 -19.49
CA ASP A 424 22.22 -43.95 -18.44
C ASP A 424 22.73 -42.88 -17.48
N ARG A 425 24.03 -42.62 -17.51
CA ARG A 425 24.60 -41.59 -16.64
C ARG A 425 24.27 -40.21 -17.16
N LEU A 426 24.14 -40.07 -18.48
CA LEU A 426 23.82 -38.79 -19.09
C LEU A 426 22.46 -38.29 -18.64
N ARG A 427 21.41 -39.04 -18.95
CA ARG A 427 20.07 -38.64 -18.55
C ARG A 427 19.98 -38.48 -17.04
N ARG A 428 20.80 -39.26 -16.33
CA ARG A 428 20.81 -39.23 -14.87
C ARG A 428 21.43 -37.93 -14.36
N MET A 429 22.25 -37.29 -15.19
CA MET A 429 22.94 -36.06 -14.82
C MET A 429 22.48 -34.79 -15.51
N SER A 430 21.59 -34.91 -16.48
CA SER A 430 21.13 -33.73 -17.21
C SER A 430 20.18 -32.89 -16.37
N LEU A 431 20.18 -31.59 -16.63
CA LEU A 431 19.30 -30.69 -15.90
C LEU A 431 17.86 -30.91 -16.35
N ILE A 432 17.67 -31.80 -17.32
CA ILE A 432 16.34 -32.04 -17.84
C ILE A 432 15.82 -33.47 -17.63
N GLU A 433 14.61 -33.57 -17.09
CA GLU A 433 13.98 -34.86 -16.86
C GLU A 433 13.03 -35.12 -18.00
N GLU A 434 13.43 -35.97 -18.95
CA GLU A 434 12.62 -36.29 -20.12
C GLU A 434 11.39 -37.15 -19.84
N GLU A 435 11.35 -37.77 -18.66
CA GLU A 435 10.22 -38.62 -18.30
C GLU A 435 8.88 -37.91 -18.46
N GLY A 436 7.91 -38.60 -19.06
CA GLY A 436 6.59 -38.04 -19.27
C GLY A 436 6.64 -36.61 -19.76
N SER A 437 6.20 -35.67 -18.92
CA SER A 437 6.21 -34.25 -19.26
C SER A 437 7.57 -33.69 -18.85
N LYS A 438 8.33 -33.22 -19.83
CA LYS A 438 9.66 -32.67 -19.60
C LYS A 438 9.72 -31.54 -18.57
N ARG A 439 10.59 -31.70 -17.59
CA ARG A 439 10.76 -30.72 -16.52
C ARG A 439 12.24 -30.48 -16.22
N ILE A 440 12.52 -29.37 -15.56
CA ILE A 440 13.88 -28.99 -15.21
C ILE A 440 14.22 -29.30 -13.76
N ASN A 441 15.37 -29.94 -13.55
CA ASN A 441 15.82 -30.26 -12.21
C ASN A 441 16.65 -29.08 -11.75
N MET A 442 16.02 -28.16 -11.02
CA MET A 442 16.69 -26.96 -10.54
C MET A 442 17.91 -27.25 -9.69
N ALA A 443 17.91 -28.39 -9.02
CA ALA A 443 19.05 -28.76 -8.20
C ALA A 443 20.26 -28.96 -9.10
N HIS A 444 20.06 -29.69 -10.19
CA HIS A 444 21.15 -29.95 -11.14
C HIS A 444 21.62 -28.65 -11.77
N LEU A 445 20.70 -27.75 -12.05
CA LEU A 445 21.09 -26.45 -12.60
C LEU A 445 21.98 -25.75 -11.56
N CYS A 446 21.60 -25.84 -10.29
CA CYS A 446 22.37 -25.21 -9.21
C CYS A 446 23.74 -25.81 -8.99
N ILE A 447 23.86 -27.12 -9.19
CA ILE A 447 25.16 -27.78 -9.03
C ILE A 447 26.17 -27.34 -10.09
N VAL A 448 25.79 -27.41 -11.37
CA VAL A 448 26.72 -27.03 -12.44
C VAL A 448 27.02 -25.52 -12.50
N GLY A 449 26.06 -24.71 -12.09
CA GLY A 449 26.28 -23.27 -12.12
C GLY A 449 27.00 -22.73 -10.91
N SER A 450 27.35 -23.59 -9.96
CA SER A 450 28.04 -23.12 -8.76
C SER A 450 29.39 -23.79 -8.58
N HIS A 451 30.30 -23.12 -7.87
CA HIS A 451 31.62 -23.66 -7.62
C HIS A 451 31.64 -24.43 -6.31
N ALA A 452 30.56 -24.30 -5.53
CA ALA A 452 30.47 -24.97 -4.24
C ALA A 452 29.03 -25.29 -3.87
N VAL A 453 28.82 -26.48 -3.34
CA VAL A 453 27.49 -26.94 -2.92
C VAL A 453 27.65 -27.45 -1.49
N ASN A 454 26.79 -26.99 -0.59
CA ASN A 454 26.91 -27.45 0.80
C ASN A 454 25.60 -27.94 1.38
N GLY A 455 25.70 -28.95 2.24
CA GLY A 455 24.56 -29.49 2.95
C GLY A 455 24.53 -28.68 4.23
N VAL A 456 23.57 -28.93 5.12
CA VAL A 456 23.47 -28.17 6.35
C VAL A 456 23.74 -28.92 7.64
N ALA A 457 24.39 -30.06 7.52
CA ALA A 457 24.73 -30.89 8.68
C ALA A 457 25.55 -32.08 8.18
N LYS A 458 26.52 -32.51 8.98
CA LYS A 458 27.38 -33.63 8.57
C LYS A 458 26.65 -34.78 7.89
N ILE A 459 25.69 -35.39 8.59
CA ILE A 459 24.93 -36.50 8.06
C ILE A 459 24.22 -36.15 6.74
N HIS A 460 23.66 -34.94 6.68
CA HIS A 460 22.93 -34.48 5.50
C HIS A 460 23.85 -34.24 4.31
N SER A 461 24.93 -33.50 4.55
CA SER A 461 25.89 -33.19 3.50
C SER A 461 26.50 -34.46 2.91
N ASP A 462 26.71 -35.46 3.75
CA ASP A 462 27.24 -36.73 3.29
C ASP A 462 26.25 -37.39 2.33
N ILE A 463 24.99 -37.43 2.73
CA ILE A 463 23.95 -38.03 1.91
C ILE A 463 23.80 -37.29 0.59
N VAL A 464 24.00 -35.97 0.62
CA VAL A 464 23.89 -35.16 -0.58
C VAL A 464 25.07 -35.42 -1.52
N LYS A 465 26.27 -35.51 -0.95
CA LYS A 465 27.46 -35.72 -1.73
C LYS A 465 27.67 -37.15 -2.23
N THR A 466 27.48 -38.15 -1.36
CA THR A 466 27.71 -39.53 -1.73
C THR A 466 26.55 -40.31 -2.35
N LYS A 467 25.32 -39.93 -2.04
CA LYS A 467 24.18 -40.64 -2.61
C LYS A 467 23.39 -39.84 -3.64
N VAL A 468 22.65 -38.84 -3.16
CA VAL A 468 21.83 -38.00 -4.02
C VAL A 468 22.56 -37.46 -5.27
N PHE A 469 23.76 -36.92 -5.09
CA PHE A 469 24.51 -36.39 -6.23
C PHE A 469 25.85 -37.07 -6.43
N LYS A 470 25.87 -38.38 -6.21
CA LYS A 470 27.08 -39.18 -6.37
C LYS A 470 27.74 -38.92 -7.72
N ASP A 471 26.94 -38.91 -8.79
CA ASP A 471 27.48 -38.67 -10.12
C ASP A 471 28.22 -37.34 -10.21
N PHE A 472 27.68 -36.29 -9.57
CA PHE A 472 28.31 -34.98 -9.61
C PHE A 472 29.53 -34.88 -8.69
N SER A 473 29.39 -35.41 -7.47
CA SER A 473 30.48 -35.38 -6.50
C SER A 473 31.68 -36.16 -7.00
N GLU A 474 31.41 -37.24 -7.74
CA GLU A 474 32.49 -38.05 -8.28
C GLU A 474 33.33 -37.27 -9.28
N LEU A 475 32.68 -36.43 -10.08
CA LEU A 475 33.37 -35.63 -11.07
C LEU A 475 34.05 -34.42 -10.45
N GLU A 476 33.38 -33.76 -9.53
CA GLU A 476 33.92 -32.59 -8.86
C GLU A 476 33.92 -32.80 -7.36
N PRO A 477 34.89 -33.58 -6.85
CA PRO A 477 35.05 -33.91 -5.43
C PRO A 477 35.05 -32.70 -4.50
N ASP A 478 35.91 -31.73 -4.78
CA ASP A 478 36.04 -30.54 -3.95
C ASP A 478 34.80 -29.64 -3.90
N LYS A 479 33.94 -29.75 -4.90
CA LYS A 479 32.73 -28.93 -4.96
C LYS A 479 31.76 -29.06 -3.78
N PHE A 480 31.51 -30.28 -3.33
CA PHE A 480 30.59 -30.50 -2.21
C PHE A 480 31.23 -30.36 -0.83
N GLN A 481 30.57 -29.59 0.03
CA GLN A 481 31.06 -29.33 1.39
C GLN A 481 29.93 -29.46 2.41
N ASN A 482 30.28 -29.29 3.68
CA ASN A 482 29.30 -29.29 4.75
C ASN A 482 29.50 -27.99 5.50
N LYS A 483 28.42 -27.47 6.06
CA LYS A 483 28.45 -26.26 6.85
C LYS A 483 27.29 -26.49 7.80
N THR A 484 27.59 -27.01 8.98
CA THR A 484 26.54 -27.29 9.95
C THR A 484 25.86 -25.99 10.37
N ASN A 485 24.53 -26.00 10.35
CA ASN A 485 23.71 -24.86 10.71
C ASN A 485 24.03 -24.29 12.11
N GLY A 486 23.45 -23.12 12.38
CA GLY A 486 23.66 -22.46 13.66
C GLY A 486 22.52 -21.48 13.95
N ILE A 487 22.51 -20.91 15.15
CA ILE A 487 21.48 -19.94 15.54
C ILE A 487 22.20 -18.76 16.16
N THR A 488 21.63 -17.56 16.09
CA THR A 488 22.32 -16.44 16.73
C THR A 488 22.04 -16.40 18.23
N PRO A 489 23.12 -16.38 19.05
CA PRO A 489 23.00 -16.34 20.50
C PRO A 489 22.48 -15.00 21.02
N ARG A 490 22.26 -14.06 20.12
CA ARG A 490 21.72 -12.78 20.57
C ARG A 490 20.22 -12.98 20.75
N ARG A 491 19.49 -13.15 19.66
CA ARG A 491 18.06 -13.36 19.78
C ARG A 491 17.71 -14.62 20.59
N TRP A 492 18.42 -15.72 20.34
CA TRP A 492 18.08 -16.96 21.03
C TRP A 492 18.75 -17.20 22.38
N LEU A 493 19.21 -16.13 23.02
CA LEU A 493 19.80 -16.25 24.35
C LEU A 493 19.71 -14.90 25.07
N LEU A 494 20.50 -13.93 24.63
CA LEU A 494 20.47 -12.60 25.25
C LEU A 494 19.07 -12.04 25.26
N LEU A 495 18.46 -11.97 24.09
CA LEU A 495 17.11 -11.44 23.97
C LEU A 495 16.02 -12.31 24.60
N CYS A 496 15.91 -13.57 24.15
CA CYS A 496 14.86 -14.46 24.67
C CYS A 496 15.02 -15.00 26.07
N ASN A 497 16.24 -15.10 26.58
CA ASN A 497 16.44 -15.63 27.93
C ASN A 497 17.41 -14.76 28.72
N PRO A 498 16.99 -13.54 29.05
CA PRO A 498 17.87 -12.65 29.82
C PRO A 498 18.34 -13.26 31.14
N GLY A 499 17.49 -14.07 31.76
CA GLY A 499 17.83 -14.71 33.01
C GLY A 499 19.04 -15.61 32.87
N LEU A 500 19.03 -16.46 31.85
CA LEU A 500 20.14 -17.39 31.62
C LEU A 500 21.40 -16.62 31.22
N ALA A 501 21.28 -15.75 30.22
CA ALA A 501 22.43 -14.97 29.77
C ALA A 501 23.16 -14.34 30.95
N GLU A 502 22.40 -13.77 31.87
CA GLU A 502 22.96 -13.13 33.05
C GLU A 502 23.69 -14.17 33.91
N LEU A 503 22.98 -15.24 34.29
CA LEU A 503 23.55 -16.28 35.13
C LEU A 503 24.91 -16.67 34.57
N ILE A 504 24.92 -16.98 33.28
CA ILE A 504 26.15 -17.38 32.61
C ILE A 504 27.24 -16.32 32.70
N ALA A 505 26.90 -15.09 32.34
CA ALA A 505 27.87 -13.99 32.39
C ALA A 505 28.40 -13.75 33.80
N GLU A 506 27.58 -14.03 34.80
CA GLU A 506 28.01 -13.84 36.19
C GLU A 506 29.06 -14.88 36.56
N LYS A 507 29.09 -15.98 35.81
CA LYS A 507 30.03 -17.04 36.11
C LYS A 507 31.30 -17.05 35.25
N ILE A 508 31.18 -16.66 33.98
CA ILE A 508 32.34 -16.69 33.10
C ILE A 508 32.55 -15.44 32.23
N GLY A 509 31.87 -14.35 32.54
CA GLY A 509 32.03 -13.15 31.73
C GLY A 509 31.13 -13.20 30.51
N GLU A 510 31.17 -12.15 29.70
CA GLU A 510 30.33 -12.07 28.51
C GLU A 510 31.02 -12.26 27.17
N ASP A 511 32.24 -12.78 27.20
CA ASP A 511 32.97 -13.03 25.95
C ASP A 511 32.21 -14.07 25.15
N TYR A 512 31.46 -14.92 25.85
CA TYR A 512 30.70 -15.99 25.21
C TYR A 512 29.71 -15.50 24.17
N VAL A 513 29.22 -14.27 24.34
CA VAL A 513 28.23 -13.74 23.40
C VAL A 513 28.76 -13.73 21.97
N LYS A 514 30.00 -13.29 21.79
CA LYS A 514 30.63 -13.24 20.47
C LYS A 514 31.47 -14.48 20.14
N ASP A 515 31.66 -15.36 21.12
CA ASP A 515 32.42 -16.60 20.94
C ASP A 515 31.73 -17.66 21.80
N LEU A 516 30.63 -18.20 21.31
CA LEU A 516 29.85 -19.17 22.07
C LEU A 516 30.63 -20.38 22.58
N SER A 517 31.73 -20.72 21.91
CA SER A 517 32.53 -21.85 22.36
C SER A 517 32.97 -21.61 23.81
N GLN A 518 33.01 -20.33 24.20
CA GLN A 518 33.39 -19.96 25.55
C GLN A 518 32.49 -20.62 26.59
N LEU A 519 31.33 -21.10 26.16
CA LEU A 519 30.40 -21.77 27.07
C LEU A 519 30.99 -23.05 27.69
N THR A 520 32.02 -23.61 27.08
CA THR A 520 32.64 -24.83 27.61
C THR A 520 33.19 -24.61 29.01
N LYS A 521 33.33 -23.34 29.41
CA LYS A 521 33.84 -23.01 30.73
C LYS A 521 32.82 -23.25 31.85
N LEU A 522 31.56 -23.45 31.46
CA LEU A 522 30.53 -23.71 32.44
C LEU A 522 30.75 -25.10 33.07
N HIS A 523 31.72 -25.82 32.53
CA HIS A 523 32.05 -27.15 33.03
C HIS A 523 32.61 -27.08 34.44
N SER A 524 33.38 -26.03 34.70
CA SER A 524 34.00 -25.80 36.00
C SER A 524 32.97 -25.83 37.12
N PHE A 525 31.70 -25.65 36.76
CA PHE A 525 30.64 -25.63 37.77
C PHE A 525 29.84 -26.91 37.84
N LEU A 526 30.37 -27.99 37.28
CA LEU A 526 29.66 -29.26 37.29
C LEU A 526 29.29 -29.79 38.69
N GLY A 527 30.15 -29.55 39.68
CA GLY A 527 29.85 -29.99 41.01
C GLY A 527 29.26 -28.92 41.91
N ASP A 528 29.25 -27.67 41.43
CA ASP A 528 28.72 -26.53 42.18
C ASP A 528 27.20 -26.60 42.35
N ASP A 529 26.77 -26.94 43.57
CA ASP A 529 25.36 -27.07 43.87
C ASP A 529 24.60 -25.75 43.82
N VAL A 530 25.23 -24.69 44.33
CA VAL A 530 24.56 -23.39 44.32
C VAL A 530 24.28 -22.96 42.88
N PHE A 531 25.28 -23.10 42.02
CA PHE A 531 25.11 -22.75 40.61
C PHE A 531 23.98 -23.58 39.99
N LEU A 532 23.95 -24.88 40.29
CA LEU A 532 22.92 -25.76 39.75
C LEU A 532 21.55 -25.35 40.25
N ARG A 533 21.45 -24.93 41.51
CA ARG A 533 20.17 -24.48 42.05
C ARG A 533 19.75 -23.19 41.36
N GLU A 534 20.74 -22.35 41.04
CA GLU A 534 20.52 -21.08 40.36
C GLU A 534 20.07 -21.32 38.92
N LEU A 535 20.63 -22.35 38.31
CA LEU A 535 20.30 -22.70 36.95
C LEU A 535 18.83 -23.08 36.86
N ALA A 536 18.39 -23.94 37.77
CA ALA A 536 17.01 -24.40 37.80
C ALA A 536 16.06 -23.29 38.18
N LYS A 537 16.58 -22.30 38.90
CA LYS A 537 15.76 -21.16 39.33
C LYS A 537 15.38 -20.38 38.08
N VAL A 538 16.39 -20.10 37.26
CA VAL A 538 16.17 -19.37 36.02
C VAL A 538 15.13 -20.11 35.17
N LYS A 539 15.28 -21.41 35.03
CA LYS A 539 14.34 -22.21 34.26
C LYS A 539 12.94 -22.07 34.84
N GLN A 540 12.87 -22.04 36.18
CA GLN A 540 11.59 -21.91 36.88
C GLN A 540 10.90 -20.57 36.61
N GLU A 541 11.65 -19.46 36.68
CA GLU A 541 11.10 -18.15 36.41
C GLU A 541 10.51 -18.10 35.01
N ASN A 542 11.23 -18.69 34.05
CA ASN A 542 10.78 -18.76 32.65
C ASN A 542 9.45 -19.49 32.55
N LYS A 543 9.37 -20.63 33.21
CA LYS A 543 8.16 -21.45 33.21
C LYS A 543 6.99 -20.73 33.84
N LEU A 544 7.25 -19.99 34.92
CA LEU A 544 6.19 -19.27 35.59
C LEU A 544 5.66 -18.12 34.74
N LYS A 545 6.56 -17.43 34.04
CA LYS A 545 6.17 -16.32 33.20
C LYS A 545 5.39 -16.81 31.98
N PHE A 546 5.88 -17.90 31.38
CA PHE A 546 5.20 -18.46 30.22
C PHE A 546 3.87 -19.14 30.62
N SER A 547 3.79 -19.61 31.86
CA SER A 547 2.57 -20.25 32.34
C SER A 547 1.46 -19.20 32.36
N GLN A 548 1.76 -18.04 32.93
CA GLN A 548 0.79 -16.95 33.00
C GLN A 548 0.30 -16.62 31.60
N PHE A 549 1.14 -16.91 30.60
CA PHE A 549 0.80 -16.67 29.21
C PHE A 549 -0.25 -17.69 28.78
N LEU A 550 0.04 -18.97 29.05
CA LEU A 550 -0.86 -20.07 28.71
C LEU A 550 -2.17 -19.97 29.48
N GLU A 551 -2.10 -19.38 30.67
CA GLU A 551 -3.27 -19.22 31.52
C GLU A 551 -4.28 -18.29 30.87
N THR A 552 -3.82 -17.10 30.48
CA THR A 552 -4.71 -16.11 29.87
C THR A 552 -5.16 -16.51 28.46
N GLU A 553 -4.30 -17.19 27.72
CA GLU A 553 -4.64 -17.61 26.37
C GLU A 553 -5.53 -18.84 26.31
N TYR A 554 -5.26 -19.81 27.19
CA TYR A 554 -6.06 -21.03 27.21
C TYR A 554 -6.66 -21.23 28.60
N LYS A 555 -7.88 -21.77 28.67
CA LYS A 555 -8.51 -22.01 29.96
C LYS A 555 -8.04 -23.34 30.52
N VAL A 556 -6.79 -23.35 30.96
CA VAL A 556 -6.19 -24.55 31.53
C VAL A 556 -5.30 -24.15 32.69
N LYS A 557 -5.44 -24.86 33.80
CA LYS A 557 -4.62 -24.59 34.96
C LYS A 557 -3.33 -25.36 34.78
N ILE A 558 -2.21 -24.64 34.70
CA ILE A 558 -0.91 -25.25 34.50
C ILE A 558 -0.22 -25.62 35.81
N ASN A 559 0.22 -26.87 35.90
CA ASN A 559 0.94 -27.36 37.06
C ASN A 559 2.33 -26.75 36.87
N PRO A 560 2.62 -25.65 37.56
CA PRO A 560 3.92 -24.99 37.44
C PRO A 560 5.12 -25.85 37.81
N SER A 561 4.88 -27.00 38.43
CA SER A 561 5.97 -27.89 38.83
C SER A 561 6.12 -29.07 37.89
N SER A 562 5.24 -29.17 36.90
CA SER A 562 5.30 -30.29 35.96
C SER A 562 6.50 -30.10 35.03
N MET A 563 6.81 -31.14 34.27
CA MET A 563 7.90 -31.09 33.31
C MET A 563 7.30 -30.54 32.02
N PHE A 564 7.92 -29.51 31.44
CA PHE A 564 7.44 -28.94 30.19
C PHE A 564 7.99 -29.70 29.00
N ASP A 565 7.14 -30.55 28.43
CA ASP A 565 7.50 -31.37 27.27
C ASP A 565 6.99 -30.62 26.02
N VAL A 566 7.92 -30.08 25.25
CA VAL A 566 7.56 -29.30 24.07
C VAL A 566 8.06 -29.73 22.69
N GLN A 567 7.14 -29.75 21.72
CA GLN A 567 7.50 -30.06 20.33
C GLN A 567 6.88 -28.97 19.45
N VAL A 568 7.68 -27.94 19.15
CA VAL A 568 7.19 -26.84 18.31
C VAL A 568 8.03 -26.72 17.05
N LYS A 569 7.33 -26.77 15.92
CA LYS A 569 7.94 -26.68 14.59
C LYS A 569 6.76 -26.82 13.63
N ARG A 570 7.01 -26.65 12.33
CA ARG A 570 5.95 -26.78 11.34
C ARG A 570 5.42 -28.22 11.42
N ILE A 571 4.13 -28.39 11.16
CA ILE A 571 3.50 -29.70 11.21
C ILE A 571 3.78 -30.49 9.94
N HIS A 572 4.37 -31.68 10.09
CA HIS A 572 4.70 -32.55 8.96
C HIS A 572 4.89 -34.00 9.43
N GLU A 573 4.44 -34.94 8.62
CA GLU A 573 4.54 -36.35 8.97
C GLU A 573 5.97 -36.81 9.30
N TYR A 574 6.95 -36.27 8.58
CA TYR A 574 8.32 -36.64 8.81
C TYR A 574 8.82 -36.12 10.14
N LYS A 575 8.13 -35.09 10.66
CA LYS A 575 8.49 -34.50 11.95
C LYS A 575 7.86 -35.25 13.12
N ARG A 576 6.85 -36.06 12.80
CA ARG A 576 6.17 -36.91 13.78
C ARG A 576 5.49 -36.33 14.99
N GLN A 577 4.64 -35.32 14.81
CA GLN A 577 3.91 -34.80 15.96
C GLN A 577 2.96 -35.95 16.37
N LEU A 578 2.75 -36.87 15.43
CA LEU A 578 1.89 -38.05 15.63
C LEU A 578 2.48 -38.99 16.69
N LEU A 579 3.72 -39.41 16.46
CA LEU A 579 4.41 -40.29 17.39
C LEU A 579 4.29 -39.70 18.79
N ASN A 580 4.53 -38.40 18.89
CA ASN A 580 4.43 -37.72 20.17
C ASN A 580 3.03 -37.89 20.72
N CYS A 581 2.05 -37.65 19.85
CA CYS A 581 0.65 -37.76 20.19
C CYS A 581 0.33 -39.18 20.67
N LEU A 582 0.92 -40.18 20.01
CA LEU A 582 0.70 -41.56 20.41
C LEU A 582 1.18 -41.73 21.85
N HIS A 583 2.27 -41.03 22.19
CA HIS A 583 2.83 -41.11 23.52
C HIS A 583 1.91 -40.47 24.56
N VAL A 584 1.43 -39.27 24.25
CA VAL A 584 0.55 -38.58 25.17
C VAL A 584 -0.65 -39.46 25.50
N ILE A 585 -1.24 -40.08 24.48
CA ILE A 585 -2.38 -40.94 24.67
C ILE A 585 -1.98 -42.15 25.53
N THR A 586 -0.76 -42.65 25.31
CA THR A 586 -0.27 -43.79 26.08
C THR A 586 -0.11 -43.41 27.55
N MET A 587 0.25 -42.16 27.82
CA MET A 587 0.41 -41.69 29.20
C MET A 587 -0.97 -41.52 29.84
N TYR A 588 -1.94 -41.13 29.03
CA TYR A 588 -3.31 -40.94 29.50
C TYR A 588 -3.85 -42.23 30.06
N ASN A 589 -3.81 -43.27 29.24
CA ASN A 589 -4.30 -44.57 29.63
C ASN A 589 -3.62 -45.02 30.92
N ARG A 590 -2.29 -45.02 30.91
CA ARG A 590 -1.54 -45.44 32.08
C ARG A 590 -2.08 -44.84 33.38
N ILE A 591 -2.41 -43.56 33.34
CA ILE A 591 -2.93 -42.88 34.52
C ILE A 591 -4.32 -43.39 34.90
N LYS A 592 -5.09 -43.77 33.88
CA LYS A 592 -6.44 -44.27 34.09
C LYS A 592 -6.40 -45.64 34.76
N LYS A 593 -5.54 -46.51 34.25
CA LYS A 593 -5.40 -47.86 34.76
C LYS A 593 -4.88 -47.84 36.20
N ASP A 594 -3.95 -46.94 36.48
CA ASP A 594 -3.37 -46.84 37.83
C ASP A 594 -3.16 -45.38 38.23
N PRO A 595 -4.24 -44.71 38.66
CA PRO A 595 -4.21 -43.30 39.08
C PRO A 595 -3.45 -43.02 40.37
N LYS A 596 -2.96 -44.05 41.03
CA LYS A 596 -2.23 -43.87 42.28
C LYS A 596 -0.72 -43.93 42.07
N LYS A 597 -0.32 -44.56 40.97
CA LYS A 597 1.09 -44.73 40.63
C LYS A 597 1.86 -43.40 40.68
N LEU A 598 3.03 -43.43 41.30
CA LEU A 598 3.87 -42.24 41.40
C LEU A 598 4.22 -41.80 39.99
N PHE A 599 3.68 -40.66 39.58
CA PHE A 599 3.88 -40.15 38.23
C PHE A 599 4.48 -38.75 38.19
N VAL A 600 5.50 -38.56 37.37
CA VAL A 600 6.11 -37.24 37.22
C VAL A 600 5.16 -36.44 36.33
N PRO A 601 4.54 -35.39 36.87
CA PRO A 601 3.60 -34.55 36.13
C PRO A 601 4.19 -33.83 34.92
N ARG A 602 3.46 -33.87 33.80
CA ARG A 602 3.90 -33.23 32.57
C ARG A 602 2.90 -32.23 31.98
N THR A 603 3.45 -31.27 31.27
CA THR A 603 2.68 -30.27 30.54
C THR A 603 3.21 -30.43 29.13
N VAL A 604 2.48 -31.18 28.30
CA VAL A 604 2.92 -31.42 26.93
C VAL A 604 2.42 -30.33 26.01
N ILE A 605 3.35 -29.68 25.33
CA ILE A 605 3.02 -28.61 24.41
C ILE A 605 3.43 -28.96 22.99
N ILE A 606 2.47 -28.98 22.09
CA ILE A 606 2.74 -29.26 20.68
C ILE A 606 2.15 -28.12 19.88
N GLY A 607 3.02 -27.45 19.12
CA GLY A 607 2.55 -26.33 18.32
C GLY A 607 3.21 -26.27 16.97
N GLY A 608 2.56 -25.61 16.02
CA GLY A 608 3.12 -25.48 14.69
C GLY A 608 2.02 -25.28 13.66
N LYS A 609 2.38 -24.68 12.54
CA LYS A 609 1.41 -24.44 11.49
C LYS A 609 1.49 -25.53 10.42
N ALA A 610 0.37 -25.79 9.78
CA ALA A 610 0.35 -26.79 8.72
C ALA A 610 0.18 -26.02 7.42
N ALA A 611 0.73 -26.54 6.32
CA ALA A 611 0.55 -25.88 5.03
C ALA A 611 -0.94 -26.05 4.73
N PRO A 612 -1.62 -24.96 4.33
CA PRO A 612 -3.05 -25.01 4.02
C PRO A 612 -3.51 -26.21 3.21
N GLY A 613 -2.73 -26.60 2.21
CA GLY A 613 -3.10 -27.73 1.39
C GLY A 613 -2.58 -29.08 1.85
N TYR A 614 -2.10 -29.15 3.08
CA TYR A 614 -1.56 -30.40 3.64
C TYR A 614 -2.65 -31.07 4.48
N HIS A 615 -3.43 -31.96 3.87
CA HIS A 615 -4.51 -32.62 4.57
C HIS A 615 -4.10 -33.42 5.81
N MET A 616 -3.09 -34.27 5.69
CA MET A 616 -2.65 -35.07 6.84
C MET A 616 -2.26 -34.22 8.03
N ALA A 617 -1.50 -33.16 7.79
CA ALA A 617 -1.05 -32.26 8.85
C ALA A 617 -2.24 -31.66 9.58
N LYS A 618 -3.27 -31.28 8.82
CA LYS A 618 -4.46 -30.71 9.44
C LYS A 618 -5.17 -31.78 10.28
N MET A 619 -5.20 -33.01 9.77
CA MET A 619 -5.82 -34.11 10.52
C MET A 619 -5.07 -34.29 11.84
N ILE A 620 -3.74 -34.31 11.76
CA ILE A 620 -2.91 -34.47 12.97
C ILE A 620 -3.18 -33.37 13.98
N ILE A 621 -3.32 -32.13 13.51
CA ILE A 621 -3.61 -31.03 14.41
C ILE A 621 -4.93 -31.32 15.13
N LYS A 622 -5.96 -31.68 14.36
CA LYS A 622 -7.26 -31.99 14.94
C LYS A 622 -7.13 -33.15 15.93
N LEU A 623 -6.36 -34.16 15.55
CA LEU A 623 -6.15 -35.31 16.39
C LEU A 623 -5.59 -34.87 17.74
N ILE A 624 -4.60 -33.97 17.70
CA ILE A 624 -3.97 -33.49 18.93
C ILE A 624 -4.90 -32.65 19.79
N THR A 625 -5.68 -31.77 19.16
CA THR A 625 -6.61 -30.95 19.92
C THR A 625 -7.69 -31.85 20.53
N SER A 626 -8.05 -32.91 19.81
CA SER A 626 -9.06 -33.84 20.29
C SER A 626 -8.51 -34.54 21.53
N VAL A 627 -7.27 -35.01 21.43
CA VAL A 627 -6.61 -35.69 22.54
C VAL A 627 -6.53 -34.77 23.74
N ALA A 628 -6.03 -33.57 23.51
CA ALA A 628 -5.89 -32.59 24.57
C ALA A 628 -7.20 -32.42 25.35
N ASP A 629 -8.30 -32.21 24.63
CA ASP A 629 -9.59 -32.05 25.29
C ASP A 629 -9.91 -33.20 26.22
N VAL A 630 -9.76 -34.43 25.73
CA VAL A 630 -10.07 -35.61 26.53
C VAL A 630 -9.17 -35.71 27.76
N VAL A 631 -7.91 -35.31 27.61
CA VAL A 631 -6.95 -35.40 28.71
C VAL A 631 -7.12 -34.27 29.71
N ASN A 632 -7.27 -33.05 29.20
CA ASN A 632 -7.41 -31.86 30.01
C ASN A 632 -8.64 -31.82 30.90
N ASN A 633 -9.72 -32.47 30.46
CA ASN A 633 -10.96 -32.47 31.20
C ASN A 633 -11.22 -33.72 32.02
N ASP A 634 -10.46 -34.78 31.77
CA ASP A 634 -10.65 -36.01 32.54
C ASP A 634 -10.37 -35.74 34.01
N PRO A 635 -11.38 -36.00 34.87
CA PRO A 635 -11.30 -35.80 36.31
C PRO A 635 -10.23 -36.62 37.04
N MET A 636 -9.95 -37.82 36.54
CA MET A 636 -8.95 -38.66 37.18
C MET A 636 -7.50 -38.20 36.92
N VAL A 637 -7.23 -37.67 35.72
CA VAL A 637 -5.89 -37.20 35.39
C VAL A 637 -5.52 -35.91 36.12
N GLY A 638 -6.50 -35.00 36.23
CA GLY A 638 -6.26 -33.74 36.92
C GLY A 638 -5.00 -32.99 36.51
N SER A 639 -4.31 -32.42 37.48
CA SER A 639 -3.08 -31.66 37.22
C SER A 639 -1.88 -32.56 37.01
N LYS A 640 -2.12 -33.82 36.66
CA LYS A 640 -1.05 -34.77 36.44
C LYS A 640 -0.52 -34.66 35.00
N LEU A 641 -1.41 -34.39 34.06
CA LEU A 641 -1.05 -34.28 32.65
C LEU A 641 -1.95 -33.31 31.91
N LYS A 642 -1.35 -32.29 31.29
CA LYS A 642 -2.10 -31.31 30.52
C LYS A 642 -1.51 -31.21 29.11
N VAL A 643 -2.39 -31.14 28.11
CA VAL A 643 -1.94 -31.06 26.73
C VAL A 643 -2.33 -29.69 26.14
N ILE A 644 -1.36 -29.02 25.54
CA ILE A 644 -1.60 -27.71 24.94
C ILE A 644 -1.13 -27.68 23.49
N PHE A 645 -1.93 -27.10 22.62
CA PHE A 645 -1.54 -26.96 21.23
C PHE A 645 -1.22 -25.48 21.06
N LEU A 646 0.05 -25.12 21.18
CA LEU A 646 0.48 -23.72 21.04
C LEU A 646 0.05 -23.18 19.70
N GLU A 647 -0.94 -22.30 19.73
CA GLU A 647 -1.46 -21.71 18.50
C GLU A 647 -0.58 -20.63 17.89
N ASN A 648 -0.60 -20.58 16.56
CA ASN A 648 0.14 -19.55 15.84
C ASN A 648 1.62 -19.54 16.23
N TYR A 649 2.25 -20.71 16.16
CA TYR A 649 3.66 -20.78 16.51
C TYR A 649 4.41 -19.93 15.48
N ARG A 650 5.24 -19.03 15.99
CA ARG A 650 6.03 -18.13 15.15
C ARG A 650 7.27 -17.71 15.93
N VAL A 651 8.15 -16.94 15.28
CA VAL A 651 9.40 -16.48 15.91
C VAL A 651 9.28 -15.82 17.26
N SER A 652 8.42 -14.83 17.40
CA SER A 652 8.29 -14.15 18.69
C SER A 652 7.72 -15.10 19.75
N LEU A 653 6.90 -16.06 19.34
CA LEU A 653 6.33 -17.03 20.28
C LEU A 653 7.41 -18.05 20.71
N ALA A 654 8.29 -18.40 19.78
CA ALA A 654 9.36 -19.35 20.09
C ALA A 654 10.24 -18.77 21.19
N GLU A 655 10.47 -17.47 21.12
CA GLU A 655 11.29 -16.79 22.10
C GLU A 655 10.68 -16.91 23.51
N LYS A 656 9.37 -17.17 23.58
CA LYS A 656 8.71 -17.31 24.87
C LYS A 656 8.73 -18.75 25.39
N VAL A 657 8.23 -19.69 24.59
CA VAL A 657 8.14 -21.07 24.98
C VAL A 657 9.48 -21.81 25.13
N ILE A 658 10.39 -21.62 24.19
CA ILE A 658 11.68 -22.30 24.24
C ILE A 658 12.39 -22.17 25.61
N PRO A 659 12.56 -20.93 26.11
CA PRO A 659 13.24 -20.72 27.40
C PRO A 659 12.52 -21.37 28.58
N ALA A 660 11.26 -21.71 28.39
CA ALA A 660 10.45 -22.32 29.44
C ALA A 660 10.42 -23.84 29.30
N THR A 661 11.20 -24.38 28.37
CA THR A 661 11.17 -25.82 28.15
C THR A 661 12.16 -26.67 28.94
N ASP A 662 11.74 -27.88 29.29
CA ASP A 662 12.57 -28.84 30.00
C ASP A 662 12.97 -29.94 29.01
N LEU A 663 11.98 -30.46 28.28
CA LEU A 663 12.21 -31.53 27.32
C LEU A 663 11.89 -31.10 25.90
N SER A 664 12.90 -31.16 25.02
CA SER A 664 12.74 -30.77 23.63
C SER A 664 12.54 -31.98 22.70
N GLU A 665 11.38 -32.02 22.06
CA GLU A 665 11.06 -33.10 21.14
C GLU A 665 11.70 -32.86 19.77
N GLN A 666 12.63 -33.74 19.39
CA GLN A 666 13.31 -33.65 18.08
C GLN A 666 13.27 -35.10 17.60
N ILE A 667 12.08 -35.55 17.22
CA ILE A 667 11.87 -36.94 16.84
C ILE A 667 11.61 -37.29 15.38
N SER A 668 12.18 -36.53 14.46
CA SER A 668 12.00 -36.82 13.04
C SER A 668 12.59 -38.18 12.68
N THR A 669 12.02 -38.83 11.66
CA THR A 669 12.54 -40.12 11.21
C THR A 669 13.97 -39.92 10.74
N ALA A 670 14.88 -40.79 11.14
CA ALA A 670 16.29 -40.68 10.74
C ALA A 670 16.44 -40.51 9.22
N GLY A 671 17.14 -39.44 8.83
CA GLY A 671 17.38 -39.16 7.42
C GLY A 671 16.43 -38.14 6.81
N THR A 672 15.45 -37.69 7.58
CA THR A 672 14.46 -36.74 7.08
C THR A 672 14.75 -35.28 7.38
N GLU A 673 15.17 -35.00 8.61
CA GLU A 673 15.48 -33.63 9.01
C GLU A 673 16.93 -33.30 8.63
N ALA A 674 17.11 -32.54 7.55
CA ALA A 674 18.44 -32.18 7.10
C ALA A 674 19.34 -31.68 8.22
N SER A 675 18.79 -30.88 9.13
CA SER A 675 19.60 -30.35 10.21
C SER A 675 18.79 -29.99 11.44
N GLY A 676 17.85 -29.08 11.26
CA GLY A 676 17.04 -28.62 12.37
C GLY A 676 17.82 -27.50 13.03
N THR A 677 17.12 -26.57 13.66
CA THR A 677 17.77 -25.46 14.36
C THR A 677 17.01 -25.20 15.67
N GLY A 678 15.77 -25.68 15.72
CA GLY A 678 15.01 -25.53 16.94
C GLY A 678 15.70 -26.38 18.00
N ASN A 679 16.28 -27.49 17.57
CA ASN A 679 16.99 -28.39 18.46
C ASN A 679 18.09 -27.63 19.19
N MET A 680 18.80 -26.79 18.44
CA MET A 680 19.89 -25.98 18.97
C MET A 680 19.38 -24.94 19.96
N LYS A 681 18.31 -24.23 19.60
CA LYS A 681 17.74 -23.20 20.47
C LYS A 681 17.43 -23.78 21.84
N PHE A 682 16.79 -24.95 21.84
CA PHE A 682 16.44 -25.62 23.08
C PHE A 682 17.69 -26.02 23.87
N MET A 683 18.70 -26.53 23.17
CA MET A 683 19.93 -26.95 23.82
C MET A 683 20.57 -25.76 24.53
N LEU A 684 20.65 -24.63 23.83
CA LEU A 684 21.24 -23.42 24.37
C LEU A 684 20.42 -22.82 25.51
N ASN A 685 19.13 -23.12 25.55
CA ASN A 685 18.26 -22.55 26.57
C ASN A 685 17.93 -23.35 27.82
N GLY A 686 18.64 -24.46 28.01
CA GLY A 686 18.41 -25.24 29.22
C GLY A 686 17.46 -26.39 29.16
N ALA A 687 17.18 -26.90 27.97
CA ALA A 687 16.28 -28.05 27.85
C ALA A 687 17.09 -29.30 27.50
N LEU A 688 16.57 -30.47 27.85
CA LEU A 688 17.22 -31.72 27.49
C LEU A 688 16.49 -32.18 26.25
N THR A 689 17.21 -32.88 25.38
CA THR A 689 16.64 -33.34 24.12
C THR A 689 16.31 -34.83 24.04
N ILE A 690 15.11 -35.13 23.54
CA ILE A 690 14.71 -36.50 23.32
C ILE A 690 14.51 -36.58 21.82
N GLY A 691 15.33 -37.40 21.16
CA GLY A 691 15.19 -37.52 19.72
C GLY A 691 16.00 -38.62 19.08
N THR A 692 15.90 -38.65 17.76
CA THR A 692 16.59 -39.64 16.96
C THR A 692 17.95 -39.08 16.54
N MET A 693 18.80 -39.98 16.06
CA MET A 693 20.11 -39.60 15.60
C MET A 693 19.88 -39.09 14.17
N ASP A 694 19.41 -37.85 14.06
CA ASP A 694 19.12 -37.25 12.76
C ASP A 694 19.63 -35.81 12.69
N GLY A 695 19.73 -35.28 11.48
CA GLY A 695 20.19 -33.92 11.29
C GLY A 695 21.31 -33.55 12.23
N ALA A 696 21.24 -32.34 12.78
CA ALA A 696 22.24 -31.87 13.71
C ALA A 696 22.09 -32.53 15.08
N ASN A 697 21.03 -33.29 15.29
CA ASN A 697 20.86 -33.97 16.57
C ASN A 697 22.13 -34.80 16.82
N VAL A 698 22.67 -35.39 15.76
CA VAL A 698 23.87 -36.21 15.88
C VAL A 698 25.03 -35.41 16.44
N GLU A 699 25.27 -34.24 15.87
CA GLU A 699 26.37 -33.41 16.30
C GLU A 699 26.15 -32.86 17.71
N MET A 700 24.89 -32.74 18.11
CA MET A 700 24.59 -32.28 19.46
C MET A 700 25.05 -33.35 20.46
N ALA A 701 24.89 -34.61 20.07
CA ALA A 701 25.30 -35.72 20.92
C ALA A 701 26.82 -35.78 20.91
N GLU A 702 27.41 -35.54 19.75
CA GLU A 702 28.86 -35.54 19.62
C GLU A 702 29.48 -34.53 20.59
N GLU A 703 28.94 -33.31 20.57
CA GLU A 703 29.43 -32.23 21.42
C GLU A 703 29.19 -32.41 22.91
N ALA A 704 27.95 -32.76 23.26
CA ALA A 704 27.60 -32.91 24.67
C ALA A 704 27.87 -34.29 25.24
N GLY A 705 27.92 -35.30 24.37
CA GLY A 705 28.13 -36.67 24.82
C GLY A 705 26.79 -37.38 24.72
N GLU A 706 26.72 -38.38 23.85
CA GLU A 706 25.49 -39.13 23.62
C GLU A 706 24.69 -39.46 24.88
N GLU A 707 25.40 -39.71 25.96
CA GLU A 707 24.75 -40.06 27.22
C GLU A 707 23.99 -38.90 27.83
N ASN A 708 24.30 -37.69 27.38
CA ASN A 708 23.65 -36.49 27.91
C ASN A 708 22.49 -36.00 27.06
N LEU A 709 22.04 -36.86 26.17
CA LEU A 709 20.89 -36.58 25.33
C LEU A 709 20.10 -37.88 25.35
N PHE A 710 18.79 -37.79 25.16
CA PHE A 710 17.98 -38.99 25.14
C PHE A 710 17.71 -39.47 23.72
N ILE A 711 18.73 -40.06 23.10
CA ILE A 711 18.61 -40.60 21.74
C ILE A 711 17.78 -41.87 21.80
N PHE A 712 17.19 -42.26 20.68
CA PHE A 712 16.38 -43.47 20.63
C PHE A 712 15.98 -43.80 19.19
N GLY A 713 15.25 -44.91 19.05
CA GLY A 713 14.75 -45.33 17.75
C GLY A 713 15.76 -45.71 16.70
N MET A 714 15.26 -45.97 15.50
CA MET A 714 16.10 -46.35 14.36
C MET A 714 17.07 -45.26 13.95
N ARG A 715 18.16 -45.68 13.33
CA ARG A 715 19.19 -44.78 12.84
C ARG A 715 19.13 -44.86 11.33
N ILE A 716 19.88 -44.00 10.65
CA ILE A 716 19.86 -43.98 9.20
C ILE A 716 19.89 -45.37 8.56
N ASP A 717 20.78 -46.25 9.02
CA ASP A 717 20.88 -47.58 8.46
C ASP A 717 19.68 -48.48 8.81
N ASP A 718 19.16 -48.34 10.02
CA ASP A 718 18.01 -49.15 10.43
C ASP A 718 16.81 -48.86 9.53
N VAL A 719 16.75 -47.63 9.01
CA VAL A 719 15.69 -47.21 8.12
C VAL A 719 15.86 -47.90 6.78
N ALA A 720 17.11 -47.94 6.31
CA ALA A 720 17.43 -48.58 5.04
C ALA A 720 16.99 -50.04 5.10
N ALA A 721 17.48 -50.75 6.11
CA ALA A 721 17.16 -52.16 6.28
C ALA A 721 15.65 -52.40 6.28
N LEU A 722 14.94 -51.71 7.17
CA LEU A 722 13.50 -51.85 7.27
C LEU A 722 12.82 -51.58 5.92
N ASP A 723 13.45 -50.77 5.08
CA ASP A 723 12.89 -50.48 3.78
C ASP A 723 12.99 -51.75 2.96
N LYS A 724 14.22 -52.15 2.66
CA LYS A 724 14.48 -53.34 1.86
C LYS A 724 13.57 -54.49 2.26
N LYS A 725 13.51 -54.77 3.56
CA LYS A 725 12.65 -55.84 4.05
C LYS A 725 11.20 -55.57 3.67
N GLY A 726 10.72 -54.37 4.01
CA GLY A 726 9.36 -53.99 3.71
C GLY A 726 8.64 -53.72 5.02
N TYR A 727 8.28 -52.47 5.24
CA TYR A 727 7.60 -52.06 6.47
C TYR A 727 6.14 -52.51 6.52
N GLU A 728 5.76 -53.16 7.62
CA GLU A 728 4.38 -53.62 7.80
C GLU A 728 3.92 -53.21 9.19
N ALA A 729 3.41 -51.99 9.30
CA ALA A 729 2.94 -51.43 10.56
C ALA A 729 2.01 -52.31 11.38
N LYS A 730 1.24 -53.18 10.73
CA LYS A 730 0.31 -54.05 11.46
C LYS A 730 0.99 -54.90 12.53
N GLU A 731 2.22 -55.32 12.26
CA GLU A 731 2.99 -56.16 13.19
C GLU A 731 3.26 -55.51 14.54
N TYR A 732 3.73 -54.27 14.54
CA TYR A 732 4.01 -53.57 15.81
C TYR A 732 2.67 -53.32 16.51
N TYR A 733 1.63 -53.11 15.71
CA TYR A 733 0.29 -52.86 16.25
C TYR A 733 -0.14 -54.03 17.13
N GLU A 734 0.36 -55.22 16.83
CA GLU A 734 0.04 -56.42 17.61
C GLU A 734 1.08 -56.71 18.69
N ALA A 735 2.35 -56.68 18.31
CA ALA A 735 3.44 -56.96 19.25
C ALA A 735 3.46 -55.98 20.43
N LEU A 736 2.96 -54.78 20.19
CA LEU A 736 2.93 -53.75 21.23
C LEU A 736 1.51 -53.50 21.71
N PRO A 737 1.15 -54.04 22.89
CA PRO A 737 -0.17 -53.91 23.52
C PRO A 737 -0.65 -52.50 23.83
N GLU A 738 0.22 -51.65 24.37
CA GLU A 738 -0.19 -50.27 24.67
C GLU A 738 -0.51 -49.50 23.40
N LEU A 739 0.18 -49.84 22.32
CA LEU A 739 -0.04 -49.20 21.03
C LEU A 739 -1.43 -49.54 20.52
N LYS A 740 -1.74 -50.83 20.46
CA LYS A 740 -3.04 -51.30 19.98
C LYS A 740 -4.16 -50.51 20.65
N LEU A 741 -4.03 -50.35 21.96
CA LEU A 741 -5.02 -49.60 22.73
C LEU A 741 -5.08 -48.17 22.22
N VAL A 742 -3.91 -47.56 22.05
CA VAL A 742 -3.82 -46.19 21.54
C VAL A 742 -4.56 -46.14 20.21
N ILE A 743 -4.10 -46.94 19.26
CA ILE A 743 -4.69 -46.99 17.93
C ILE A 743 -6.19 -47.22 17.95
N ASP A 744 -6.63 -48.27 18.64
CA ASP A 744 -8.05 -48.56 18.71
C ASP A 744 -8.87 -47.38 19.21
N GLN A 745 -8.40 -46.71 20.27
CA GLN A 745 -9.13 -45.57 20.80
C GLN A 745 -9.30 -44.50 19.73
N ILE A 746 -8.26 -44.28 18.94
CA ILE A 746 -8.29 -43.29 17.87
C ILE A 746 -9.33 -43.69 16.83
N ASP A 747 -9.15 -44.88 16.28
CA ASP A 747 -10.02 -45.40 15.24
C ASP A 747 -11.47 -45.69 15.69
N ASN A 748 -11.65 -46.03 16.96
CA ASN A 748 -12.98 -46.35 17.48
C ASN A 748 -13.79 -45.10 17.80
N GLY A 749 -13.10 -43.98 17.95
CA GLY A 749 -13.80 -42.73 18.24
C GLY A 749 -13.80 -42.32 19.70
N PHE A 750 -12.82 -42.78 20.47
CA PHE A 750 -12.74 -42.41 21.90
C PHE A 750 -12.41 -40.93 21.99
N PHE A 751 -11.75 -40.41 20.95
CA PHE A 751 -11.38 -39.00 20.90
C PHE A 751 -12.22 -38.23 19.90
N SER A 752 -13.17 -38.92 19.26
CA SER A 752 -14.06 -38.29 18.29
C SER A 752 -15.44 -38.94 18.31
N PRO A 753 -16.12 -38.90 19.46
CA PRO A 753 -17.45 -39.50 19.62
C PRO A 753 -18.38 -39.16 18.47
N LYS A 754 -18.70 -37.88 18.34
CA LYS A 754 -19.59 -37.40 17.30
C LYS A 754 -19.19 -37.89 15.90
N GLN A 755 -17.94 -38.30 15.74
CA GLN A 755 -17.46 -38.77 14.44
C GLN A 755 -16.53 -39.96 14.58
N PRO A 756 -17.09 -41.14 14.85
CA PRO A 756 -16.37 -42.42 15.04
C PRO A 756 -15.25 -42.71 14.06
N ASP A 757 -15.47 -42.40 12.78
CA ASP A 757 -14.45 -42.65 11.76
C ASP A 757 -13.71 -41.39 11.30
N LEU A 758 -13.76 -40.35 12.13
CA LEU A 758 -13.12 -39.08 11.83
C LEU A 758 -11.65 -39.21 11.42
N PHE A 759 -10.86 -39.90 12.23
CA PHE A 759 -9.44 -40.07 11.96
C PHE A 759 -9.05 -41.28 11.13
N LYS A 760 -10.01 -41.89 10.43
CA LYS A 760 -9.71 -43.05 9.61
C LYS A 760 -8.59 -42.77 8.63
N ASP A 761 -8.56 -41.54 8.12
CA ASP A 761 -7.53 -41.14 7.19
C ASP A 761 -6.14 -41.37 7.80
N ILE A 762 -6.00 -41.07 9.09
CA ILE A 762 -4.73 -41.25 9.79
C ILE A 762 -4.41 -42.75 9.94
N ILE A 763 -5.37 -43.49 10.49
CA ILE A 763 -5.21 -44.93 10.69
C ILE A 763 -4.82 -45.58 9.37
N ASN A 764 -5.53 -45.21 8.31
CA ASN A 764 -5.25 -45.73 6.98
C ASN A 764 -3.79 -45.51 6.62
N MET A 765 -3.36 -44.24 6.67
CA MET A 765 -1.99 -43.86 6.35
C MET A 765 -0.99 -44.61 7.25
N LEU A 766 -1.25 -44.59 8.54
CA LEU A 766 -0.39 -45.23 9.53
C LEU A 766 -0.20 -46.74 9.31
N PHE A 767 -1.24 -47.42 8.86
CA PHE A 767 -1.16 -48.86 8.61
C PHE A 767 -0.65 -49.26 7.24
N TYR A 768 -0.91 -48.46 6.22
CA TYR A 768 -0.48 -48.83 4.87
C TYR A 768 0.28 -47.78 4.04
N HIS A 769 0.50 -46.59 4.58
CA HIS A 769 1.20 -45.56 3.81
C HIS A 769 2.10 -44.65 4.63
N ASP A 770 2.63 -45.15 5.73
CA ASP A 770 3.49 -44.33 6.58
C ASP A 770 4.95 -44.43 6.16
N ARG A 771 5.34 -43.59 5.23
CA ARG A 771 6.70 -43.58 4.73
C ARG A 771 7.68 -43.06 5.80
N PHE A 772 7.16 -42.75 6.98
CA PHE A 772 8.00 -42.25 8.05
C PHE A 772 8.03 -43.15 9.29
N LYS A 773 7.55 -44.36 9.10
CA LYS A 773 7.54 -45.43 10.11
C LYS A 773 7.31 -45.02 11.56
N VAL A 774 6.13 -44.50 11.86
CA VAL A 774 5.81 -44.08 13.23
C VAL A 774 5.85 -45.26 14.21
N PHE A 775 5.10 -46.31 13.91
CA PHE A 775 5.05 -47.50 14.77
C PHE A 775 6.42 -48.10 15.06
N ALA A 776 7.30 -48.10 14.06
CA ALA A 776 8.64 -48.66 14.19
C ALA A 776 9.54 -47.98 15.24
N ASP A 777 9.18 -46.79 15.69
CA ASP A 777 10.00 -46.11 16.70
C ASP A 777 9.22 -45.90 17.99
N TYR A 778 7.96 -46.29 17.98
CA TYR A 778 7.08 -46.16 19.15
C TYR A 778 7.63 -46.82 20.40
N GLU A 779 7.99 -48.09 20.30
CA GLU A 779 8.50 -48.84 21.44
C GLU A 779 9.72 -48.16 22.03
N ALA A 780 10.73 -47.93 21.21
CA ALA A 780 11.93 -47.26 21.69
C ALA A 780 11.56 -45.89 22.24
N TYR A 781 10.75 -45.15 21.50
CA TYR A 781 10.33 -43.82 21.93
C TYR A 781 9.74 -43.82 23.34
N VAL A 782 8.67 -44.58 23.53
CA VAL A 782 8.02 -44.67 24.83
C VAL A 782 9.01 -45.12 25.90
N LYS A 783 9.90 -46.04 25.53
CA LYS A 783 10.91 -46.57 26.44
C LYS A 783 11.82 -45.43 26.87
N CYS A 784 12.20 -44.61 25.90
CA CYS A 784 13.06 -43.48 26.16
C CYS A 784 12.37 -42.46 27.07
N GLN A 785 11.11 -42.18 26.78
CA GLN A 785 10.34 -41.23 27.56
C GLN A 785 10.28 -41.56 29.04
N ASP A 786 10.09 -42.83 29.37
CA ASP A 786 10.03 -43.24 30.78
C ASP A 786 11.34 -42.85 31.45
N LYS A 787 12.45 -43.12 30.78
CA LYS A 787 13.76 -42.80 31.34
C LYS A 787 13.88 -41.30 31.60
N VAL A 788 13.30 -40.49 30.72
CA VAL A 788 13.33 -39.04 30.88
C VAL A 788 12.67 -38.66 32.21
N SER A 789 11.51 -39.25 32.47
CA SER A 789 10.80 -38.96 33.71
C SER A 789 11.60 -39.46 34.90
N GLN A 790 12.32 -40.57 34.71
CA GLN A 790 13.15 -41.12 35.77
C GLN A 790 14.15 -40.06 36.22
N LEU A 791 14.91 -39.56 35.26
CA LEU A 791 15.91 -38.55 35.54
C LEU A 791 15.31 -37.26 36.12
N TYR A 792 14.12 -36.90 35.67
CA TYR A 792 13.48 -35.68 36.14
C TYR A 792 13.27 -35.67 37.65
N MET A 793 12.98 -36.84 38.21
CA MET A 793 12.76 -36.99 39.64
C MET A 793 14.01 -36.64 40.44
N ASN A 794 15.16 -36.67 39.77
CA ASN A 794 16.43 -36.36 40.40
C ASN A 794 16.90 -34.99 39.92
N PRO A 795 16.33 -33.91 40.48
CA PRO A 795 16.67 -32.54 40.10
C PRO A 795 18.15 -32.29 39.90
N LYS A 796 18.95 -32.76 40.86
CA LYS A 796 20.39 -32.58 40.83
C LYS A 796 21.04 -33.22 39.60
N ALA A 797 20.51 -34.36 39.17
CA ALA A 797 21.07 -35.04 38.02
C ALA A 797 20.54 -34.42 36.72
N TRP A 798 19.26 -34.05 36.72
CA TRP A 798 18.64 -33.45 35.55
C TRP A 798 19.38 -32.15 35.20
N ASN A 799 19.63 -31.34 36.21
CA ASN A 799 20.30 -30.06 36.00
C ASN A 799 21.78 -30.25 35.68
N THR A 800 22.32 -31.39 36.07
CA THR A 800 23.70 -31.69 35.79
C THR A 800 23.83 -31.96 34.29
N MET A 801 22.88 -32.73 33.76
CA MET A 801 22.90 -33.03 32.34
C MET A 801 22.63 -31.75 31.53
N VAL A 802 21.73 -30.91 32.03
CA VAL A 802 21.40 -29.65 31.38
C VAL A 802 22.66 -28.81 31.23
N LEU A 803 23.39 -28.66 32.33
CA LEU A 803 24.64 -27.89 32.34
C LEU A 803 25.61 -28.40 31.29
N LYS A 804 25.69 -29.73 31.14
CA LYS A 804 26.59 -30.30 30.15
C LYS A 804 26.10 -29.94 28.75
N ASN A 805 24.78 -29.86 28.58
CA ASN A 805 24.20 -29.50 27.29
C ASN A 805 24.52 -28.04 26.95
N ILE A 806 24.16 -27.13 27.85
CA ILE A 806 24.41 -25.70 27.66
C ILE A 806 25.91 -25.43 27.46
N ALA A 807 26.74 -26.11 28.26
CA ALA A 807 28.19 -25.93 28.15
C ALA A 807 28.76 -26.47 26.84
N ALA A 808 27.98 -27.30 26.15
CA ALA A 808 28.44 -27.87 24.89
C ALA A 808 27.72 -27.29 23.66
N SER A 809 26.90 -26.28 23.85
CA SER A 809 26.17 -25.71 22.70
C SER A 809 26.95 -24.66 21.89
N GLY A 810 28.15 -24.32 22.35
CA GLY A 810 28.97 -23.33 21.66
C GLY A 810 29.07 -23.53 20.14
N LYS A 811 29.24 -24.77 19.70
CA LYS A 811 29.36 -25.08 18.28
C LYS A 811 28.20 -24.64 17.39
N PHE A 812 27.01 -24.54 17.96
CA PHE A 812 25.83 -24.19 17.19
C PHE A 812 25.47 -22.73 17.09
N SER A 813 26.49 -21.89 17.23
CA SER A 813 26.30 -20.46 17.08
C SER A 813 26.42 -20.22 15.58
N SER A 814 25.52 -19.43 15.02
CA SER A 814 25.58 -19.14 13.59
C SER A 814 26.85 -18.34 13.27
N ASP A 815 27.51 -17.83 14.30
CA ASP A 815 28.75 -17.10 14.10
C ASP A 815 29.81 -18.07 13.60
N ARG A 816 29.82 -19.28 14.16
CA ARG A 816 30.78 -20.29 13.74
C ARG A 816 30.43 -20.75 12.31
N THR A 817 29.14 -20.94 12.05
CA THR A 817 28.68 -21.36 10.73
C THR A 817 29.12 -20.35 9.66
N ILE A 818 28.89 -19.06 9.91
CA ILE A 818 29.26 -18.02 8.97
C ILE A 818 30.76 -17.92 8.74
N LYS A 819 31.56 -18.08 9.80
CA LYS A 819 33.01 -18.00 9.68
C LYS A 819 33.48 -19.07 8.69
N GLU A 820 32.86 -20.25 8.76
CA GLU A 820 33.20 -21.36 7.87
C GLU A 820 32.76 -21.05 6.43
N TYR A 821 31.58 -20.45 6.26
CA TYR A 821 31.08 -20.07 4.94
C TYR A 821 32.00 -19.00 4.34
N ALA A 822 32.37 -18.02 5.16
CA ALA A 822 33.22 -16.92 4.71
C ALA A 822 34.59 -17.42 4.25
N GLN A 823 35.18 -18.31 5.04
CA GLN A 823 36.51 -18.85 4.78
C GLN A 823 36.61 -19.89 3.67
N ASN A 824 35.63 -20.79 3.60
CA ASN A 824 35.69 -21.86 2.62
C ASN A 824 34.76 -21.80 1.43
N ILE A 825 33.92 -20.77 1.34
CA ILE A 825 33.02 -20.64 0.22
C ILE A 825 33.02 -19.25 -0.41
N TRP A 826 32.78 -18.21 0.38
CA TRP A 826 32.74 -16.85 -0.14
C TRP A 826 34.13 -16.23 -0.20
N ASN A 827 35.03 -16.79 0.59
CA ASN A 827 36.39 -16.28 0.62
C ASN A 827 36.42 -14.80 1.01
N VAL A 828 35.76 -14.47 2.13
CA VAL A 828 35.73 -13.10 2.63
C VAL A 828 36.28 -13.10 4.06
N GLU A 829 36.72 -11.94 4.53
CA GLU A 829 37.33 -11.85 5.86
C GLU A 829 36.49 -11.16 6.93
N PRO A 830 36.23 -11.85 8.05
CA PRO A 830 35.44 -11.25 9.15
C PRO A 830 36.21 -10.08 9.73
N SER A 831 35.61 -8.89 9.68
CA SER A 831 36.26 -7.69 10.21
C SER A 831 35.60 -7.23 11.50
N ASN B 24 14.12 30.88 13.21
CA ASN B 24 14.73 31.65 12.14
C ASN B 24 15.42 30.72 11.13
N VAL B 25 15.78 31.28 9.98
CA VAL B 25 16.46 30.56 8.92
C VAL B 25 17.39 29.47 9.47
N ALA B 26 18.17 29.85 10.49
CA ALA B 26 19.11 28.91 11.09
C ALA B 26 18.42 27.63 11.53
N GLU B 27 17.33 27.76 12.26
CA GLU B 27 16.59 26.60 12.74
C GLU B 27 15.91 25.79 11.64
N LEU B 28 15.48 26.46 10.57
CA LEU B 28 14.87 25.78 9.46
C LEU B 28 15.93 24.91 8.78
N LYS B 29 17.15 25.43 8.69
CA LYS B 29 18.24 24.69 8.05
C LYS B 29 18.65 23.49 8.90
N LYS B 30 18.66 23.69 10.20
CA LYS B 30 19.02 22.60 11.11
C LYS B 30 17.97 21.50 10.99
N SER B 31 16.69 21.87 11.08
CA SER B 31 15.61 20.90 10.97
C SER B 31 15.72 20.15 9.66
N PHE B 32 15.91 20.89 8.58
CA PHE B 32 16.02 20.27 7.28
C PHE B 32 17.09 19.17 7.28
N ASN B 33 18.27 19.52 7.79
CA ASN B 33 19.39 18.58 7.84
C ASN B 33 19.08 17.39 8.73
N ARG B 34 18.35 17.67 9.79
CA ARG B 34 17.97 16.65 10.74
C ARG B 34 17.10 15.59 10.06
N HIS B 35 16.12 16.06 9.28
CA HIS B 35 15.24 15.15 8.57
C HIS B 35 15.92 14.40 7.44
N LEU B 36 16.79 15.09 6.69
CA LEU B 36 17.48 14.45 5.59
C LEU B 36 18.20 13.24 6.13
N HIS B 37 18.87 13.45 7.26
CA HIS B 37 19.66 12.44 7.95
C HIS B 37 18.83 11.33 8.61
N PHE B 38 18.07 11.70 9.63
CA PHE B 38 17.24 10.77 10.37
C PHE B 38 16.01 10.25 9.65
N THR B 39 15.34 11.12 8.91
CA THR B 39 14.12 10.70 8.22
C THR B 39 14.35 10.15 6.81
N LEU B 40 15.34 10.67 6.09
CA LEU B 40 15.59 10.17 4.75
C LEU B 40 16.85 9.31 4.66
N VAL B 41 17.60 9.26 5.76
CA VAL B 41 18.83 8.47 5.82
C VAL B 41 19.79 8.85 4.68
N LYS B 42 20.03 10.14 4.51
CA LYS B 42 20.90 10.61 3.43
C LYS B 42 21.92 11.67 3.82
N ASP B 43 22.93 11.82 2.98
CA ASP B 43 23.99 12.84 3.13
C ASP B 43 23.82 13.71 1.91
N ARG B 44 24.50 14.87 1.89
CA ARG B 44 24.40 15.77 0.75
C ARG B 44 25.10 15.20 -0.47
N ASN B 45 25.90 14.17 -0.27
CA ASN B 45 26.62 13.56 -1.38
C ASN B 45 25.83 12.42 -2.01
N VAL B 46 24.74 12.03 -1.36
CA VAL B 46 23.93 10.93 -1.89
C VAL B 46 22.43 11.21 -1.91
N ALA B 47 22.03 12.37 -1.40
CA ALA B 47 20.61 12.71 -1.38
C ALA B 47 20.10 12.99 -2.79
N THR B 48 18.90 12.48 -3.10
CA THR B 48 18.30 12.74 -4.41
C THR B 48 17.48 14.02 -4.29
N THR B 49 16.95 14.51 -5.40
CA THR B 49 16.14 15.73 -5.37
C THR B 49 14.89 15.42 -4.56
N ARG B 50 14.39 14.20 -4.70
CA ARG B 50 13.20 13.74 -3.97
C ARG B 50 13.48 13.78 -2.46
N ASP B 51 14.67 13.37 -2.06
CA ASP B 51 15.03 13.38 -0.65
C ASP B 51 14.97 14.78 -0.07
N TYR B 52 15.41 15.76 -0.86
CA TYR B 52 15.40 17.15 -0.43
C TYR B 52 13.99 17.65 -0.26
N TYR B 53 13.12 17.33 -1.20
CA TYR B 53 11.71 17.73 -1.10
C TYR B 53 11.10 17.14 0.17
N PHE B 54 11.29 15.84 0.41
CA PHE B 54 10.72 15.20 1.57
C PHE B 54 11.24 15.79 2.86
N ALA B 55 12.54 16.12 2.88
CA ALA B 55 13.16 16.69 4.05
C ALA B 55 12.52 18.05 4.33
N LEU B 56 12.29 18.81 3.27
CA LEU B 56 11.69 20.12 3.42
C LEU B 56 10.23 19.98 3.92
N ALA B 57 9.48 19.08 3.29
CA ALA B 57 8.09 18.86 3.66
C ALA B 57 7.98 18.55 5.15
N HIS B 58 8.87 17.68 5.62
CA HIS B 58 8.85 17.29 7.02
C HIS B 58 9.13 18.48 7.90
N THR B 59 10.11 19.28 7.48
CA THR B 59 10.52 20.48 8.21
C THR B 59 9.30 21.40 8.36
N VAL B 60 8.54 21.55 7.28
CA VAL B 60 7.35 22.40 7.27
C VAL B 60 6.21 21.73 8.03
N ARG B 61 6.06 20.42 7.82
CA ARG B 61 5.00 19.65 8.47
C ARG B 61 5.04 19.74 10.01
N ASP B 62 6.24 19.75 10.59
CA ASP B 62 6.38 19.82 12.04
C ASP B 62 5.75 21.08 12.62
N HIS B 63 5.78 22.17 11.85
CA HIS B 63 5.22 23.43 12.27
C HIS B 63 3.70 23.42 12.35
N LEU B 64 3.10 22.33 11.87
CA LEU B 64 1.66 22.17 11.87
C LEU B 64 1.15 21.43 13.10
N VAL B 65 1.99 20.56 13.65
CA VAL B 65 1.58 19.73 14.77
C VAL B 65 0.95 20.45 15.97
N GLY B 66 1.69 21.37 16.58
CA GLY B 66 1.17 22.09 17.73
C GLY B 66 -0.24 22.62 17.49
N ARG B 67 -0.39 23.48 16.50
CA ARG B 67 -1.68 24.06 16.17
C ARG B 67 -2.75 23.01 15.85
N TRP B 68 -2.36 21.95 15.17
CA TRP B 68 -3.31 20.91 14.81
C TRP B 68 -3.92 20.26 16.03
N ILE B 69 -3.07 19.89 16.98
CA ILE B 69 -3.55 19.26 18.20
C ILE B 69 -4.40 20.26 18.99
N ARG B 70 -3.90 21.50 19.07
CA ARG B 70 -4.59 22.57 19.79
C ARG B 70 -5.98 22.84 19.24
N THR B 71 -6.08 22.89 17.91
CA THR B 71 -7.34 23.15 17.23
C THR B 71 -8.39 22.10 17.51
N GLN B 72 -8.02 20.84 17.32
CA GLN B 72 -8.96 19.76 17.54
C GLN B 72 -9.34 19.68 19.01
N GLN B 73 -8.36 19.93 19.88
CA GLN B 73 -8.61 19.90 21.31
C GLN B 73 -9.58 21.02 21.67
N HIS B 74 -9.37 22.19 21.07
CA HIS B 74 -10.25 23.32 21.34
C HIS B 74 -11.68 23.02 20.92
N TYR B 75 -11.88 22.23 19.86
CA TYR B 75 -13.23 21.91 19.42
C TYR B 75 -13.92 20.97 20.42
N TYR B 76 -13.13 20.10 21.05
CA TYR B 76 -13.68 19.19 22.01
C TYR B 76 -14.14 19.97 23.26
N ASP B 77 -13.28 20.87 23.72
CA ASP B 77 -13.59 21.64 24.92
C ASP B 77 -14.75 22.62 24.84
N LYS B 78 -14.74 23.49 23.85
CA LYS B 78 -15.80 24.48 23.70
C LYS B 78 -17.02 23.97 22.92
N CYS B 79 -16.88 22.79 22.34
CA CYS B 79 -17.94 22.16 21.55
C CYS B 79 -18.84 23.03 20.70
N PRO B 80 -18.26 23.72 19.70
CA PRO B 80 -19.11 24.57 18.84
C PRO B 80 -19.75 23.62 17.82
N LYS B 81 -20.81 24.05 17.15
CA LYS B 81 -21.44 23.18 16.15
C LYS B 81 -20.40 22.86 15.07
N ARG B 82 -20.32 21.61 14.65
CA ARG B 82 -19.34 21.21 13.64
C ARG B 82 -19.95 21.09 12.24
N VAL B 83 -19.14 21.39 11.23
CA VAL B 83 -19.58 21.30 9.84
C VAL B 83 -18.88 20.12 9.17
N TYR B 84 -19.64 19.28 8.51
CA TYR B 84 -19.06 18.12 7.84
C TYR B 84 -19.30 18.20 6.35
N TYR B 85 -18.24 18.44 5.61
CA TYR B 85 -18.35 18.55 4.16
C TYR B 85 -18.09 17.19 3.56
N LEU B 86 -19.18 16.50 3.19
CA LEU B 86 -19.12 15.15 2.63
C LEU B 86 -19.07 15.19 1.10
N SER B 87 -17.92 14.79 0.55
CA SER B 87 -17.71 14.83 -0.89
C SER B 87 -16.91 13.63 -1.40
N LEU B 88 -17.20 13.21 -2.62
CA LEU B 88 -16.48 12.09 -3.21
C LEU B 88 -15.17 12.61 -3.77
N GLU B 89 -15.04 13.93 -3.80
CA GLU B 89 -13.84 14.53 -4.35
C GLU B 89 -13.27 15.72 -3.59
N PHE B 90 -11.94 15.80 -3.62
CA PHE B 90 -11.21 16.90 -3.02
C PHE B 90 -9.99 17.08 -3.91
N TYR B 91 -10.08 18.06 -4.80
CA TYR B 91 -9.02 18.37 -5.76
C TYR B 91 -8.01 19.27 -5.04
N MET B 92 -7.23 18.68 -4.15
CA MET B 92 -6.28 19.42 -3.36
C MET B 92 -5.04 20.07 -3.99
N GLY B 93 -4.45 19.45 -5.01
CA GLY B 93 -3.27 20.02 -5.60
C GLY B 93 -2.05 19.68 -4.73
N ARG B 94 -1.03 20.54 -4.75
CA ARG B 94 0.17 20.31 -3.94
C ARG B 94 0.02 21.02 -2.60
N THR B 95 0.66 20.48 -1.57
CA THR B 95 0.53 21.01 -0.23
C THR B 95 1.67 21.90 0.29
N LEU B 96 2.91 21.54 -0.05
CA LEU B 96 4.08 22.26 0.46
C LEU B 96 3.96 23.78 0.51
N GLN B 97 3.89 24.41 -0.66
CA GLN B 97 3.80 25.85 -0.75
C GLN B 97 2.60 26.46 -0.02
N ASN B 98 1.42 25.87 -0.23
CA ASN B 98 0.20 26.38 0.39
C ASN B 98 0.40 26.44 1.88
N THR B 99 1.00 25.39 2.43
CA THR B 99 1.25 25.31 3.85
C THR B 99 2.29 26.35 4.32
N MET B 100 3.34 26.58 3.53
CA MET B 100 4.34 27.57 3.91
C MET B 100 3.75 28.97 4.00
N ILE B 101 2.91 29.31 3.02
CA ILE B 101 2.27 30.62 2.96
C ILE B 101 1.28 30.81 4.13
N ASN B 102 0.33 29.90 4.23
CA ASN B 102 -0.68 29.98 5.28
C ASN B 102 -0.09 29.99 6.68
N LEU B 103 1.14 29.52 6.80
CA LEU B 103 1.81 29.48 8.09
C LEU B 103 2.82 30.62 8.16
N GLY B 104 2.91 31.38 7.08
CA GLY B 104 3.85 32.49 7.04
C GLY B 104 5.30 32.06 7.23
N LEU B 105 5.71 31.01 6.50
CA LEU B 105 7.06 30.47 6.58
C LEU B 105 7.76 30.43 5.23
N GLN B 106 7.05 30.78 4.16
CA GLN B 106 7.64 30.74 2.83
C GLN B 106 8.93 31.51 2.65
N ASN B 107 8.94 32.78 3.04
CA ASN B 107 10.16 33.57 2.87
C ASN B 107 11.32 32.98 3.66
N ALA B 108 11.05 32.60 4.91
CA ALA B 108 12.08 31.99 5.75
C ALA B 108 12.59 30.67 5.14
N CYS B 109 11.67 29.85 4.66
CA CYS B 109 12.07 28.58 4.04
C CYS B 109 12.83 28.81 2.74
N ASP B 110 12.34 29.71 1.90
CA ASP B 110 13.00 30.02 0.63
C ASP B 110 14.46 30.35 0.93
N GLU B 111 14.67 31.15 1.97
CA GLU B 111 16.00 31.58 2.40
C GLU B 111 16.87 30.43 2.88
N ALA B 112 16.33 29.65 3.81
CA ALA B 112 17.04 28.49 4.36
C ALA B 112 17.49 27.51 3.27
N ILE B 113 16.60 27.22 2.32
CA ILE B 113 16.89 26.33 1.20
C ILE B 113 17.95 26.93 0.27
N TYR B 114 17.87 28.25 0.09
CA TYR B 114 18.84 28.95 -0.75
C TYR B 114 20.24 28.83 -0.15
N GLN B 115 20.32 29.07 1.16
CA GLN B 115 21.58 29.01 1.89
C GLN B 115 22.20 27.63 1.88
N LEU B 116 21.37 26.60 1.68
CA LEU B 116 21.83 25.22 1.63
C LEU B 116 22.19 24.85 0.21
N GLY B 117 22.23 25.86 -0.66
CA GLY B 117 22.59 25.65 -2.05
C GLY B 117 21.57 24.90 -2.89
N LEU B 118 20.30 24.99 -2.52
CA LEU B 118 19.27 24.29 -3.28
C LEU B 118 18.28 25.26 -3.89
N ASP B 119 17.56 24.78 -4.90
CA ASP B 119 16.54 25.55 -5.61
C ASP B 119 15.19 25.09 -5.07
N ILE B 120 14.54 25.93 -4.27
CA ILE B 120 13.26 25.56 -3.69
C ILE B 120 12.18 25.29 -4.72
N GLU B 121 12.24 26.02 -5.82
CA GLU B 121 11.27 25.82 -6.89
C GLU B 121 11.44 24.39 -7.40
N GLU B 122 12.69 23.96 -7.51
CA GLU B 122 13.00 22.62 -8.00
C GLU B 122 12.43 21.56 -7.06
N LEU B 123 12.60 21.77 -5.76
CA LEU B 123 12.09 20.83 -4.77
C LEU B 123 10.56 20.78 -4.79
N GLU B 124 9.94 21.94 -4.92
CA GLU B 124 8.48 22.01 -4.96
C GLU B 124 7.87 21.28 -6.14
N GLU B 125 8.59 21.20 -7.25
CA GLU B 125 8.07 20.52 -8.43
C GLU B 125 8.03 19.01 -8.29
N ILE B 126 8.76 18.49 -7.31
CA ILE B 126 8.79 17.06 -7.05
C ILE B 126 7.47 16.55 -6.51
N GLU B 127 6.75 17.42 -5.80
CA GLU B 127 5.50 17.03 -5.20
C GLU B 127 4.38 16.74 -6.18
N GLU B 128 3.74 15.59 -5.99
CA GLU B 128 2.62 15.16 -6.82
C GLU B 128 1.37 15.91 -6.37
N ASP B 129 0.48 16.16 -7.33
CA ASP B 129 -0.80 16.80 -7.03
C ASP B 129 -1.66 15.73 -6.38
N ALA B 130 -2.42 16.10 -5.36
CA ALA B 130 -3.35 15.16 -4.75
C ALA B 130 -4.58 15.41 -5.63
N GLY B 131 -4.58 14.80 -6.82
CA GLY B 131 -5.68 14.98 -7.75
C GLY B 131 -6.87 14.10 -7.52
N LEU B 132 -7.41 14.13 -6.31
CA LEU B 132 -8.56 13.31 -5.95
C LEU B 132 -9.90 13.97 -6.34
N GLY B 133 -9.91 14.59 -7.52
CA GLY B 133 -11.10 15.25 -8.01
C GLY B 133 -11.03 15.33 -9.53
N ASN B 134 -12.16 15.61 -10.17
CA ASN B 134 -12.23 15.70 -11.62
C ASN B 134 -12.10 17.13 -12.15
N GLY B 135 -12.61 18.10 -11.39
CA GLY B 135 -12.55 19.48 -11.81
C GLY B 135 -13.19 20.45 -10.84
N GLY B 136 -14.15 21.24 -11.35
CA GLY B 136 -14.83 22.24 -10.55
C GLY B 136 -15.38 21.82 -9.21
N LEU B 137 -16.16 20.73 -9.20
CA LEU B 137 -16.76 20.25 -7.96
C LEU B 137 -15.68 19.88 -6.94
N GLY B 138 -14.68 19.13 -7.38
CA GLY B 138 -13.63 18.71 -6.48
C GLY B 138 -12.78 19.86 -5.99
N ARG B 139 -12.60 20.85 -6.85
CA ARG B 139 -11.79 22.00 -6.48
C ARG B 139 -12.54 22.95 -5.54
N LEU B 140 -13.87 22.97 -5.64
CA LEU B 140 -14.69 23.82 -4.77
C LEU B 140 -14.58 23.32 -3.34
N ALA B 141 -14.47 21.99 -3.20
CA ALA B 141 -14.33 21.37 -1.89
C ALA B 141 -12.99 21.77 -1.27
N ALA B 142 -11.95 21.80 -2.10
CA ALA B 142 -10.62 22.16 -1.63
C ALA B 142 -10.56 23.62 -1.22
N CYS B 143 -11.19 24.51 -1.99
CA CYS B 143 -11.18 25.92 -1.66
C CYS B 143 -12.01 26.19 -0.40
N PHE B 144 -13.06 25.39 -0.21
CA PHE B 144 -13.93 25.53 0.96
C PHE B 144 -13.16 25.16 2.23
N LEU B 145 -12.36 24.11 2.15
CA LEU B 145 -11.56 23.69 3.30
C LEU B 145 -10.62 24.81 3.72
N ASP B 146 -9.90 25.36 2.77
CA ASP B 146 -8.96 26.45 3.06
C ASP B 146 -9.71 27.62 3.72
N SER B 147 -10.86 28.01 3.14
CA SER B 147 -11.66 29.12 3.64
C SER B 147 -12.21 28.85 5.03
N MET B 148 -12.78 27.66 5.22
CA MET B 148 -13.35 27.29 6.51
C MET B 148 -12.28 27.33 7.60
N ALA B 149 -11.06 26.94 7.25
CA ALA B 149 -9.99 26.96 8.24
C ALA B 149 -9.57 28.41 8.48
N THR B 150 -9.59 29.22 7.42
CA THR B 150 -9.21 30.62 7.57
C THR B 150 -10.26 31.39 8.39
N LEU B 151 -11.52 30.97 8.33
CA LEU B 151 -12.58 31.64 9.09
C LEU B 151 -12.71 31.01 10.49
N GLY B 152 -11.78 30.12 10.80
CA GLY B 152 -11.78 29.48 12.11
C GLY B 152 -12.99 28.65 12.47
N LEU B 153 -13.64 28.05 11.49
CA LEU B 153 -14.80 27.22 11.76
C LEU B 153 -14.41 25.79 12.12
N ALA B 154 -15.24 25.12 12.91
CA ALA B 154 -14.96 23.73 13.30
C ALA B 154 -15.48 22.86 12.15
N ALA B 155 -14.72 22.81 11.06
CA ALA B 155 -15.11 22.07 9.87
C ALA B 155 -14.21 20.89 9.51
N TYR B 156 -14.84 19.84 8.99
CA TYR B 156 -14.13 18.63 8.60
C TYR B 156 -14.53 18.26 7.19
N GLY B 157 -13.57 17.79 6.42
CA GLY B 157 -13.87 17.35 5.07
C GLY B 157 -13.85 15.82 5.16
N TYR B 158 -14.89 15.16 4.65
CA TYR B 158 -14.95 13.71 4.68
C TYR B 158 -15.01 13.17 3.27
N GLY B 159 -14.02 12.35 2.89
CA GLY B 159 -14.00 11.82 1.55
C GLY B 159 -13.34 10.45 1.46
N ILE B 160 -12.95 10.09 0.24
CA ILE B 160 -12.29 8.83 -0.01
C ILE B 160 -10.83 9.03 -0.41
N ARG B 161 -9.95 8.18 0.12
CA ARG B 161 -8.53 8.26 -0.21
C ARG B 161 -8.25 7.31 -1.37
N TYR B 162 -8.41 7.82 -2.59
CA TYR B 162 -8.18 7.02 -3.79
C TYR B 162 -6.68 6.76 -3.95
N GLU B 163 -6.32 5.50 -4.17
CA GLU B 163 -4.92 5.15 -4.36
C GLU B 163 -4.48 5.84 -5.65
N TYR B 164 -5.42 5.95 -6.60
CA TYR B 164 -5.16 6.59 -7.88
C TYR B 164 -6.18 7.71 -8.11
N GLY B 165 -5.69 8.91 -8.38
CA GLY B 165 -6.59 10.02 -8.62
C GLY B 165 -6.93 10.11 -10.09
N ILE B 166 -7.27 11.31 -10.53
CA ILE B 166 -7.61 11.54 -11.92
C ILE B 166 -6.36 11.22 -12.75
N PHE B 167 -6.53 10.43 -13.81
CA PHE B 167 -5.41 10.01 -14.66
C PHE B 167 -4.48 11.10 -15.20
N ASN B 168 -3.23 10.73 -15.43
CA ASN B 168 -2.27 11.66 -16.00
C ASN B 168 -2.55 11.63 -17.49
N GLN B 169 -2.63 12.80 -18.10
CA GLN B 169 -2.92 12.86 -19.53
C GLN B 169 -1.70 13.05 -20.40
N LYS B 170 -1.61 12.22 -21.43
CA LYS B 170 -0.52 12.32 -22.39
C LYS B 170 -1.14 12.33 -23.77
N ILE B 171 -0.48 13.04 -24.69
CA ILE B 171 -0.96 13.11 -26.06
C ILE B 171 -0.10 12.21 -26.93
N ARG B 172 -0.74 11.30 -27.66
CA ARG B 172 -0.03 10.39 -28.55
C ARG B 172 -0.68 10.45 -29.92
N ASP B 173 0.10 10.83 -30.92
CA ASP B 173 -0.44 10.93 -32.27
C ASP B 173 -1.64 11.88 -32.26
N GLY B 174 -1.54 12.94 -31.47
CA GLY B 174 -2.62 13.91 -31.39
C GLY B 174 -3.80 13.50 -30.53
N TRP B 175 -3.79 12.27 -30.00
CA TRP B 175 -4.88 11.79 -29.16
C TRP B 175 -4.50 11.71 -27.69
N GLN B 176 -5.51 11.76 -26.83
CA GLN B 176 -5.30 11.64 -25.39
C GLN B 176 -5.13 10.16 -25.03
N VAL B 177 -4.13 9.89 -24.19
CA VAL B 177 -3.89 8.53 -23.71
C VAL B 177 -3.85 8.69 -22.19
N GLU B 178 -4.42 7.73 -21.48
CA GLU B 178 -4.45 7.79 -20.01
C GLU B 178 -3.38 6.94 -19.36
N GLU B 179 -2.74 7.48 -18.33
CA GLU B 179 -1.73 6.76 -17.57
C GLU B 179 -2.18 6.83 -16.11
N ALA B 180 -1.96 5.75 -15.38
CA ALA B 180 -2.34 5.68 -13.98
C ALA B 180 -1.65 6.75 -13.15
N ASP B 181 -2.43 7.48 -12.37
CA ASP B 181 -1.88 8.52 -11.49
C ASP B 181 -1.58 7.89 -10.13
N ASP B 182 -0.44 7.24 -10.05
CA ASP B 182 -0.01 6.56 -8.84
C ASP B 182 0.63 7.55 -7.86
N TRP B 183 -0.16 8.54 -7.44
CA TRP B 183 0.35 9.57 -6.53
C TRP B 183 0.93 9.14 -5.19
N LEU B 184 0.61 7.94 -4.72
CA LEU B 184 1.12 7.49 -3.42
C LEU B 184 2.39 6.63 -3.49
N ARG B 185 2.87 6.33 -4.69
CA ARG B 185 4.04 5.49 -4.86
C ARG B 185 5.22 5.79 -3.93
N TYR B 186 5.67 7.04 -3.93
CA TYR B 186 6.78 7.45 -3.11
C TYR B 186 6.42 7.95 -1.73
N GLY B 187 5.14 7.89 -1.37
CA GLY B 187 4.72 8.35 -0.05
C GLY B 187 4.10 9.73 -0.01
N ASN B 188 3.23 9.95 0.98
CA ASN B 188 2.55 11.23 1.14
C ASN B 188 2.77 11.67 2.58
N PRO B 189 3.65 12.66 2.78
CA PRO B 189 3.97 13.20 4.10
C PRO B 189 2.83 13.98 4.75
N TRP B 190 1.87 14.41 3.94
CA TRP B 190 0.75 15.21 4.44
C TRP B 190 -0.44 14.43 4.97
N GLU B 191 -0.36 13.11 4.96
CA GLU B 191 -1.46 12.31 5.47
C GLU B 191 -1.04 11.58 6.74
N LYS B 192 -1.99 11.39 7.64
CA LYS B 192 -1.72 10.70 8.88
C LYS B 192 -2.74 9.60 9.11
N SER B 193 -2.29 8.36 9.06
CA SER B 193 -3.18 7.23 9.30
C SER B 193 -3.72 7.35 10.73
N ARG B 194 -5.01 7.07 10.89
CA ARG B 194 -5.66 7.11 12.20
C ARG B 194 -6.23 5.70 12.42
N PRO B 195 -5.34 4.71 12.63
CA PRO B 195 -5.79 3.33 12.83
C PRO B 195 -6.82 3.10 13.93
N GLU B 196 -6.75 3.87 15.01
CA GLU B 196 -7.70 3.68 16.10
C GLU B 196 -9.14 4.03 15.74
N PHE B 197 -9.36 4.61 14.57
CA PHE B 197 -10.71 4.98 14.17
C PHE B 197 -11.26 4.15 13.03
N MET B 198 -10.56 3.07 12.70
CA MET B 198 -10.99 2.17 11.65
C MET B 198 -12.39 1.71 12.00
N LEU B 199 -13.21 1.45 10.98
CA LEU B 199 -14.59 1.01 11.17
C LEU B 199 -15.02 0.06 10.06
N PRO B 200 -15.99 -0.83 10.37
CA PRO B 200 -16.46 -1.77 9.35
C PRO B 200 -17.62 -1.19 8.54
N VAL B 201 -17.68 -1.57 7.26
CA VAL B 201 -18.76 -1.12 6.37
C VAL B 201 -19.40 -2.39 5.83
N HIS B 202 -20.71 -2.39 5.75
CA HIS B 202 -21.45 -3.56 5.29
C HIS B 202 -22.00 -3.42 3.89
N PHE B 203 -22.05 -4.53 3.17
CA PHE B 203 -22.53 -4.58 1.79
C PHE B 203 -23.34 -5.84 1.56
N TYR B 204 -24.30 -5.77 0.64
CA TYR B 204 -25.17 -6.91 0.30
C TYR B 204 -25.97 -7.42 1.48
N GLY B 205 -25.92 -8.73 1.71
CA GLY B 205 -26.65 -9.32 2.81
C GLY B 205 -28.14 -9.38 2.54
N LYS B 206 -28.94 -9.36 3.60
CA LYS B 206 -30.38 -9.41 3.45
C LYS B 206 -31.06 -8.79 4.66
N VAL B 207 -32.30 -8.38 4.43
CA VAL B 207 -33.15 -7.77 5.45
C VAL B 207 -33.94 -8.87 6.13
N GLU B 208 -33.99 -8.84 7.45
CA GLU B 208 -34.75 -9.82 8.21
C GLU B 208 -35.67 -9.06 9.13
N HIS B 209 -36.97 -9.23 8.97
CA HIS B 209 -37.93 -8.55 9.82
C HIS B 209 -38.33 -9.47 10.96
N THR B 210 -37.89 -9.13 12.16
CA THR B 210 -38.16 -9.93 13.34
C THR B 210 -38.90 -9.14 14.41
N ASN B 211 -39.05 -9.76 15.59
CA ASN B 211 -39.74 -9.12 16.70
C ASN B 211 -38.87 -8.03 17.33
N THR B 212 -37.55 -8.16 17.17
CA THR B 212 -36.61 -7.20 17.72
C THR B 212 -36.51 -5.99 16.81
N GLY B 213 -37.06 -6.13 15.61
CA GLY B 213 -37.02 -5.06 14.62
C GLY B 213 -36.47 -5.57 13.31
N THR B 214 -36.04 -4.64 12.46
CA THR B 214 -35.46 -4.99 11.17
C THR B 214 -33.94 -5.09 11.29
N LYS B 215 -33.40 -6.29 11.04
CA LYS B 215 -31.97 -6.52 11.11
C LYS B 215 -31.34 -6.71 9.74
N TRP B 216 -30.12 -6.21 9.57
CA TRP B 216 -29.42 -6.35 8.30
C TRP B 216 -28.32 -7.36 8.54
N ILE B 217 -28.56 -8.59 8.10
CA ILE B 217 -27.62 -9.68 8.31
C ILE B 217 -27.02 -10.37 7.07
N ASP B 218 -26.01 -11.19 7.32
CA ASP B 218 -25.30 -11.94 6.28
C ASP B 218 -24.59 -11.03 5.29
N THR B 219 -24.19 -9.86 5.78
CA THR B 219 -23.50 -8.90 4.92
C THR B 219 -22.01 -9.15 4.84
N GLN B 220 -21.41 -8.63 3.77
CA GLN B 220 -19.99 -8.73 3.58
C GLN B 220 -19.42 -7.47 4.21
N VAL B 221 -18.29 -7.59 4.88
CA VAL B 221 -17.67 -6.46 5.55
C VAL B 221 -16.40 -5.99 4.86
N VAL B 222 -16.23 -4.67 4.88
CA VAL B 222 -15.06 -4.00 4.31
C VAL B 222 -14.66 -2.97 5.38
N LEU B 223 -13.39 -2.98 5.76
CA LEU B 223 -12.90 -2.05 6.77
C LEU B 223 -12.58 -0.69 6.15
N ALA B 224 -12.86 0.36 6.92
CA ALA B 224 -12.58 1.71 6.47
C ALA B 224 -11.54 2.30 7.40
N LEU B 225 -10.38 2.63 6.85
CA LEU B 225 -9.27 3.18 7.61
C LEU B 225 -9.12 4.67 7.25
N PRO B 226 -9.38 5.56 8.22
CA PRO B 226 -9.29 7.00 7.96
C PRO B 226 -7.87 7.54 7.95
N TYR B 227 -7.61 8.46 7.03
CA TYR B 227 -6.34 9.14 6.89
C TYR B 227 -6.65 10.63 7.01
N ASP B 228 -6.04 11.27 8.00
CA ASP B 228 -6.24 12.69 8.24
C ASP B 228 -5.18 13.55 7.59
N THR B 229 -5.61 14.66 7.01
CA THR B 229 -4.70 15.62 6.39
C THR B 229 -5.02 16.98 7.00
N PRO B 230 -3.98 17.68 7.50
CA PRO B 230 -4.16 19.01 8.10
C PRO B 230 -4.56 20.06 7.08
N VAL B 231 -5.44 20.97 7.48
CA VAL B 231 -5.91 22.06 6.61
C VAL B 231 -5.65 23.34 7.39
N PRO B 232 -4.51 23.99 7.12
CA PRO B 232 -4.16 25.21 7.85
C PRO B 232 -4.89 26.44 7.33
N GLY B 233 -5.43 27.22 8.26
CA GLY B 233 -6.10 28.44 7.88
C GLY B 233 -4.99 29.44 7.60
N TYR B 234 -5.31 30.52 6.90
CA TYR B 234 -4.31 31.54 6.58
C TYR B 234 -4.03 32.45 7.77
N MET B 235 -2.81 32.36 8.31
CA MET B 235 -2.36 33.19 9.42
C MET B 235 -3.35 33.31 10.58
N ASN B 236 -3.82 32.20 11.12
CA ASN B 236 -4.78 32.30 12.22
C ASN B 236 -4.76 31.22 13.29
N ASN B 237 -3.68 30.44 13.37
CA ASN B 237 -3.60 29.40 14.40
C ASN B 237 -4.53 28.21 14.23
N THR B 238 -5.38 28.24 13.20
CA THR B 238 -6.29 27.12 12.97
C THR B 238 -5.76 26.11 11.98
N VAL B 239 -5.84 24.83 12.35
CA VAL B 239 -5.45 23.74 11.46
C VAL B 239 -6.59 22.71 11.57
N ASN B 240 -7.37 22.60 10.50
CA ASN B 240 -8.49 21.68 10.47
C ASN B 240 -8.12 20.33 9.90
N THR B 241 -9.11 19.47 9.75
CA THR B 241 -8.86 18.13 9.24
C THR B 241 -9.69 17.70 8.03
N MET B 242 -9.01 17.01 7.11
CA MET B 242 -9.67 16.42 5.97
C MET B 242 -9.46 14.93 6.22
N ARG B 243 -10.54 14.21 6.54
CA ARG B 243 -10.42 12.77 6.80
C ARG B 243 -10.89 12.00 5.57
N LEU B 244 -9.97 11.24 4.99
CA LEU B 244 -10.22 10.43 3.80
C LEU B 244 -10.17 8.96 4.16
N TRP B 245 -11.16 8.20 3.70
CA TRP B 245 -11.22 6.78 4.01
C TRP B 245 -10.63 5.86 2.94
N SER B 246 -9.93 4.83 3.40
CA SER B 246 -9.32 3.84 2.54
C SER B 246 -9.96 2.48 2.88
N ALA B 247 -10.24 1.69 1.86
CA ALA B 247 -10.87 0.39 2.04
C ALA B 247 -9.86 -0.73 2.28
N ARG B 248 -10.15 -1.60 3.24
CA ARG B 248 -9.27 -2.71 3.55
C ARG B 248 -10.10 -3.98 3.79
N ALA B 249 -9.54 -5.13 3.44
CA ALA B 249 -10.22 -6.41 3.63
C ALA B 249 -10.12 -6.84 5.10
N PRO B 250 -11.19 -7.46 5.63
CA PRO B 250 -11.18 -7.93 7.03
C PRO B 250 -10.37 -9.22 7.17
N GLY B 261 -11.85 -23.70 -0.80
CA GLY B 261 -11.22 -22.57 -1.46
C GLY B 261 -9.71 -22.58 -1.33
N ASP B 262 -9.04 -22.00 -2.31
CA ASP B 262 -7.58 -21.92 -2.32
C ASP B 262 -7.08 -20.83 -1.39
N TYR B 263 -6.04 -21.16 -0.60
CA TYR B 263 -5.46 -20.20 0.33
C TYR B 263 -4.76 -19.02 -0.37
N ILE B 264 -3.91 -19.31 -1.34
CA ILE B 264 -3.22 -18.24 -2.06
C ILE B 264 -4.23 -17.33 -2.74
N GLN B 265 -5.18 -17.92 -3.45
CA GLN B 265 -6.19 -17.15 -4.16
C GLN B 265 -7.10 -16.37 -3.20
N ALA B 266 -7.42 -16.96 -2.05
CA ALA B 266 -8.26 -16.29 -1.08
C ALA B 266 -7.58 -15.00 -0.62
N VAL B 267 -6.26 -15.06 -0.45
CA VAL B 267 -5.50 -13.88 -0.02
C VAL B 267 -5.51 -12.81 -1.11
N LEU B 268 -5.36 -13.23 -2.36
CA LEU B 268 -5.37 -12.31 -3.50
C LEU B 268 -6.73 -11.66 -3.66
N ASP B 269 -7.81 -12.39 -3.38
CA ASP B 269 -9.15 -11.85 -3.51
C ASP B 269 -9.40 -10.71 -2.52
N ARG B 270 -8.46 -10.48 -1.60
CA ARG B 270 -8.63 -9.38 -0.65
C ARG B 270 -8.60 -8.08 -1.45
N ASN B 271 -8.00 -8.12 -2.63
CA ASN B 271 -7.90 -6.97 -3.52
C ASN B 271 -9.30 -6.48 -3.92
N LEU B 272 -10.23 -7.42 -4.08
CA LEU B 272 -11.60 -7.09 -4.46
C LEU B 272 -12.24 -6.06 -3.53
N ALA B 273 -12.01 -6.21 -2.23
CA ALA B 273 -12.57 -5.27 -1.25
C ALA B 273 -11.82 -3.94 -1.29
N GLU B 274 -10.52 -4.02 -1.49
CA GLU B 274 -9.70 -2.82 -1.54
C GLU B 274 -9.89 -2.03 -2.85
N ASN B 275 -10.58 -2.65 -3.81
CA ASN B 275 -10.84 -1.99 -5.08
C ASN B 275 -11.78 -0.79 -4.88
N ILE B 276 -12.58 -0.83 -3.82
CA ILE B 276 -13.50 0.25 -3.53
C ILE B 276 -12.87 1.64 -3.49
N SER B 277 -11.70 1.77 -2.87
CA SER B 277 -11.03 3.07 -2.81
C SER B 277 -9.79 3.08 -3.69
N ARG B 278 -9.81 2.30 -4.75
CA ARG B 278 -8.67 2.21 -5.65
C ARG B 278 -8.49 3.39 -6.61
N VAL B 279 -9.55 3.76 -7.31
CA VAL B 279 -9.47 4.83 -8.28
C VAL B 279 -10.71 5.70 -8.38
N LEU B 280 -10.46 7.00 -8.58
CA LEU B 280 -11.53 7.98 -8.72
C LEU B 280 -12.16 7.87 -10.11
N TYR B 281 -13.49 7.84 -10.17
CA TYR B 281 -14.17 7.78 -11.46
C TYR B 281 -13.90 9.12 -12.17
N PRO B 282 -13.29 9.07 -13.36
CA PRO B 282 -12.92 10.24 -14.18
C PRO B 282 -14.01 10.94 -15.00
N ASN B 283 -15.25 10.94 -14.51
CA ASN B 283 -16.34 11.60 -15.23
C ASN B 283 -16.68 12.96 -14.64
N ASP B 284 -16.77 13.95 -15.52
CA ASP B 284 -17.13 15.30 -15.13
C ASP B 284 -18.50 15.55 -15.79
N ASN B 285 -19.51 15.78 -14.96
CA ASN B 285 -20.87 16.02 -15.47
C ASN B 285 -21.42 14.88 -16.32
N PHE B 286 -21.26 13.66 -15.85
CA PHE B 286 -21.77 12.51 -16.55
C PHE B 286 -22.01 11.38 -15.57
N PHE B 287 -23.22 10.80 -15.61
CA PHE B 287 -23.55 9.72 -14.69
C PHE B 287 -23.31 8.35 -15.28
N GLU B 288 -22.48 7.56 -14.60
CA GLU B 288 -22.20 6.21 -15.03
C GLU B 288 -22.64 5.32 -13.88
N GLY B 289 -23.68 4.53 -14.11
CA GLY B 289 -24.20 3.67 -13.06
C GLY B 289 -23.49 2.36 -12.77
N LYS B 290 -22.18 2.42 -12.53
CA LYS B 290 -21.42 1.21 -12.24
C LYS B 290 -21.54 0.82 -10.78
N GLU B 291 -21.67 -0.47 -10.51
CA GLU B 291 -21.82 -0.97 -9.14
C GLU B 291 -20.68 -0.51 -8.23
N LEU B 292 -19.44 -0.60 -8.71
CA LEU B 292 -18.29 -0.19 -7.91
C LEU B 292 -18.46 1.26 -7.43
N ARG B 293 -19.01 2.11 -8.28
CA ARG B 293 -19.25 3.51 -7.94
C ARG B 293 -20.22 3.62 -6.76
N LEU B 294 -21.30 2.82 -6.82
CA LEU B 294 -22.29 2.82 -5.77
C LEU B 294 -21.61 2.38 -4.47
N LYS B 295 -20.68 1.44 -4.59
CA LYS B 295 -19.95 0.94 -3.42
C LYS B 295 -19.14 2.07 -2.79
N GLN B 296 -18.42 2.82 -3.62
CA GLN B 296 -17.62 3.94 -3.11
C GLN B 296 -18.53 4.88 -2.35
N GLU B 297 -19.69 5.20 -2.94
CA GLU B 297 -20.64 6.14 -2.34
C GLU B 297 -21.16 5.69 -1.00
N TYR B 298 -21.58 4.43 -0.89
CA TYR B 298 -22.10 3.96 0.38
C TYR B 298 -20.94 3.87 1.36
N PHE B 299 -19.80 3.41 0.84
CA PHE B 299 -18.58 3.29 1.64
C PHE B 299 -18.25 4.58 2.39
N VAL B 300 -18.04 5.67 1.67
CA VAL B 300 -17.68 6.94 2.33
C VAL B 300 -18.78 7.44 3.23
N VAL B 301 -20.02 7.16 2.85
CA VAL B 301 -21.19 7.57 3.62
C VAL B 301 -21.32 6.81 4.95
N ALA B 302 -21.15 5.50 4.92
CA ALA B 302 -21.26 4.70 6.14
C ALA B 302 -20.15 5.03 7.12
N ALA B 303 -18.91 4.97 6.67
CA ALA B 303 -17.78 5.29 7.54
C ALA B 303 -17.96 6.67 8.15
N THR B 304 -18.22 7.67 7.30
CA THR B 304 -18.38 9.03 7.79
C THR B 304 -19.45 9.22 8.88
N LEU B 305 -20.63 8.67 8.65
CA LEU B 305 -21.71 8.84 9.62
C LEU B 305 -21.43 8.15 10.95
N GLN B 306 -20.87 6.95 10.90
CA GLN B 306 -20.55 6.24 12.14
C GLN B 306 -19.52 7.06 12.93
N ASP B 307 -18.53 7.57 12.21
CA ASP B 307 -17.47 8.38 12.80
C ASP B 307 -18.06 9.64 13.43
N ILE B 308 -19.04 10.25 12.75
CA ILE B 308 -19.68 11.46 13.29
C ILE B 308 -20.51 11.12 14.53
N ILE B 309 -21.27 10.03 14.47
CA ILE B 309 -22.09 9.57 15.59
C ILE B 309 -21.19 9.30 16.79
N ARG B 310 -20.12 8.56 16.54
CA ARG B 310 -19.16 8.22 17.56
C ARG B 310 -18.63 9.48 18.23
N ARG B 311 -18.26 10.47 17.41
CA ARG B 311 -17.74 11.72 17.93
C ARG B 311 -18.79 12.51 18.71
N PHE B 312 -20.02 12.47 18.22
CA PHE B 312 -21.12 13.16 18.87
C PHE B 312 -21.30 12.61 20.30
N LYS B 313 -21.34 11.29 20.42
CA LYS B 313 -21.49 10.65 21.72
C LYS B 313 -20.19 10.79 22.51
N ALA B 314 -19.71 12.03 22.62
CA ALA B 314 -18.47 12.31 23.34
C ALA B 314 -18.20 13.81 23.30
N PHE B 327 -29.68 12.34 21.64
CA PHE B 327 -29.67 12.66 20.23
C PHE B 327 -30.51 13.85 19.84
N ASP B 328 -31.24 14.41 20.80
CA ASP B 328 -32.08 15.56 20.52
C ASP B 328 -31.28 16.78 20.06
N ALA B 329 -30.05 16.90 20.55
CA ALA B 329 -29.22 18.04 20.22
C ALA B 329 -28.22 17.75 19.09
N PHE B 330 -28.37 16.59 18.45
CA PHE B 330 -27.48 16.20 17.37
C PHE B 330 -27.37 17.25 16.25
N PRO B 331 -28.52 17.72 15.72
CA PRO B 331 -28.47 18.73 14.65
C PRO B 331 -28.01 20.12 15.09
N ASP B 332 -27.88 20.33 16.40
CA ASP B 332 -27.41 21.60 16.91
C ASP B 332 -25.90 21.53 17.05
N GLN B 333 -25.37 20.33 16.91
CA GLN B 333 -23.93 20.08 17.00
C GLN B 333 -23.36 19.60 15.67
N VAL B 334 -24.23 19.04 14.84
CA VAL B 334 -23.83 18.50 13.56
C VAL B 334 -24.53 19.09 12.33
N ALA B 335 -23.74 19.41 11.32
CA ALA B 335 -24.27 19.92 10.07
C ALA B 335 -23.50 19.13 9.01
N ILE B 336 -24.21 18.43 8.14
CA ILE B 336 -23.56 17.67 7.09
C ILE B 336 -23.99 18.19 5.73
N GLN B 337 -23.03 18.72 4.99
CA GLN B 337 -23.31 19.25 3.66
C GLN B 337 -23.09 18.17 2.63
N LEU B 338 -24.11 17.93 1.82
CA LEU B 338 -24.05 16.93 0.75
C LEU B 338 -23.52 17.59 -0.52
N ASN B 339 -22.31 17.23 -0.93
CA ASN B 339 -21.74 17.80 -2.14
C ASN B 339 -22.30 17.04 -3.34
N ASP B 340 -23.40 17.55 -3.86
CA ASP B 340 -24.12 16.96 -4.98
C ASP B 340 -24.80 15.71 -4.46
N THR B 341 -25.43 14.93 -5.34
CA THR B 341 -26.14 13.71 -4.94
C THR B 341 -25.24 12.49 -4.67
N HIS B 342 -23.94 12.63 -4.91
CA HIS B 342 -23.01 11.53 -4.73
C HIS B 342 -23.12 10.85 -3.34
N PRO B 343 -23.28 11.63 -2.27
CA PRO B 343 -23.40 11.05 -0.92
C PRO B 343 -24.84 10.98 -0.45
N ALA B 344 -25.77 11.00 -1.39
CA ALA B 344 -27.19 10.95 -1.08
C ALA B 344 -27.57 9.85 -0.09
N LEU B 345 -26.90 8.70 -0.18
CA LEU B 345 -27.19 7.56 0.69
C LEU B 345 -27.06 7.89 2.17
N ALA B 346 -26.39 8.98 2.47
CA ALA B 346 -26.18 9.40 3.85
C ALA B 346 -27.51 9.62 4.57
N ILE B 347 -28.54 10.04 3.84
CA ILE B 347 -29.85 10.30 4.42
C ILE B 347 -30.46 9.00 4.96
N PRO B 348 -30.62 7.98 4.11
CA PRO B 348 -31.19 6.75 4.64
C PRO B 348 -30.26 6.03 5.62
N GLU B 349 -28.96 6.32 5.55
CA GLU B 349 -28.00 5.71 6.45
C GLU B 349 -28.12 6.35 7.84
N LEU B 350 -28.35 7.65 7.90
CA LEU B 350 -28.50 8.27 9.20
C LEU B 350 -29.78 7.71 9.82
N MET B 351 -30.82 7.60 9.01
CA MET B 351 -32.10 7.07 9.45
C MET B 351 -31.90 5.64 9.96
N ARG B 352 -31.22 4.83 9.16
CA ARG B 352 -30.95 3.44 9.52
C ARG B 352 -30.25 3.35 10.87
N ILE B 353 -29.30 4.24 11.12
CA ILE B 353 -28.59 4.22 12.39
C ILE B 353 -29.55 4.62 13.51
N PHE B 354 -30.27 5.71 13.30
CA PHE B 354 -31.22 6.21 14.28
C PHE B 354 -32.29 5.15 14.61
N VAL B 355 -32.88 4.56 13.58
CA VAL B 355 -33.95 3.59 13.77
C VAL B 355 -33.54 2.16 14.14
N ASP B 356 -32.74 1.53 13.30
CA ASP B 356 -32.30 0.14 13.53
C ASP B 356 -31.29 -0.05 14.63
N ILE B 357 -30.47 0.96 14.91
CA ILE B 357 -29.45 0.81 15.94
C ILE B 357 -29.73 1.58 17.22
N GLU B 358 -30.16 2.83 17.09
CA GLU B 358 -30.42 3.66 18.25
C GLU B 358 -31.85 3.48 18.75
N LYS B 359 -32.64 2.76 17.99
CA LYS B 359 -34.03 2.47 18.36
C LYS B 359 -34.94 3.70 18.48
N LEU B 360 -34.62 4.77 17.79
CA LEU B 360 -35.46 5.96 17.85
C LEU B 360 -36.69 5.77 16.96
N PRO B 361 -37.80 6.46 17.28
CA PRO B 361 -39.01 6.33 16.46
C PRO B 361 -38.76 7.03 15.12
N TRP B 362 -39.35 6.49 14.07
CA TRP B 362 -39.19 7.05 12.73
C TRP B 362 -39.39 8.57 12.69
N SER B 363 -40.54 9.01 13.20
CA SER B 363 -40.88 10.42 13.22
C SER B 363 -39.78 11.31 13.77
N LYS B 364 -39.25 10.93 14.92
CA LYS B 364 -38.18 11.68 15.59
C LYS B 364 -36.90 11.64 14.76
N ALA B 365 -36.57 10.46 14.25
CA ALA B 365 -35.38 10.27 13.45
C ALA B 365 -35.42 11.10 12.17
N TRP B 366 -36.56 11.08 11.48
CA TRP B 366 -36.73 11.82 10.24
C TRP B 366 -36.60 13.33 10.47
N GLU B 367 -37.02 13.78 11.65
CA GLU B 367 -36.93 15.20 12.01
C GLU B 367 -35.46 15.60 12.17
N LEU B 368 -34.73 14.82 12.96
CA LEU B 368 -33.32 15.11 13.20
C LEU B 368 -32.51 15.06 11.90
N THR B 369 -32.86 14.12 11.04
CA THR B 369 -32.18 13.97 9.77
C THR B 369 -32.27 15.23 8.91
N GLN B 370 -33.49 15.71 8.67
CA GLN B 370 -33.69 16.91 7.87
C GLN B 370 -32.93 18.11 8.43
N LYS B 371 -32.91 18.23 9.75
CA LYS B 371 -32.22 19.33 10.39
C LYS B 371 -30.71 19.16 10.29
N THR B 372 -30.28 17.93 10.06
CA THR B 372 -28.84 17.65 9.93
C THR B 372 -28.28 17.91 8.54
N PHE B 373 -28.99 17.43 7.52
CA PHE B 373 -28.51 17.58 6.15
C PHE B 373 -28.86 18.85 5.39
N ALA B 374 -28.04 19.15 4.39
CA ALA B 374 -28.21 20.27 3.49
C ALA B 374 -27.65 19.74 2.19
N TYR B 375 -28.30 20.05 1.08
CA TYR B 375 -27.87 19.54 -0.21
C TYR B 375 -27.52 20.65 -1.22
N THR B 376 -26.39 20.46 -1.89
CA THR B 376 -25.93 21.42 -2.89
C THR B 376 -26.06 20.77 -4.26
N ASN B 377 -26.77 21.44 -5.16
CA ASN B 377 -26.97 20.94 -6.52
C ASN B 377 -25.90 21.58 -7.41
N HIS B 378 -25.18 20.74 -8.15
CA HIS B 378 -24.09 21.21 -9.00
C HIS B 378 -24.28 21.09 -10.50
N THR B 379 -25.43 20.62 -10.95
CA THR B 379 -25.60 20.50 -12.39
C THR B 379 -27.04 20.54 -12.86
N VAL B 380 -27.19 20.71 -14.17
CA VAL B 380 -28.49 20.79 -14.81
C VAL B 380 -28.60 19.79 -15.95
N LEU B 381 -27.45 19.32 -16.46
CA LEU B 381 -27.47 18.36 -17.56
C LEU B 381 -28.07 17.04 -17.11
N PRO B 382 -29.08 16.54 -17.85
CA PRO B 382 -29.77 15.29 -17.56
C PRO B 382 -28.90 14.04 -17.53
N GLU B 383 -27.89 13.99 -18.39
CA GLU B 383 -27.01 12.81 -18.45
C GLU B 383 -26.06 12.75 -17.25
N ALA B 384 -26.13 13.76 -16.39
CA ALA B 384 -25.28 13.81 -15.21
C ALA B 384 -26.07 13.41 -13.97
N LEU B 385 -27.40 13.42 -14.07
CA LEU B 385 -28.28 13.09 -12.95
C LEU B 385 -28.12 11.67 -12.43
N GLU B 386 -27.95 11.53 -11.12
CA GLU B 386 -27.81 10.22 -10.50
C GLU B 386 -29.17 9.55 -10.31
N ARG B 387 -29.34 8.42 -10.99
CA ARG B 387 -30.58 7.66 -10.93
C ARG B 387 -30.23 6.17 -10.91
N TRP B 388 -30.08 5.63 -9.70
CA TRP B 388 -29.73 4.22 -9.54
C TRP B 388 -30.88 3.23 -9.68
N PRO B 389 -30.66 2.14 -10.44
CA PRO B 389 -31.66 1.11 -10.66
C PRO B 389 -32.00 0.44 -9.31
N VAL B 390 -33.29 0.37 -8.97
CA VAL B 390 -33.68 -0.23 -7.69
C VAL B 390 -33.17 -1.65 -7.53
N ASP B 391 -32.86 -2.30 -8.64
CA ASP B 391 -32.34 -3.66 -8.62
C ASP B 391 -30.92 -3.71 -8.06
N LEU B 392 -30.08 -2.79 -8.50
CA LEU B 392 -28.71 -2.73 -8.03
C LEU B 392 -28.69 -2.40 -6.55
N VAL B 393 -29.43 -1.37 -6.17
CA VAL B 393 -29.51 -0.94 -4.78
C VAL B 393 -30.09 -2.04 -3.90
N GLU B 394 -31.10 -2.74 -4.40
CA GLU B 394 -31.75 -3.81 -3.65
C GLU B 394 -30.77 -4.92 -3.28
N LYS B 395 -29.94 -5.32 -4.24
CA LYS B 395 -28.95 -6.36 -4.01
C LYS B 395 -27.82 -5.89 -3.09
N LEU B 396 -27.30 -4.70 -3.35
CA LEU B 396 -26.19 -4.14 -2.55
C LEU B 396 -26.59 -3.52 -1.21
N LEU B 397 -27.67 -2.75 -1.21
CA LEU B 397 -28.14 -2.07 0.01
C LEU B 397 -29.64 -2.33 0.16
N PRO B 398 -30.02 -3.58 0.48
CA PRO B 398 -31.42 -3.96 0.66
C PRO B 398 -32.15 -3.20 1.78
N ARG B 399 -31.47 -2.94 2.89
CA ARG B 399 -32.11 -2.23 3.98
C ARG B 399 -32.36 -0.78 3.60
N HIS B 400 -31.41 -0.19 2.86
CA HIS B 400 -31.54 1.21 2.46
C HIS B 400 -32.66 1.39 1.44
N LEU B 401 -32.89 0.37 0.62
CA LEU B 401 -33.97 0.45 -0.34
C LEU B 401 -35.27 0.54 0.45
N GLU B 402 -35.42 -0.31 1.46
CA GLU B 402 -36.63 -0.29 2.28
C GLU B 402 -36.82 1.11 2.84
N ILE B 403 -35.75 1.67 3.39
CA ILE B 403 -35.80 2.99 4.01
C ILE B 403 -36.16 4.09 3.01
N ILE B 404 -35.65 3.96 1.78
CA ILE B 404 -35.94 4.95 0.77
C ILE B 404 -37.41 4.83 0.37
N TYR B 405 -37.89 3.59 0.27
CA TYR B 405 -39.30 3.38 -0.06
C TYR B 405 -40.12 4.06 1.02
N GLU B 406 -39.77 3.80 2.28
CA GLU B 406 -40.48 4.38 3.42
C GLU B 406 -40.58 5.90 3.26
N ILE B 407 -39.42 6.54 3.16
CA ILE B 407 -39.34 7.99 2.99
C ILE B 407 -40.30 8.48 1.91
N ASN B 408 -40.26 7.81 0.76
CA ASN B 408 -41.10 8.15 -0.38
C ASN B 408 -42.59 8.02 -0.04
N GLN B 409 -42.95 6.96 0.68
CA GLN B 409 -44.33 6.73 1.08
C GLN B 409 -44.84 7.89 1.93
N LYS B 410 -44.14 8.20 3.01
CA LYS B 410 -44.52 9.31 3.89
C LYS B 410 -44.60 10.59 3.05
N HIS B 411 -43.62 10.74 2.16
CA HIS B 411 -43.52 11.90 1.28
C HIS B 411 -44.73 12.04 0.36
N LEU B 412 -45.05 10.98 -0.37
CA LEU B 412 -46.17 11.03 -1.30
C LEU B 412 -47.52 11.18 -0.60
N ASP B 413 -47.67 10.53 0.56
CA ASP B 413 -48.91 10.64 1.30
C ASP B 413 -49.23 12.10 1.60
N ARG B 414 -48.19 12.86 1.92
CA ARG B 414 -48.33 14.29 2.23
C ARG B 414 -48.82 15.07 1.02
N ILE B 415 -48.23 14.78 -0.14
CA ILE B 415 -48.60 15.46 -1.37
C ILE B 415 -50.08 15.26 -1.68
N VAL B 416 -50.59 14.05 -1.46
CA VAL B 416 -51.99 13.78 -1.71
C VAL B 416 -52.81 14.53 -0.65
N ALA B 417 -52.31 14.52 0.58
CA ALA B 417 -52.97 15.20 1.69
C ALA B 417 -52.91 16.72 1.52
N LEU B 418 -52.56 17.17 0.32
CA LEU B 418 -52.47 18.60 0.03
C LEU B 418 -53.03 18.86 -1.36
N PHE B 419 -52.84 17.90 -2.28
CA PHE B 419 -53.34 18.02 -3.64
C PHE B 419 -53.97 16.67 -4.00
N PRO B 420 -55.05 16.30 -3.29
CA PRO B 420 -55.81 15.06 -3.44
C PRO B 420 -56.13 14.54 -4.84
N LYS B 421 -56.05 15.41 -5.85
CA LYS B 421 -56.37 14.97 -7.21
C LYS B 421 -55.24 15.06 -8.23
N ASP B 422 -54.25 15.92 -7.98
CA ASP B 422 -53.14 16.08 -8.91
C ASP B 422 -52.33 14.78 -8.96
N VAL B 423 -52.84 13.82 -9.74
CA VAL B 423 -52.21 12.52 -9.89
C VAL B 423 -50.81 12.54 -10.49
N ASP B 424 -50.62 13.28 -11.57
CA ASP B 424 -49.32 13.36 -12.23
C ASP B 424 -48.27 14.06 -11.39
N ARG B 425 -48.69 14.78 -10.35
CA ARG B 425 -47.74 15.49 -9.50
C ARG B 425 -47.04 14.51 -8.58
N LEU B 426 -47.74 13.44 -8.21
CA LEU B 426 -47.17 12.43 -7.32
C LEU B 426 -45.97 11.76 -7.95
N ARG B 427 -46.18 11.09 -9.08
CA ARG B 427 -45.09 10.41 -9.76
C ARG B 427 -43.98 11.39 -10.12
N ARG B 428 -44.38 12.64 -10.36
CA ARG B 428 -43.44 13.68 -10.73
C ARG B 428 -42.57 14.09 -9.54
N MET B 429 -43.05 13.81 -8.34
CA MET B 429 -42.34 14.17 -7.11
C MET B 429 -41.76 13.01 -6.29
N SER B 430 -42.06 11.78 -6.68
CA SER B 430 -41.57 10.62 -5.92
C SER B 430 -40.09 10.40 -6.17
N LEU B 431 -39.43 9.83 -5.17
CA LEU B 431 -38.00 9.56 -5.29
C LEU B 431 -37.80 8.38 -6.23
N ILE B 432 -38.90 7.82 -6.74
CA ILE B 432 -38.82 6.67 -7.61
C ILE B 432 -39.36 6.90 -9.01
N GLU B 433 -38.57 6.54 -10.02
CA GLU B 433 -38.96 6.69 -11.40
C GLU B 433 -39.43 5.32 -11.88
N GLU B 434 -40.75 5.14 -11.97
CA GLU B 434 -41.34 3.88 -12.39
C GLU B 434 -41.17 3.55 -13.87
N GLU B 435 -40.80 4.55 -14.67
CA GLU B 435 -40.62 4.34 -16.11
C GLU B 435 -39.67 3.18 -16.41
N GLY B 436 -40.08 2.33 -17.37
CA GLY B 436 -39.27 1.18 -17.74
C GLY B 436 -38.69 0.45 -16.55
N SER B 437 -37.38 0.51 -16.39
CA SER B 437 -36.71 -0.14 -15.27
C SER B 437 -36.69 0.87 -14.11
N LYS B 438 -37.33 0.50 -13.01
CA LYS B 438 -37.41 1.36 -11.83
C LYS B 438 -36.07 1.81 -11.28
N ARG B 439 -35.92 3.12 -11.13
CA ARG B 439 -34.70 3.71 -10.60
C ARG B 439 -35.00 4.80 -9.55
N ILE B 440 -33.99 5.13 -8.76
CA ILE B 440 -34.13 6.14 -7.72
C ILE B 440 -33.55 7.48 -8.13
N ASN B 441 -34.32 8.55 -7.94
CA ASN B 441 -33.87 9.89 -8.25
C ASN B 441 -33.19 10.41 -6.99
N MET B 442 -31.87 10.27 -6.94
CA MET B 442 -31.08 10.70 -5.78
C MET B 442 -31.26 12.16 -5.44
N ALA B 443 -31.55 12.98 -6.44
CA ALA B 443 -31.75 14.40 -6.21
C ALA B 443 -32.99 14.57 -5.32
N HIS B 444 -34.07 13.87 -5.66
CA HIS B 444 -35.30 13.95 -4.88
C HIS B 444 -35.09 13.43 -3.47
N LEU B 445 -34.28 12.38 -3.33
CA LEU B 445 -33.98 11.87 -2.00
C LEU B 445 -33.27 12.98 -1.23
N CYS B 446 -32.34 13.67 -1.89
CA CYS B 446 -31.59 14.74 -1.26
C CYS B 446 -32.44 15.95 -0.87
N ILE B 447 -33.47 16.24 -1.66
CA ILE B 447 -34.35 17.35 -1.35
C ILE B 447 -35.18 17.12 -0.08
N VAL B 448 -35.86 15.97 0.00
CA VAL B 448 -36.71 15.69 1.14
C VAL B 448 -35.93 15.40 2.42
N GLY B 449 -34.72 14.87 2.27
CA GLY B 449 -33.92 14.57 3.43
C GLY B 449 -33.11 15.73 3.96
N SER B 450 -33.22 16.89 3.32
CA SER B 450 -32.46 18.07 3.75
C SER B 450 -33.36 19.24 4.08
N HIS B 451 -32.87 20.14 4.94
CA HIS B 451 -33.64 21.31 5.33
C HIS B 451 -33.31 22.49 4.43
N ALA B 452 -32.26 22.33 3.62
CA ALA B 452 -31.84 23.40 2.72
C ALA B 452 -31.19 22.82 1.47
N VAL B 453 -31.50 23.42 0.32
CA VAL B 453 -30.93 23.01 -0.96
C VAL B 453 -30.41 24.29 -1.62
N ASN B 454 -29.17 24.28 -2.09
CA ASN B 454 -28.65 25.47 -2.73
C ASN B 454 -28.02 25.20 -4.08
N GLY B 455 -28.13 26.19 -4.96
CA GLY B 455 -27.52 26.10 -6.28
C GLY B 455 -26.17 26.77 -6.10
N VAL B 456 -25.36 26.88 -7.15
CA VAL B 456 -24.06 27.49 -6.99
C VAL B 456 -23.84 28.82 -7.70
N ALA B 457 -24.93 29.46 -8.10
CA ALA B 457 -24.86 30.74 -8.79
C ALA B 457 -26.30 31.23 -8.98
N LYS B 458 -26.49 32.54 -8.90
CA LYS B 458 -27.83 33.11 -9.04
C LYS B 458 -28.66 32.48 -10.14
N ILE B 459 -28.18 32.55 -11.37
CA ILE B 459 -28.91 32.01 -12.51
C ILE B 459 -29.21 30.52 -12.34
N HIS B 460 -28.25 29.78 -11.82
CA HIS B 460 -28.38 28.34 -11.63
C HIS B 460 -29.37 27.98 -10.53
N SER B 461 -29.24 28.64 -9.38
CA SER B 461 -30.12 28.40 -8.24
C SER B 461 -31.56 28.70 -8.62
N ASP B 462 -31.77 29.75 -9.42
CA ASP B 462 -33.11 30.12 -9.86
C ASP B 462 -33.71 28.99 -10.71
N ILE B 463 -32.91 28.49 -11.65
CA ILE B 463 -33.37 27.40 -12.51
C ILE B 463 -33.67 26.13 -11.71
N VAL B 464 -32.90 25.90 -10.66
CA VAL B 464 -33.10 24.74 -9.81
C VAL B 464 -34.37 24.90 -8.97
N LYS B 465 -34.58 26.10 -8.44
CA LYS B 465 -35.75 26.36 -7.61
C LYS B 465 -37.07 26.54 -8.36
N THR B 466 -37.06 27.33 -9.43
CA THR B 466 -38.29 27.60 -10.17
C THR B 466 -38.68 26.64 -11.30
N LYS B 467 -37.71 25.97 -11.91
CA LYS B 467 -38.01 25.04 -12.98
C LYS B 467 -37.81 23.58 -12.62
N VAL B 468 -36.55 23.16 -12.53
CA VAL B 468 -36.22 21.78 -12.20
C VAL B 468 -36.99 21.19 -11.01
N PHE B 469 -37.06 21.93 -9.91
CA PHE B 469 -37.75 21.43 -8.74
C PHE B 469 -38.90 22.34 -8.29
N LYS B 470 -39.60 22.89 -9.29
CA LYS B 470 -40.74 23.77 -9.06
C LYS B 470 -41.73 23.13 -8.08
N ASP B 471 -42.03 21.85 -8.27
CA ASP B 471 -42.97 21.17 -7.38
C ASP B 471 -42.51 21.19 -5.92
N PHE B 472 -41.21 21.01 -5.69
CA PHE B 472 -40.67 21.01 -4.33
C PHE B 472 -40.54 22.42 -3.76
N SER B 473 -40.05 23.35 -4.56
CA SER B 473 -39.87 24.73 -4.11
C SER B 473 -41.22 25.35 -3.76
N GLU B 474 -42.26 24.96 -4.49
CA GLU B 474 -43.59 25.50 -4.24
C GLU B 474 -44.10 25.08 -2.87
N LEU B 475 -43.79 23.86 -2.47
CA LEU B 475 -44.22 23.34 -1.17
C LEU B 475 -43.36 23.88 -0.04
N GLU B 476 -42.05 23.92 -0.25
CA GLU B 476 -41.13 24.42 0.77
C GLU B 476 -40.30 25.56 0.18
N PRO B 477 -40.90 26.76 0.10
CA PRO B 477 -40.27 27.98 -0.43
C PRO B 477 -38.91 28.31 0.17
N ASP B 478 -38.85 28.40 1.50
CA ASP B 478 -37.62 28.72 2.20
C ASP B 478 -36.48 27.71 2.02
N LYS B 479 -36.82 26.48 1.69
CA LYS B 479 -35.81 25.42 1.52
C LYS B 479 -34.71 25.70 0.48
N PHE B 480 -35.08 26.22 -0.68
CA PHE B 480 -34.12 26.50 -1.75
C PHE B 480 -33.40 27.84 -1.61
N GLN B 481 -32.07 27.82 -1.71
CA GLN B 481 -31.25 29.02 -1.60
C GLN B 481 -30.19 29.08 -2.69
N ASN B 482 -29.45 30.18 -2.71
CA ASN B 482 -28.33 30.33 -3.62
C ASN B 482 -27.12 30.65 -2.77
N LYS B 483 -25.97 30.20 -3.24
CA LYS B 483 -24.69 30.44 -2.59
C LYS B 483 -23.73 30.46 -3.77
N THR B 484 -23.45 31.65 -4.29
CA THR B 484 -22.56 31.77 -5.42
C THR B 484 -21.17 31.28 -5.03
N ASN B 485 -20.59 30.45 -5.90
CA ASN B 485 -19.28 29.86 -5.69
C ASN B 485 -18.18 30.89 -5.44
N GLY B 486 -17.00 30.38 -5.05
CA GLY B 486 -15.85 31.23 -4.79
C GLY B 486 -14.57 30.44 -4.90
N ILE B 487 -13.43 31.12 -4.84
CA ILE B 487 -12.12 30.48 -4.92
C ILE B 487 -11.27 31.05 -3.79
N THR B 488 -10.30 30.31 -3.28
CA THR B 488 -9.49 30.87 -2.20
C THR B 488 -8.39 31.77 -2.76
N PRO B 489 -8.35 33.03 -2.31
CA PRO B 489 -7.34 34.00 -2.76
C PRO B 489 -5.92 33.65 -2.28
N ARG B 490 -5.80 32.60 -1.48
CA ARG B 490 -4.47 32.22 -1.03
C ARG B 490 -3.82 31.46 -2.19
N ARG B 491 -4.31 30.27 -2.47
CA ARG B 491 -3.74 29.50 -3.57
C ARG B 491 -3.84 30.20 -4.93
N TRP B 492 -5.01 30.78 -5.22
CA TRP B 492 -5.23 31.43 -6.51
C TRP B 492 -4.82 32.89 -6.63
N LEU B 493 -3.93 33.35 -5.75
CA LEU B 493 -3.43 34.71 -5.82
C LEU B 493 -2.07 34.80 -5.12
N LEU B 494 -2.08 34.72 -3.78
CA LEU B 494 -0.82 34.78 -3.04
C LEU B 494 0.17 33.72 -3.53
N LEU B 495 -0.28 32.48 -3.55
CA LEU B 495 0.58 31.38 -3.97
C LEU B 495 0.89 31.38 -5.47
N CYS B 496 -0.14 31.36 -6.32
CA CYS B 496 0.09 31.30 -7.76
C CYS B 496 0.56 32.57 -8.46
N ASN B 497 0.27 33.73 -7.89
CA ASN B 497 0.71 34.98 -8.53
C ASN B 497 1.36 35.92 -7.51
N PRO B 498 2.54 35.54 -6.98
CA PRO B 498 3.23 36.39 -6.00
C PRO B 498 3.47 37.81 -6.50
N GLY B 499 3.72 37.94 -7.81
CA GLY B 499 3.94 39.25 -8.40
C GLY B 499 2.75 40.17 -8.24
N LEU B 500 1.54 39.67 -8.54
CA LEU B 500 0.33 40.47 -8.43
C LEU B 500 0.02 40.78 -6.98
N ALA B 501 0.00 39.73 -6.15
CA ALA B 501 -0.29 39.90 -4.73
C ALA B 501 0.53 41.04 -4.15
N GLU B 502 1.81 41.04 -4.48
CA GLU B 502 2.72 42.07 -4.00
C GLU B 502 2.29 43.46 -4.51
N LEU B 503 2.19 43.59 -5.83
CA LEU B 503 1.79 44.85 -6.45
C LEU B 503 0.59 45.42 -5.72
N ILE B 504 -0.43 44.60 -5.55
CA ILE B 504 -1.65 45.01 -4.87
C ILE B 504 -1.40 45.46 -3.43
N ALA B 505 -0.67 44.65 -2.67
CA ALA B 505 -0.38 44.96 -1.28
C ALA B 505 0.44 46.25 -1.15
N GLU B 506 1.25 46.53 -2.16
CA GLU B 506 2.07 47.75 -2.14
C GLU B 506 1.19 48.97 -2.34
N LYS B 507 -0.01 48.77 -2.87
CA LYS B 507 -0.90 49.88 -3.12
C LYS B 507 -2.02 50.06 -2.09
N ILE B 508 -2.52 48.96 -1.53
CA ILE B 508 -3.60 49.06 -0.55
C ILE B 508 -3.46 48.21 0.71
N GLY B 509 -2.26 47.70 0.98
CA GLY B 509 -2.08 46.88 2.17
C GLY B 509 -2.49 45.44 1.90
N GLU B 510 -2.36 44.58 2.92
CA GLU B 510 -2.71 43.18 2.77
C GLU B 510 -3.99 42.71 3.44
N ASP B 511 -4.84 43.65 3.84
CA ASP B 511 -6.10 43.28 4.47
C ASP B 511 -6.95 42.53 3.47
N TYR B 512 -6.70 42.79 2.19
CA TYR B 512 -7.46 42.17 1.12
C TYR B 512 -7.38 40.65 1.12
N VAL B 513 -6.28 40.11 1.62
CA VAL B 513 -6.10 38.66 1.64
C VAL B 513 -7.25 37.96 2.39
N LYS B 514 -7.61 38.50 3.56
CA LYS B 514 -8.69 37.93 4.36
C LYS B 514 -10.05 38.58 4.10
N ASP B 515 -10.08 39.65 3.33
CA ASP B 515 -11.31 40.36 2.96
C ASP B 515 -11.13 40.86 1.52
N LEU B 516 -11.29 39.95 0.57
CA LEU B 516 -11.09 40.28 -0.84
C LEU B 516 -11.89 41.49 -1.35
N SER B 517 -13.00 41.81 -0.70
CA SER B 517 -13.80 42.96 -1.13
C SER B 517 -12.92 44.20 -1.07
N GLN B 518 -11.88 44.14 -0.25
CA GLN B 518 -10.95 45.25 -0.12
C GLN B 518 -10.32 45.62 -1.45
N LEU B 519 -10.40 44.71 -2.43
CA LEU B 519 -9.83 44.96 -3.75
C LEU B 519 -10.49 46.15 -4.47
N THR B 520 -11.69 46.52 -4.04
CA THR B 520 -12.40 47.64 -4.66
C THR B 520 -11.60 48.93 -4.55
N LYS B 521 -10.61 48.94 -3.66
CA LYS B 521 -9.78 50.12 -3.46
C LYS B 521 -8.78 50.35 -4.59
N LEU B 522 -8.61 49.34 -5.43
CA LEU B 522 -7.69 49.46 -6.55
C LEU B 522 -8.27 50.44 -7.58
N HIS B 523 -9.50 50.88 -7.33
CA HIS B 523 -10.17 51.83 -8.22
C HIS B 523 -9.48 53.18 -8.18
N SER B 524 -8.96 53.54 -7.01
CA SER B 524 -8.27 54.80 -6.82
C SER B 524 -7.12 54.97 -7.80
N PHE B 525 -6.69 53.86 -8.40
CA PHE B 525 -5.58 53.91 -9.33
C PHE B 525 -5.99 53.84 -10.79
N LEU B 526 -7.28 54.05 -11.07
CA LEU B 526 -7.77 53.99 -12.44
C LEU B 526 -7.06 54.90 -13.43
N GLY B 527 -6.62 56.06 -12.97
CA GLY B 527 -5.93 56.97 -13.87
C GLY B 527 -4.42 56.93 -13.73
N ASP B 528 -3.94 56.23 -12.71
CA ASP B 528 -2.51 56.12 -12.43
C ASP B 528 -1.79 55.29 -13.51
N ASP B 529 -1.05 55.99 -14.38
CA ASP B 529 -0.32 55.35 -15.47
C ASP B 529 0.83 54.48 -14.98
N VAL B 530 1.54 54.92 -13.95
CA VAL B 530 2.65 54.13 -13.45
C VAL B 530 2.15 52.79 -12.94
N PHE B 531 1.06 52.83 -12.16
CA PHE B 531 0.47 51.62 -11.62
C PHE B 531 0.04 50.69 -12.76
N LEU B 532 -0.58 51.26 -13.79
CA LEU B 532 -1.03 50.47 -14.92
C LEU B 532 0.14 49.84 -15.67
N ARG B 533 1.25 50.55 -15.75
CA ARG B 533 2.43 50.01 -16.42
C ARG B 533 2.99 48.87 -15.55
N GLU B 534 2.89 49.05 -14.24
CA GLU B 534 3.37 48.04 -13.27
C GLU B 534 2.49 46.80 -13.35
N LEU B 535 1.20 47.02 -13.55
CA LEU B 535 0.25 45.92 -13.63
C LEU B 535 0.59 45.03 -14.83
N ALA B 536 0.82 45.67 -15.98
CA ALA B 536 1.15 44.95 -17.20
C ALA B 536 2.53 44.31 -17.12
N LYS B 537 3.39 44.87 -16.29
CA LYS B 537 4.74 44.33 -16.10
C LYS B 537 4.60 42.96 -15.44
N VAL B 538 3.81 42.92 -14.36
CA VAL B 538 3.58 41.69 -13.63
C VAL B 538 3.05 40.63 -14.60
N LYS B 539 2.05 41.00 -15.40
CA LYS B 539 1.48 40.08 -16.34
C LYS B 539 2.54 39.58 -17.31
N GLN B 540 3.45 40.46 -17.69
CA GLN B 540 4.52 40.13 -18.60
C GLN B 540 5.51 39.12 -18.01
N GLU B 541 5.89 39.33 -16.76
CA GLU B 541 6.82 38.40 -16.09
C GLU B 541 6.21 37.00 -16.05
N ASN B 542 4.92 36.94 -15.75
CA ASN B 542 4.21 35.66 -15.68
C ASN B 542 4.25 34.97 -17.04
N LYS B 543 3.96 35.72 -18.09
CA LYS B 543 3.97 35.18 -19.44
C LYS B 543 5.36 34.68 -19.85
N LEU B 544 6.39 35.43 -19.45
CA LEU B 544 7.74 35.03 -19.81
C LEU B 544 8.16 33.77 -19.08
N LYS B 545 7.77 33.66 -17.82
CA LYS B 545 8.11 32.46 -17.03
C LYS B 545 7.35 31.25 -17.56
N PHE B 546 6.07 31.43 -17.85
CA PHE B 546 5.27 30.32 -18.37
C PHE B 546 5.67 29.96 -19.81
N SER B 547 6.21 30.94 -20.54
CA SER B 547 6.63 30.67 -21.91
C SER B 547 7.80 29.70 -21.88
N GLN B 548 8.78 29.97 -21.02
CA GLN B 548 9.93 29.09 -20.88
C GLN B 548 9.47 27.68 -20.55
N PHE B 549 8.29 27.58 -19.95
CA PHE B 549 7.69 26.29 -19.60
C PHE B 549 7.23 25.61 -20.89
N LEU B 550 6.46 26.35 -21.69
CA LEU B 550 5.93 25.84 -22.95
C LEU B 550 7.05 25.55 -23.94
N GLU B 551 8.15 26.28 -23.80
CA GLU B 551 9.30 26.11 -24.67
C GLU B 551 9.92 24.73 -24.48
N THR B 552 10.26 24.40 -23.23
CA THR B 552 10.87 23.11 -22.92
C THR B 552 9.92 21.93 -23.10
N GLU B 553 8.64 22.14 -22.82
CA GLU B 553 7.66 21.07 -22.96
C GLU B 553 7.23 20.82 -24.41
N TYR B 554 7.05 21.88 -25.17
CA TYR B 554 6.63 21.76 -26.57
C TYR B 554 7.65 22.44 -27.49
N LYS B 555 7.88 21.86 -28.67
CA LYS B 555 8.83 22.46 -29.60
C LYS B 555 8.13 23.54 -30.40
N VAL B 556 7.87 24.66 -29.74
CA VAL B 556 7.20 25.78 -30.38
C VAL B 556 7.80 27.07 -29.85
N LYS B 557 8.11 27.99 -30.75
CA LYS B 557 8.66 29.27 -30.35
C LYS B 557 7.49 30.17 -30.03
N ILE B 558 7.41 30.60 -28.78
CA ILE B 558 6.33 31.46 -28.33
C ILE B 558 6.63 32.94 -28.53
N ASN B 559 5.70 33.64 -29.16
CA ASN B 559 5.81 35.07 -29.37
C ASN B 559 5.48 35.65 -27.99
N PRO B 560 6.50 36.02 -27.21
CA PRO B 560 6.26 36.58 -25.87
C PRO B 560 5.42 37.84 -25.82
N SER B 561 5.20 38.46 -26.98
CA SER B 561 4.42 39.68 -27.03
C SER B 561 3.00 39.45 -27.53
N SER B 562 2.69 38.20 -27.90
CA SER B 562 1.35 37.89 -28.37
C SER B 562 0.36 37.90 -27.21
N MET B 563 -0.92 37.87 -27.55
CA MET B 563 -1.99 37.84 -26.55
C MET B 563 -2.21 36.38 -26.19
N PHE B 564 -2.18 36.07 -24.89
CA PHE B 564 -2.40 34.70 -24.44
C PHE B 564 -3.89 34.40 -24.31
N ASP B 565 -4.42 33.69 -25.30
CA ASP B 565 -5.83 33.32 -25.33
C ASP B 565 -5.93 31.90 -24.79
N VAL B 566 -6.49 31.77 -23.58
CA VAL B 566 -6.58 30.47 -22.92
C VAL B 566 -7.95 29.93 -22.52
N GLN B 567 -8.18 28.65 -22.85
CA GLN B 567 -9.42 27.98 -22.46
C GLN B 567 -9.01 26.64 -21.83
N VAL B 568 -8.90 26.63 -20.50
CA VAL B 568 -8.51 25.41 -19.79
C VAL B 568 -9.60 24.99 -18.82
N LYS B 569 -10.06 23.76 -19.00
CA LYS B 569 -11.11 23.16 -18.17
C LYS B 569 -11.31 21.76 -18.74
N ARG B 570 -12.13 20.94 -18.09
CA ARG B 570 -12.37 19.59 -18.58
C ARG B 570 -13.01 19.71 -19.96
N ILE B 571 -12.69 18.77 -20.85
CA ILE B 571 -13.24 18.77 -22.21
C ILE B 571 -14.68 18.27 -22.24
N HIS B 572 -15.59 19.09 -22.76
CA HIS B 572 -17.01 18.72 -22.86
C HIS B 572 -17.71 19.60 -23.90
N GLU B 573 -18.62 19.00 -24.65
CA GLU B 573 -19.36 19.72 -25.68
C GLU B 573 -20.04 20.98 -25.18
N TYR B 574 -20.63 20.92 -23.99
CA TYR B 574 -21.30 22.08 -23.43
C TYR B 574 -20.33 23.20 -23.11
N LYS B 575 -19.05 22.86 -22.98
CA LYS B 575 -18.01 23.84 -22.67
C LYS B 575 -17.45 24.49 -23.94
N ARG B 576 -17.74 23.85 -25.08
CA ARG B 576 -17.36 24.37 -26.39
C ARG B 576 -15.90 24.65 -26.74
N GLN B 577 -15.02 23.69 -26.55
CA GLN B 577 -13.64 23.90 -26.95
C GLN B 577 -13.71 23.92 -28.48
N LEU B 578 -14.79 23.37 -29.02
CA LEU B 578 -15.04 23.31 -30.46
C LEU B 578 -15.23 24.71 -31.06
N LEU B 579 -16.18 25.45 -30.49
CA LEU B 579 -16.46 26.81 -30.95
C LEU B 579 -15.14 27.58 -30.99
N ASN B 580 -14.35 27.43 -29.93
CA ASN B 580 -13.05 28.10 -29.85
C ASN B 580 -12.19 27.64 -31.04
N CYS B 581 -12.19 26.32 -31.24
CA CYS B 581 -11.43 25.72 -32.31
C CYS B 581 -11.87 26.26 -33.67
N LEU B 582 -13.19 26.45 -33.83
CA LEU B 582 -13.71 27.00 -35.07
C LEU B 582 -13.13 28.39 -35.28
N HIS B 583 -12.94 29.13 -34.19
CA HIS B 583 -12.38 30.47 -34.25
C HIS B 583 -10.91 30.45 -34.66
N VAL B 584 -10.13 29.58 -34.03
CA VAL B 584 -8.71 29.48 -34.35
C VAL B 584 -8.54 29.21 -35.84
N ILE B 585 -9.34 28.28 -36.36
CA ILE B 585 -9.28 27.95 -37.78
C ILE B 585 -9.67 29.15 -38.63
N THR B 586 -10.65 29.92 -38.15
CA THR B 586 -11.10 31.10 -38.86
C THR B 586 -10.00 32.16 -38.90
N MET B 587 -9.18 32.22 -37.84
CA MET B 587 -8.08 33.18 -37.80
C MET B 587 -6.97 32.72 -38.73
N TYR B 588 -6.82 31.40 -38.86
CA TYR B 588 -5.79 30.82 -39.71
C TYR B 588 -6.02 31.24 -41.15
N ASN B 589 -7.23 30.97 -41.63
CA ASN B 589 -7.58 31.32 -42.99
C ASN B 589 -7.36 32.81 -43.23
N ARG B 590 -7.94 33.65 -42.38
CA ARG B 590 -7.78 35.08 -42.54
C ARG B 590 -6.34 35.52 -42.80
N ILE B 591 -5.39 34.92 -42.09
CA ILE B 591 -3.98 35.26 -42.26
C ILE B 591 -3.48 34.79 -43.62
N LYS B 592 -4.03 33.68 -44.10
CA LYS B 592 -3.63 33.10 -45.38
C LYS B 592 -4.08 34.00 -46.52
N LYS B 593 -5.33 34.43 -46.45
CA LYS B 593 -5.93 35.28 -47.47
C LYS B 593 -5.22 36.63 -47.53
N ASP B 594 -4.87 37.17 -46.36
CA ASP B 594 -4.22 38.47 -46.29
C ASP B 594 -3.11 38.47 -45.22
N PRO B 595 -1.95 37.90 -45.55
CA PRO B 595 -0.80 37.82 -44.65
C PRO B 595 -0.13 39.15 -44.31
N LYS B 596 -0.58 40.23 -44.93
CA LYS B 596 0.01 41.55 -44.69
C LYS B 596 -0.82 42.38 -43.71
N LYS B 597 -2.10 42.02 -43.60
CA LYS B 597 -3.03 42.71 -42.73
C LYS B 597 -2.49 42.85 -41.31
N LEU B 598 -2.63 44.05 -40.73
CA LEU B 598 -2.17 44.31 -39.37
C LEU B 598 -2.95 43.38 -38.44
N PHE B 599 -2.25 42.43 -37.85
CA PHE B 599 -2.87 41.44 -36.98
C PHE B 599 -2.26 41.39 -35.58
N VAL B 600 -3.10 41.39 -34.57
CA VAL B 600 -2.63 41.30 -33.19
C VAL B 600 -2.28 39.83 -32.98
N PRO B 601 -0.99 39.51 -32.78
CA PRO B 601 -0.53 38.13 -32.59
C PRO B 601 -1.11 37.44 -31.36
N ARG B 602 -1.52 36.18 -31.53
CA ARG B 602 -2.09 35.40 -30.44
C ARG B 602 -1.39 34.06 -30.20
N THR B 603 -1.48 33.61 -28.95
CA THR B 603 -0.95 32.32 -28.53
C THR B 603 -2.19 31.69 -27.91
N VAL B 604 -2.86 30.85 -28.68
CA VAL B 604 -4.08 30.20 -28.20
C VAL B 604 -3.75 28.91 -27.49
N ILE B 605 -4.18 28.83 -26.23
CA ILE B 605 -3.93 27.66 -25.42
C ILE B 605 -5.25 27.01 -25.01
N ILE B 606 -5.41 25.75 -25.38
CA ILE B 606 -6.60 24.97 -25.04
C ILE B 606 -6.13 23.69 -24.37
N GLY B 607 -6.56 23.49 -23.12
CA GLY B 607 -6.16 22.31 -22.40
C GLY B 607 -7.27 21.76 -21.54
N GLY B 608 -7.18 20.47 -21.24
CA GLY B 608 -8.19 19.83 -20.42
C GLY B 608 -8.21 18.34 -20.69
N LYS B 609 -8.70 17.59 -19.71
CA LYS B 609 -8.78 16.14 -19.87
C LYS B 609 -10.19 15.74 -20.27
N ALA B 610 -10.29 14.64 -21.01
CA ALA B 610 -11.58 14.14 -21.43
C ALA B 610 -11.85 12.87 -20.64
N ALA B 611 -13.11 12.58 -20.35
CA ALA B 611 -13.46 11.36 -19.64
C ALA B 611 -13.11 10.24 -20.62
N PRO B 612 -12.36 9.23 -20.17
CA PRO B 612 -11.96 8.11 -21.02
C PRO B 612 -13.05 7.57 -21.95
N GLY B 613 -14.27 7.47 -21.45
CA GLY B 613 -15.37 6.96 -22.25
C GLY B 613 -16.16 8.01 -23.01
N TYR B 614 -15.63 9.24 -23.12
CA TYR B 614 -16.32 10.32 -23.83
C TYR B 614 -15.71 10.43 -25.24
N HIS B 615 -16.32 9.76 -26.21
CA HIS B 615 -15.82 9.76 -27.57
C HIS B 615 -15.71 11.14 -28.21
N MET B 616 -16.78 11.93 -28.16
CA MET B 616 -16.76 13.26 -28.76
C MET B 616 -15.62 14.13 -28.24
N ALA B 617 -15.44 14.14 -26.92
CA ALA B 617 -14.39 14.93 -26.28
C ALA B 617 -13.03 14.52 -26.83
N LYS B 618 -12.81 13.22 -26.99
CA LYS B 618 -11.54 12.75 -27.53
C LYS B 618 -11.38 13.20 -28.98
N MET B 619 -12.48 13.19 -29.74
CA MET B 619 -12.43 13.64 -31.13
C MET B 619 -12.03 15.11 -31.15
N ILE B 620 -12.66 15.90 -30.30
CA ILE B 620 -12.37 17.32 -30.22
C ILE B 620 -10.90 17.58 -29.88
N ILE B 621 -10.36 16.79 -28.95
CA ILE B 621 -8.95 16.95 -28.61
C ILE B 621 -8.10 16.73 -29.86
N LYS B 622 -8.36 15.63 -30.57
CA LYS B 622 -7.62 15.29 -31.77
C LYS B 622 -7.79 16.41 -32.79
N LEU B 623 -9.01 16.90 -32.93
CA LEU B 623 -9.30 17.99 -33.85
C LEU B 623 -8.42 19.19 -33.55
N ILE B 624 -8.31 19.54 -32.27
CA ILE B 624 -7.49 20.68 -31.85
C ILE B 624 -6.01 20.45 -32.10
N THR B 625 -5.51 19.26 -31.78
CA THR B 625 -4.09 19.00 -32.00
C THR B 625 -3.79 19.00 -33.50
N SER B 626 -4.78 18.57 -34.29
CA SER B 626 -4.62 18.54 -35.74
C SER B 626 -4.51 19.98 -36.26
N VAL B 627 -5.42 20.83 -35.77
CA VAL B 627 -5.44 22.24 -36.15
C VAL B 627 -4.12 22.88 -35.75
N ALA B 628 -3.72 22.70 -34.50
CA ALA B 628 -2.48 23.27 -34.00
C ALA B 628 -1.32 22.95 -34.94
N ASP B 629 -1.16 21.68 -35.30
CA ASP B 629 -0.06 21.28 -36.19
C ASP B 629 -0.07 22.07 -37.50
N VAL B 630 -1.23 22.15 -38.13
CA VAL B 630 -1.34 22.89 -39.38
C VAL B 630 -1.02 24.37 -39.24
N VAL B 631 -1.42 24.96 -38.12
CA VAL B 631 -1.18 26.38 -37.87
C VAL B 631 0.25 26.67 -37.44
N ASN B 632 0.76 25.85 -36.52
CA ASN B 632 2.11 26.00 -35.97
C ASN B 632 3.23 25.86 -36.99
N ASN B 633 3.00 25.04 -38.01
CA ASN B 633 4.02 24.79 -39.02
C ASN B 633 3.87 25.58 -40.31
N ASP B 634 2.70 26.19 -40.51
CA ASP B 634 2.48 26.96 -41.72
C ASP B 634 3.47 28.12 -41.76
N PRO B 635 4.28 28.19 -42.83
CA PRO B 635 5.30 29.21 -43.04
C PRO B 635 4.79 30.64 -43.14
N MET B 636 3.57 30.81 -43.66
CA MET B 636 3.01 32.13 -43.81
C MET B 636 2.51 32.73 -42.49
N VAL B 637 1.98 31.88 -41.61
CA VAL B 637 1.48 32.36 -40.32
C VAL B 637 2.60 32.75 -39.36
N GLY B 638 3.67 31.95 -39.36
CA GLY B 638 4.81 32.24 -38.50
C GLY B 638 4.46 32.52 -37.04
N SER B 639 5.15 33.51 -36.47
CA SER B 639 4.93 33.88 -35.07
C SER B 639 3.70 34.75 -34.87
N LYS B 640 2.79 34.70 -35.85
CA LYS B 640 1.55 35.49 -35.78
C LYS B 640 0.47 34.77 -34.99
N LEU B 641 0.45 33.44 -35.08
CA LEU B 641 -0.52 32.63 -34.37
C LEU B 641 0.01 31.24 -34.05
N LYS B 642 0.00 30.89 -32.77
CA LYS B 642 0.45 29.58 -32.33
C LYS B 642 -0.62 28.90 -31.49
N VAL B 643 -0.84 27.61 -31.72
CA VAL B 643 -1.85 26.87 -30.98
C VAL B 643 -1.19 25.82 -30.10
N ILE B 644 -1.57 25.81 -28.83
CA ILE B 644 -1.01 24.84 -27.88
C ILE B 644 -2.12 24.12 -27.16
N PHE B 645 -1.95 22.81 -26.99
CA PHE B 645 -2.93 22.04 -26.25
C PHE B 645 -2.22 21.69 -24.96
N LEU B 646 -2.48 22.46 -23.91
CA LEU B 646 -1.87 22.22 -22.61
C LEU B 646 -2.19 20.82 -22.13
N GLU B 647 -1.19 19.95 -22.16
CA GLU B 647 -1.37 18.58 -21.73
C GLU B 647 -1.46 18.41 -20.22
N ASN B 648 -2.23 17.42 -19.80
CA ASN B 648 -2.35 17.11 -18.38
C ASN B 648 -2.75 18.31 -17.53
N TYR B 649 -3.81 19.00 -17.95
CA TYR B 649 -4.27 20.16 -17.20
C TYR B 649 -4.71 19.67 -15.82
N ARG B 650 -4.17 20.29 -14.78
CA ARG B 650 -4.48 19.90 -13.41
C ARG B 650 -4.23 21.12 -12.51
N VAL B 651 -4.56 21.00 -11.22
CA VAL B 651 -4.41 22.11 -10.29
C VAL B 651 -3.08 22.84 -10.28
N SER B 652 -1.97 22.11 -10.14
CA SER B 652 -0.67 22.77 -10.09
C SER B 652 -0.32 23.43 -11.43
N LEU B 653 -0.89 22.91 -12.52
CA LEU B 653 -0.63 23.50 -13.84
C LEU B 653 -1.47 24.76 -14.01
N ALA B 654 -2.68 24.74 -13.45
CA ALA B 654 -3.56 25.89 -13.54
C ALA B 654 -2.87 27.08 -12.87
N GLU B 655 -2.20 26.82 -11.76
CA GLU B 655 -1.47 27.85 -11.02
C GLU B 655 -0.40 28.51 -11.88
N LYS B 656 0.05 27.82 -12.92
CA LYS B 656 1.06 28.35 -13.82
C LYS B 656 0.46 29.15 -15.00
N VAL B 657 -0.43 28.50 -15.74
CA VAL B 657 -1.02 29.14 -16.90
C VAL B 657 -1.98 30.31 -16.64
N ILE B 658 -2.86 30.17 -15.65
CA ILE B 658 -3.82 31.22 -15.33
C ILE B 658 -3.17 32.60 -15.15
N PRO B 659 -2.13 32.73 -14.30
CA PRO B 659 -1.47 34.02 -14.07
C PRO B 659 -0.84 34.61 -15.32
N ALA B 660 -0.60 33.76 -16.32
CA ALA B 660 0.01 34.17 -17.57
C ALA B 660 -1.03 34.47 -18.64
N THR B 661 -2.29 34.46 -18.28
CA THR B 661 -3.34 34.70 -19.26
C THR B 661 -3.79 36.15 -19.44
N ASP B 662 -4.21 36.46 -20.67
CA ASP B 662 -4.71 37.78 -21.02
C ASP B 662 -6.21 37.63 -21.27
N LEU B 663 -6.56 36.65 -22.09
CA LEU B 663 -7.96 36.40 -22.44
C LEU B 663 -8.45 35.05 -21.93
N SER B 664 -9.49 35.08 -21.11
CA SER B 664 -10.07 33.86 -20.52
C SER B 664 -11.32 33.41 -21.27
N GLU B 665 -11.26 32.21 -21.83
CA GLU B 665 -12.39 31.66 -22.57
C GLU B 665 -13.38 31.02 -21.61
N GLN B 666 -14.59 31.58 -21.53
CA GLN B 666 -15.65 31.05 -20.69
C GLN B 666 -16.88 31.09 -21.61
N ILE B 667 -16.87 30.20 -22.59
CA ILE B 667 -17.92 30.18 -23.61
C ILE B 667 -18.96 29.07 -23.63
N SER B 668 -19.29 28.55 -22.46
CA SER B 668 -20.31 27.50 -22.38
C SER B 668 -21.68 27.99 -22.86
N THR B 669 -22.49 27.08 -23.41
CA THR B 669 -23.82 27.45 -23.87
C THR B 669 -24.62 27.96 -22.68
N ALA B 670 -25.32 29.09 -22.85
CA ALA B 670 -26.10 29.66 -21.76
C ALA B 670 -27.02 28.62 -21.10
N GLY B 671 -26.89 28.49 -19.79
CA GLY B 671 -27.71 27.56 -19.03
C GLY B 671 -27.03 26.22 -18.75
N THR B 672 -25.83 26.03 -19.26
CA THR B 672 -25.14 24.76 -19.08
C THR B 672 -24.14 24.74 -17.93
N GLU B 673 -23.35 25.81 -17.80
CA GLU B 673 -22.35 25.88 -16.75
C GLU B 673 -23.01 26.44 -15.49
N ALA B 674 -23.28 25.57 -14.53
CA ALA B 674 -23.93 25.97 -13.29
C ALA B 674 -23.30 27.20 -12.65
N SER B 675 -21.98 27.27 -12.68
CA SER B 675 -21.30 28.41 -12.08
C SER B 675 -19.93 28.68 -12.70
N GLY B 676 -19.06 27.68 -12.57
CA GLY B 676 -17.72 27.83 -13.07
C GLY B 676 -16.93 28.51 -11.97
N THR B 677 -15.62 28.24 -11.92
CA THR B 677 -14.75 28.84 -10.93
C THR B 677 -13.43 29.24 -11.61
N GLY B 678 -13.16 28.64 -12.76
CA GLY B 678 -11.96 28.99 -13.48
C GLY B 678 -12.13 30.44 -13.92
N ASN B 679 -13.36 30.80 -14.27
CA ASN B 679 -13.66 32.16 -14.68
C ASN B 679 -13.19 33.15 -13.61
N MET B 680 -13.47 32.83 -12.35
CA MET B 680 -13.08 33.67 -11.23
C MET B 680 -11.55 33.77 -11.08
N LYS B 681 -10.87 32.63 -11.13
CA LYS B 681 -9.42 32.59 -11.01
C LYS B 681 -8.78 33.54 -12.02
N PHE B 682 -9.25 33.47 -13.26
CA PHE B 682 -8.73 34.33 -14.31
C PHE B 682 -9.02 35.80 -14.02
N MET B 683 -10.23 36.09 -13.54
CA MET B 683 -10.61 37.46 -13.23
C MET B 683 -9.70 38.03 -12.17
N LEU B 684 -9.46 37.25 -11.13
CA LEU B 684 -8.61 37.68 -10.03
C LEU B 684 -7.14 37.81 -10.45
N ASN B 685 -6.74 37.09 -11.50
CA ASN B 685 -5.35 37.11 -11.92
C ASN B 685 -4.94 38.04 -13.08
N GLY B 686 -5.80 38.97 -13.46
CA GLY B 686 -5.44 39.90 -14.50
C GLY B 686 -5.79 39.57 -15.93
N ALA B 687 -6.77 38.71 -16.15
CA ALA B 687 -7.18 38.38 -17.50
C ALA B 687 -8.55 38.97 -17.77
N LEU B 688 -8.83 39.23 -19.05
CA LEU B 688 -10.14 39.74 -19.43
C LEU B 688 -10.93 38.52 -19.88
N THR B 689 -12.23 38.56 -19.66
CA THR B 689 -13.07 37.43 -20.02
C THR B 689 -13.93 37.58 -21.26
N ILE B 690 -13.91 36.56 -22.10
CA ILE B 690 -14.76 36.54 -23.28
C ILE B 690 -15.67 35.35 -23.04
N GLY B 691 -16.96 35.62 -22.93
CA GLY B 691 -17.89 34.53 -22.69
C GLY B 691 -19.35 34.89 -22.78
N THR B 692 -20.18 33.88 -22.52
CA THR B 692 -21.62 34.02 -22.55
C THR B 692 -22.13 34.43 -21.18
N MET B 693 -23.37 34.88 -21.14
CA MET B 693 -23.99 35.27 -19.90
C MET B 693 -24.46 33.94 -19.29
N ASP B 694 -23.53 33.23 -18.66
CA ASP B 694 -23.86 31.94 -18.06
C ASP B 694 -23.21 31.79 -16.69
N GLY B 695 -23.69 30.81 -15.91
CA GLY B 695 -23.15 30.59 -14.59
C GLY B 695 -22.79 31.86 -13.86
N ALA B 696 -21.63 31.87 -13.22
CA ALA B 696 -21.18 33.04 -12.48
C ALA B 696 -20.67 34.13 -13.41
N ASN B 697 -20.56 33.84 -14.70
CA ASN B 697 -20.10 34.85 -15.66
C ASN B 697 -21.02 36.08 -15.51
N VAL B 698 -22.32 35.81 -15.32
CA VAL B 698 -23.29 36.89 -15.16
C VAL B 698 -22.93 37.80 -14.00
N GLU B 699 -22.67 37.20 -12.85
CA GLU B 699 -22.34 37.97 -11.67
C GLU B 699 -21.00 38.68 -11.79
N MET B 700 -20.12 38.16 -12.66
CA MET B 700 -18.83 38.81 -12.86
C MET B 700 -19.06 40.10 -13.61
N ALA B 701 -20.03 40.09 -14.52
CA ALA B 701 -20.38 41.28 -15.29
C ALA B 701 -21.08 42.25 -14.33
N GLU B 702 -21.95 41.71 -13.49
CA GLU B 702 -22.66 42.54 -12.52
C GLU B 702 -21.68 43.33 -11.67
N GLU B 703 -20.67 42.63 -11.15
CA GLU B 703 -19.67 43.25 -10.29
C GLU B 703 -18.73 44.23 -11.00
N ALA B 704 -18.16 43.81 -12.12
CA ALA B 704 -17.23 44.64 -12.86
C ALA B 704 -17.87 45.62 -13.85
N GLY B 705 -19.08 45.31 -14.28
CA GLY B 705 -19.76 46.15 -15.25
C GLY B 705 -19.69 45.44 -16.59
N GLU B 706 -20.85 45.06 -17.11
CA GLU B 706 -20.95 44.32 -18.35
C GLU B 706 -20.01 44.80 -19.45
N GLU B 707 -19.78 46.10 -19.51
CA GLU B 707 -18.92 46.70 -20.52
C GLU B 707 -17.45 46.33 -20.32
N ASN B 708 -17.11 45.85 -19.13
CA ASN B 708 -15.73 45.49 -18.83
C ASN B 708 -15.44 44.01 -18.99
N LEU B 709 -16.35 43.32 -19.65
CA LEU B 709 -16.22 41.91 -19.96
C LEU B 709 -16.69 41.78 -21.40
N PHE B 710 -16.18 40.81 -22.12
CA PHE B 710 -16.61 40.63 -23.50
C PHE B 710 -17.70 39.56 -23.61
N ILE B 711 -18.91 39.95 -23.22
CA ILE B 711 -20.06 39.04 -23.29
C ILE B 711 -20.48 38.92 -24.75
N PHE B 712 -21.20 37.85 -25.09
CA PHE B 712 -21.63 37.64 -26.46
C PHE B 712 -22.59 36.45 -26.56
N GLY B 713 -23.07 36.21 -27.77
CA GLY B 713 -23.95 35.08 -28.05
C GLY B 713 -25.28 35.04 -27.33
N MET B 714 -26.00 33.94 -27.52
CA MET B 714 -27.32 33.76 -26.94
C MET B 714 -27.30 33.77 -25.43
N ARG B 715 -28.45 34.13 -24.87
CA ARG B 715 -28.63 34.18 -23.43
C ARG B 715 -29.63 33.08 -23.11
N ILE B 716 -29.84 32.81 -21.82
CA ILE B 716 -30.75 31.76 -21.41
C ILE B 716 -32.05 31.70 -22.21
N ASP B 717 -32.70 32.85 -22.42
CA ASP B 717 -33.95 32.88 -23.15
C ASP B 717 -33.77 32.64 -24.65
N ASP B 718 -32.68 33.13 -25.23
CA ASP B 718 -32.43 32.94 -26.65
C ASP B 718 -32.30 31.46 -26.96
N VAL B 719 -31.84 30.71 -25.96
CA VAL B 719 -31.67 29.26 -26.10
C VAL B 719 -33.02 28.59 -26.09
N ALA B 720 -33.89 29.08 -25.22
CA ALA B 720 -35.24 28.55 -25.12
C ALA B 720 -35.96 28.73 -26.46
N ALA B 721 -35.98 29.96 -26.95
CA ALA B 721 -36.63 30.28 -28.21
C ALA B 721 -36.12 29.39 -29.34
N LEU B 722 -34.79 29.39 -29.53
CA LEU B 722 -34.19 28.58 -30.58
C LEU B 722 -34.58 27.13 -30.46
N ASP B 723 -34.87 26.69 -29.23
CA ASP B 723 -35.29 25.31 -29.03
C ASP B 723 -36.66 25.13 -29.64
N LYS B 724 -37.65 25.81 -29.06
CA LYS B 724 -39.02 25.74 -29.54
C LYS B 724 -39.09 25.78 -31.05
N LYS B 725 -38.42 26.76 -31.66
CA LYS B 725 -38.40 26.88 -33.11
C LYS B 725 -37.85 25.59 -33.73
N GLY B 726 -36.66 25.20 -33.27
CA GLY B 726 -36.01 24.01 -33.79
C GLY B 726 -34.70 24.42 -34.43
N TYR B 727 -33.60 24.00 -33.83
CA TYR B 727 -32.25 24.34 -34.31
C TYR B 727 -31.88 23.57 -35.58
N GLU B 728 -31.43 24.31 -36.58
CA GLU B 728 -31.00 23.69 -37.84
C GLU B 728 -29.66 24.29 -38.25
N ALA B 729 -28.59 23.70 -37.72
CA ALA B 729 -27.23 24.14 -37.96
C ALA B 729 -26.86 24.41 -39.42
N LYS B 730 -27.50 23.70 -40.36
CA LYS B 730 -27.17 23.88 -41.78
C LYS B 730 -27.34 25.32 -42.25
N GLU B 731 -28.31 26.03 -41.68
CA GLU B 731 -28.59 27.41 -42.05
C GLU B 731 -27.43 28.38 -41.80
N TYR B 732 -26.85 28.32 -40.61
CA TYR B 732 -25.73 29.21 -40.28
C TYR B 732 -24.55 28.80 -41.14
N TYR B 733 -24.46 27.51 -41.44
CA TYR B 733 -23.38 26.98 -42.27
C TYR B 733 -23.37 27.67 -43.63
N GLU B 734 -24.54 28.11 -44.08
CA GLU B 734 -24.66 28.80 -45.35
C GLU B 734 -24.60 30.32 -45.20
N ALA B 735 -25.39 30.86 -44.26
CA ALA B 735 -25.43 32.30 -44.03
C ALA B 735 -24.07 32.88 -43.64
N LEU B 736 -23.24 32.05 -43.03
CA LEU B 736 -21.91 32.49 -42.60
C LEU B 736 -20.82 31.87 -43.46
N PRO B 737 -20.27 32.64 -44.41
CA PRO B 737 -19.22 32.22 -45.33
C PRO B 737 -17.91 31.71 -44.71
N GLU B 738 -17.42 32.42 -43.70
CA GLU B 738 -16.17 32.00 -43.06
C GLU B 738 -16.35 30.65 -42.36
N LEU B 739 -17.55 30.41 -41.87
CA LEU B 739 -17.86 29.16 -41.20
C LEU B 739 -17.79 28.00 -42.19
N LYS B 740 -18.52 28.13 -43.30
CA LYS B 740 -18.55 27.10 -44.32
C LYS B 740 -17.14 26.65 -44.66
N LEU B 741 -16.25 27.63 -44.83
CA LEU B 741 -14.85 27.35 -45.13
C LEU B 741 -14.24 26.53 -44.00
N VAL B 742 -14.48 26.97 -42.76
CA VAL B 742 -13.97 26.28 -41.58
C VAL B 742 -14.45 24.84 -41.65
N ILE B 743 -15.77 24.68 -41.65
CA ILE B 743 -16.38 23.36 -41.70
C ILE B 743 -15.86 22.49 -42.84
N ASP B 744 -15.90 23.01 -44.06
CA ASP B 744 -15.43 22.23 -45.20
C ASP B 744 -14.00 21.74 -45.02
N GLN B 745 -13.11 22.60 -44.54
CA GLN B 745 -11.72 22.21 -44.34
C GLN B 745 -11.65 21.02 -43.38
N ILE B 746 -12.48 21.05 -42.34
CA ILE B 746 -12.50 19.99 -41.35
C ILE B 746 -12.96 18.69 -41.99
N ASP B 747 -14.15 18.73 -42.59
CA ASP B 747 -14.76 17.58 -43.24
C ASP B 747 -14.03 17.09 -44.50
N ASN B 748 -13.37 17.99 -45.20
CA ASN B 748 -12.65 17.61 -46.42
C ASN B 748 -11.29 16.97 -46.13
N GLY B 749 -10.78 17.19 -44.93
CA GLY B 749 -9.51 16.60 -44.57
C GLY B 749 -8.32 17.54 -44.68
N PHE B 750 -8.55 18.85 -44.61
CA PHE B 750 -7.46 19.80 -44.68
C PHE B 750 -6.58 19.66 -43.43
N PHE B 751 -7.20 19.18 -42.35
CA PHE B 751 -6.49 18.98 -41.08
C PHE B 751 -6.27 17.50 -40.79
N SER B 752 -6.70 16.64 -41.71
CA SER B 752 -6.53 15.20 -41.56
C SER B 752 -6.34 14.52 -42.93
N PRO B 753 -5.29 14.92 -43.66
CA PRO B 753 -4.98 14.35 -44.97
C PRO B 753 -5.09 12.84 -45.01
N LYS B 754 -4.21 12.18 -44.25
CA LYS B 754 -4.18 10.73 -44.19
C LYS B 754 -5.56 10.12 -43.90
N GLN B 755 -6.47 10.92 -43.35
CA GLN B 755 -7.80 10.41 -43.02
C GLN B 755 -8.88 11.45 -43.31
N PRO B 756 -9.22 11.62 -44.59
CA PRO B 756 -10.23 12.57 -45.11
C PRO B 756 -11.54 12.66 -44.32
N ASP B 757 -12.05 11.52 -43.87
CA ASP B 757 -13.30 11.50 -43.12
C ASP B 757 -13.11 11.28 -41.62
N LEU B 758 -11.90 11.53 -41.13
CA LEU B 758 -11.57 11.37 -39.73
C LEU B 758 -12.55 12.04 -38.77
N PHE B 759 -12.81 13.32 -38.99
CA PHE B 759 -13.71 14.08 -38.13
C PHE B 759 -15.19 14.07 -38.52
N LYS B 760 -15.59 13.14 -39.38
CA LYS B 760 -16.99 13.06 -39.79
C LYS B 760 -17.92 13.00 -38.58
N ASP B 761 -17.47 12.30 -37.55
CA ASP B 761 -18.26 12.17 -36.33
C ASP B 761 -18.64 13.55 -35.78
N ILE B 762 -17.69 14.48 -35.84
CA ILE B 762 -17.91 15.83 -35.36
C ILE B 762 -18.90 16.55 -36.27
N ILE B 763 -18.59 16.57 -37.56
CA ILE B 763 -19.45 17.23 -38.55
C ILE B 763 -20.88 16.72 -38.40
N ASN B 764 -21.00 15.39 -38.29
CA ASN B 764 -22.32 14.77 -38.13
C ASN B 764 -23.04 15.37 -36.92
N MET B 765 -22.38 15.31 -35.75
CA MET B 765 -22.94 15.85 -34.51
C MET B 765 -23.29 17.32 -34.65
N LEU B 766 -22.34 18.09 -35.16
CA LEU B 766 -22.49 19.53 -35.34
C LEU B 766 -23.67 19.92 -36.25
N PHE B 767 -23.94 19.12 -37.27
CA PHE B 767 -25.03 19.41 -38.19
C PHE B 767 -26.39 18.87 -37.77
N TYR B 768 -26.42 17.73 -37.07
CA TYR B 768 -27.70 17.15 -36.70
C TYR B 768 -27.89 16.73 -35.24
N HIS B 769 -26.90 16.92 -34.38
CA HIS B 769 -27.04 16.51 -32.98
C HIS B 769 -26.33 17.41 -31.98
N ASP B 770 -26.17 18.69 -32.32
CA ASP B 770 -25.50 19.61 -31.43
C ASP B 770 -26.48 20.25 -30.45
N ARG B 771 -26.70 19.58 -29.33
CA ARG B 771 -27.60 20.09 -28.31
C ARG B 771 -27.03 21.33 -27.61
N PHE B 772 -25.84 21.77 -28.04
CA PHE B 772 -25.20 22.93 -27.44
C PHE B 772 -25.00 24.08 -28.41
N LYS B 773 -25.70 24.01 -29.54
CA LYS B 773 -25.71 25.02 -30.59
C LYS B 773 -24.42 25.81 -30.85
N VAL B 774 -23.39 25.12 -31.31
CA VAL B 774 -22.11 25.79 -31.61
C VAL B 774 -22.26 26.86 -32.68
N PHE B 775 -22.80 26.47 -33.84
CA PHE B 775 -22.99 27.40 -34.96
C PHE B 775 -23.78 28.65 -34.59
N ALA B 776 -24.80 28.49 -33.75
CA ALA B 776 -25.65 29.60 -33.33
C ALA B 776 -24.95 30.72 -32.57
N ASP B 777 -23.75 30.47 -32.06
CA ASP B 777 -23.03 31.52 -31.35
C ASP B 777 -21.73 31.90 -32.04
N TYR B 778 -21.44 31.21 -33.14
CA TYR B 778 -20.23 31.44 -33.92
C TYR B 778 -20.10 32.89 -34.40
N GLU B 779 -21.15 33.40 -35.05
CA GLU B 779 -21.11 34.76 -35.58
C GLU B 779 -20.83 35.77 -34.49
N ALA B 780 -21.63 35.75 -33.44
CA ALA B 780 -21.43 36.67 -32.32
C ALA B 780 -20.05 36.44 -31.73
N TYR B 781 -19.70 35.17 -31.50
CA TYR B 781 -18.39 34.84 -30.93
C TYR B 781 -17.24 35.48 -31.70
N VAL B 782 -17.14 35.17 -33.00
CA VAL B 782 -16.08 35.72 -33.84
C VAL B 782 -16.11 37.23 -33.83
N LYS B 783 -17.33 37.78 -33.83
CA LYS B 783 -17.51 39.23 -33.82
C LYS B 783 -16.93 39.80 -32.54
N CYS B 784 -17.19 39.10 -31.44
CA CYS B 784 -16.68 39.51 -30.13
C CYS B 784 -15.15 39.44 -30.09
N GLN B 785 -14.61 38.36 -30.64
CA GLN B 785 -13.17 38.16 -30.66
C GLN B 785 -12.41 39.29 -31.35
N ASP B 786 -12.94 39.78 -32.47
CA ASP B 786 -12.27 40.86 -33.18
C ASP B 786 -12.15 42.05 -32.26
N LYS B 787 -13.25 42.36 -31.56
CA LYS B 787 -13.25 43.49 -30.63
C LYS B 787 -12.17 43.32 -29.56
N VAL B 788 -11.96 42.08 -29.12
CA VAL B 788 -10.96 41.81 -28.10
C VAL B 788 -9.58 42.24 -28.61
N SER B 789 -9.29 41.88 -29.85
CA SER B 789 -8.00 42.23 -30.45
C SER B 789 -7.91 43.74 -30.63
N GLN B 790 -9.04 44.37 -30.91
CA GLN B 790 -9.08 45.82 -31.08
C GLN B 790 -8.58 46.47 -29.80
N LEU B 791 -9.19 46.12 -28.67
CA LEU B 791 -8.80 46.67 -27.40
C LEU B 791 -7.37 46.34 -27.02
N TYR B 792 -6.90 45.15 -27.41
CA TYR B 792 -5.55 44.74 -27.06
C TYR B 792 -4.48 45.69 -27.63
N MET B 793 -4.76 46.25 -28.80
CA MET B 793 -3.83 47.17 -29.44
C MET B 793 -3.66 48.44 -28.60
N ASN B 794 -4.60 48.70 -27.70
CA ASN B 794 -4.55 49.86 -26.84
C ASN B 794 -4.19 49.42 -25.44
N PRO B 795 -2.89 49.16 -25.19
CA PRO B 795 -2.40 48.72 -23.88
C PRO B 795 -3.03 49.44 -22.70
N LYS B 796 -3.05 50.77 -22.79
CA LYS B 796 -3.59 51.60 -21.73
C LYS B 796 -5.05 51.31 -21.44
N ALA B 797 -5.83 50.98 -22.47
CA ALA B 797 -7.24 50.69 -22.28
C ALA B 797 -7.45 49.26 -21.81
N TRP B 798 -6.65 48.34 -22.36
CA TRP B 798 -6.74 46.93 -22.00
C TRP B 798 -6.46 46.77 -20.52
N ASN B 799 -5.40 47.43 -20.05
CA ASN B 799 -5.02 47.35 -18.64
C ASN B 799 -5.99 48.10 -17.74
N THR B 800 -6.70 49.06 -18.32
CA THR B 800 -7.68 49.83 -17.57
C THR B 800 -8.86 48.90 -17.27
N MET B 801 -9.28 48.13 -18.27
CA MET B 801 -10.38 47.20 -18.07
C MET B 801 -9.96 46.09 -17.11
N VAL B 802 -8.70 45.65 -17.22
CA VAL B 802 -8.16 44.60 -16.34
C VAL B 802 -8.27 45.05 -14.89
N LEU B 803 -7.81 46.27 -14.61
CA LEU B 803 -7.86 46.83 -13.28
C LEU B 803 -9.27 46.84 -12.73
N LYS B 804 -10.25 47.16 -13.57
CA LYS B 804 -11.65 47.17 -13.14
C LYS B 804 -12.10 45.76 -12.82
N ASN B 805 -11.57 44.78 -13.55
CA ASN B 805 -11.92 43.39 -13.31
C ASN B 805 -11.32 42.92 -11.98
N ILE B 806 -10.01 43.11 -11.80
CA ILE B 806 -9.34 42.72 -10.56
C ILE B 806 -9.95 43.43 -9.36
N ALA B 807 -10.23 44.71 -9.52
CA ALA B 807 -10.80 45.51 -8.44
C ALA B 807 -12.23 45.08 -8.09
N ALA B 808 -12.87 44.33 -8.99
CA ALA B 808 -14.23 43.88 -8.75
C ALA B 808 -14.34 42.38 -8.47
N SER B 809 -13.20 41.71 -8.29
CA SER B 809 -13.26 40.26 -8.04
C SER B 809 -13.45 39.88 -6.57
N GLY B 810 -13.47 40.86 -5.68
CA GLY B 810 -13.65 40.58 -4.26
C GLY B 810 -14.77 39.62 -3.92
N LYS B 811 -15.91 39.77 -4.59
CA LYS B 811 -17.08 38.92 -4.33
C LYS B 811 -16.86 37.41 -4.50
N PHE B 812 -15.94 37.04 -5.38
CA PHE B 812 -15.69 35.63 -5.66
C PHE B 812 -14.65 34.91 -4.81
N SER B 813 -14.45 35.43 -3.60
CA SER B 813 -13.54 34.79 -2.66
C SER B 813 -14.40 33.74 -1.99
N SER B 814 -13.87 32.53 -1.85
CA SER B 814 -14.62 31.45 -1.19
C SER B 814 -14.88 31.79 0.27
N ASP B 815 -14.19 32.81 0.78
CA ASP B 815 -14.39 33.24 2.15
C ASP B 815 -15.78 33.82 2.29
N ARG B 816 -16.22 34.57 1.28
CA ARG B 816 -17.54 35.17 1.28
C ARG B 816 -18.59 34.06 1.11
N THR B 817 -18.30 33.11 0.23
CA THR B 817 -19.20 31.99 0.00
C THR B 817 -19.45 31.21 1.29
N ILE B 818 -18.37 30.91 2.01
CA ILE B 818 -18.46 30.15 3.25
C ILE B 818 -19.20 30.90 4.36
N LYS B 819 -18.95 32.20 4.48
CA LYS B 819 -19.65 33.01 5.50
C LYS B 819 -21.15 32.90 5.29
N GLU B 820 -21.58 32.90 4.02
CA GLU B 820 -23.00 32.78 3.69
C GLU B 820 -23.52 31.38 4.04
N TYR B 821 -22.73 30.35 3.75
CA TYR B 821 -23.13 28.97 4.07
C TYR B 821 -23.24 28.83 5.59
N ALA B 822 -22.26 29.37 6.30
CA ALA B 822 -22.22 29.29 7.75
C ALA B 822 -23.42 29.94 8.40
N GLN B 823 -23.73 31.15 7.94
CA GLN B 823 -24.82 31.95 8.47
C GLN B 823 -26.23 31.50 8.09
N ASN B 824 -26.42 31.09 6.84
CA ASN B 824 -27.76 30.73 6.38
C ASN B 824 -28.07 29.26 6.14
N ILE B 825 -27.11 28.38 6.40
CA ILE B 825 -27.35 26.96 6.21
C ILE B 825 -26.87 26.11 7.38
N TRP B 826 -25.59 26.23 7.75
CA TRP B 826 -25.04 25.43 8.85
C TRP B 826 -25.29 26.10 10.19
N ASN B 827 -25.53 27.41 10.16
CA ASN B 827 -25.79 28.16 11.38
C ASN B 827 -24.61 28.04 12.34
N VAL B 828 -23.40 28.32 11.85
CA VAL B 828 -22.20 28.28 12.68
C VAL B 828 -21.54 29.65 12.63
N GLU B 829 -20.70 29.95 13.61
CA GLU B 829 -20.06 31.25 13.69
C GLU B 829 -18.56 31.28 13.36
N PRO B 830 -18.17 32.12 12.39
CA PRO B 830 -16.76 32.23 12.01
C PRO B 830 -16.03 32.80 13.22
N SER B 831 -15.18 31.99 13.86
CA SER B 831 -14.46 32.44 15.04
C SER B 831 -13.20 33.24 14.72
#